data_6VC6
#
_entry.id   6VC6
#
_cell.length_a   194.460
_cell.length_b   62.257
_cell.length_c   160.706
_cell.angle_alpha   90.000
_cell.angle_beta   90.350
_cell.angle_gamma   90.000
#
_symmetry.space_group_name_H-M   'C 1 2 1'
#
loop_
_entity.id
_entity.type
_entity.pdbx_description
1 polymer 6-phospho-alpha-glucosidase
2 non-polymer 'MANGANESE (II) ION'
3 non-polymer 6-O-phosphono-alpha-D-glucopyranose
4 non-polymer NICOTINAMIDE-ADENINE-DINUCLEOTIDE
5 non-polymer GLYCEROL
6 water water
#
_entity_poly.entity_id   1
_entity_poly.type   'polypeptide(L)'
_entity_poly.pdbx_seq_one_letter_code
;(MSE)KKYNVCIVGGGSTYTPGFLKSFVRLQNEFP(MSE)EKLVLFDIDAERQQPIGEFGKILFSERFPELDFSYTTDPA
EAYKD(MSE)DFIF(MSE)Q(MSE)RAGGLP(MSE)RREDEHISLHLGRIGQETCGAGG(MSE)AYGLRSCVD(MSE)IE
SIHQIRQYSPNAWILNYSNPAAIVAEALRREFPDDNRILNICDQPENI(MSE)RSVSRLLNVSWEDLDPVYFGLNHYGWF
THVYDRKTGEDLLPEIKKIIKEKGFLPQDAEQRDQSWLDTYGFVQT(MSE)(MSE)EDFPDFLPNTYDGYYLYPDYKFSH
LNPDYTRADEVIDGREKRVFAECREVIARGELGDRFDTISDAHAE(MSE)(MSE)IKVAEAIAYNKNTRFIVIVKNEGAI
AN(MSE)QDDA(MSE)VELVCELGINGPRR(MSE)AVGNIPQFYLGLLVQQVSSEKLLVDAYYEHSYQKALEAFTLNRLI
NDAKKAREILDA(MSE)IEVNKG(MSE)WPELK
;
_entity_poly.pdbx_strand_id   A,B,C,D
#
# COMPACT_ATOMS: atom_id res chain seq x y z
N LYS A 2 35.92 14.34 -26.06
CA LYS A 2 35.90 13.15 -25.22
C LYS A 2 35.51 11.91 -26.03
N LYS A 3 36.25 10.82 -25.87
CA LYS A 3 35.94 9.55 -26.52
C LYS A 3 35.86 8.47 -25.45
N TYR A 4 35.17 7.37 -25.80
CA TYR A 4 34.75 6.39 -24.81
C TYR A 4 35.39 5.03 -25.08
N ASN A 5 35.63 4.29 -23.99
CA ASN A 5 36.12 2.92 -24.06
C ASN A 5 34.95 1.97 -23.83
N VAL A 6 34.78 1.02 -24.74
CA VAL A 6 33.64 0.11 -24.74
C VAL A 6 34.14 -1.33 -24.75
N CYS A 7 33.47 -2.20 -24.00
CA CYS A 7 33.75 -3.63 -24.02
C CYS A 7 32.44 -4.38 -24.25
N ILE A 8 32.46 -5.30 -25.21
CA ILE A 8 31.32 -6.16 -25.49
C ILE A 8 31.56 -7.51 -24.82
N VAL A 9 30.69 -7.86 -23.88
CA VAL A 9 30.73 -9.18 -23.24
C VAL A 9 29.90 -10.14 -24.07
N GLY A 10 30.55 -11.18 -24.60
CA GLY A 10 29.91 -12.06 -25.56
C GLY A 10 30.31 -11.69 -26.97
N GLY A 11 31.63 -11.51 -27.18
CA GLY A 11 32.12 -11.12 -28.49
C GLY A 11 31.89 -12.15 -29.57
N GLY A 12 31.68 -13.40 -29.20
CA GLY A 12 31.37 -14.45 -30.15
C GLY A 12 29.92 -14.56 -30.54
N SER A 13 29.09 -13.61 -30.12
CA SER A 13 27.67 -13.67 -30.44
C SER A 13 27.42 -13.37 -31.90
N THR A 14 26.32 -13.91 -32.43
CA THR A 14 25.94 -13.66 -33.81
C THR A 14 25.56 -12.20 -34.04
N TYR A 15 25.25 -11.45 -32.99
CA TYR A 15 24.91 -10.04 -33.09
C TYR A 15 26.14 -9.13 -33.09
N THR A 16 27.30 -9.65 -32.71
CA THR A 16 28.49 -8.81 -32.61
C THR A 16 28.90 -8.18 -33.95
N PRO A 17 28.93 -8.90 -35.08
CA PRO A 17 29.23 -8.19 -36.35
C PRO A 17 28.29 -7.04 -36.63
N GLY A 18 27.01 -7.18 -36.29
CA GLY A 18 26.09 -6.05 -36.44
C GLY A 18 26.46 -4.88 -35.56
N PHE A 19 27.11 -5.14 -34.42
CA PHE A 19 27.56 -4.05 -33.56
C PHE A 19 28.78 -3.35 -34.16
N LEU A 20 29.72 -4.13 -34.71
CA LEU A 20 30.93 -3.53 -35.27
C LEU A 20 30.61 -2.64 -36.47
N LYS A 21 29.62 -3.04 -37.27
CA LYS A 21 29.22 -2.20 -38.40
C LYS A 21 28.42 -1.00 -37.94
N SER A 22 27.69 -1.12 -36.83
CA SER A 22 26.96 0.04 -36.30
C SER A 22 27.90 1.06 -35.70
N PHE A 23 28.96 0.61 -35.01
CA PHE A 23 29.95 1.52 -34.46
C PHE A 23 30.59 2.36 -35.56
N VAL A 24 30.71 1.81 -36.76
CA VAL A 24 31.26 2.57 -37.88
C VAL A 24 30.26 3.61 -38.38
N ARG A 25 28.99 3.23 -38.45
CA ARG A 25 27.98 4.13 -38.99
C ARG A 25 27.71 5.29 -38.04
N LEU A 26 27.49 5.00 -36.76
CA LEU A 26 27.32 6.03 -35.74
C LEU A 26 28.63 6.53 -35.18
N GLN A 27 29.69 6.56 -36.01
CA GLN A 27 31.00 6.99 -35.54
C GLN A 27 30.99 8.43 -35.06
N ASN A 28 30.18 9.28 -35.71
CA ASN A 28 30.10 10.68 -35.29
C ASN A 28 29.14 10.89 -34.13
N GLU A 29 28.13 10.03 -34.01
CA GLU A 29 27.20 10.14 -32.89
C GLU A 29 27.80 9.59 -31.60
N PHE A 30 28.66 8.59 -31.69
CA PHE A 30 29.20 7.88 -30.52
C PHE A 30 30.69 7.72 -30.71
N PRO A 31 31.48 8.73 -30.35
CA PRO A 31 32.93 8.67 -30.56
C PRO A 31 33.58 7.70 -29.58
N GLU A 33 37.25 5.52 -28.43
CA GLU A 33 38.70 5.44 -28.52
C GLU A 33 39.21 4.01 -28.46
N LYS A 34 38.52 3.11 -27.77
CA LYS A 34 38.98 1.74 -27.61
C LYS A 34 37.76 0.81 -27.51
N LEU A 35 37.86 -0.34 -28.16
CA LEU A 35 36.82 -1.37 -28.12
C LEU A 35 37.47 -2.71 -27.86
N VAL A 36 36.89 -3.48 -26.95
CA VAL A 36 37.40 -4.81 -26.59
C VAL A 36 36.26 -5.80 -26.63
N LEU A 37 36.44 -6.88 -27.39
CA LEU A 37 35.50 -7.99 -27.40
C LEU A 37 35.95 -9.04 -26.39
N PHE A 38 35.09 -9.36 -25.43
CA PHE A 38 35.38 -10.39 -24.46
C PHE A 38 34.42 -11.57 -24.65
N ASP A 39 34.94 -12.76 -24.42
CA ASP A 39 34.16 -13.99 -24.50
C ASP A 39 34.92 -15.10 -23.79
N ILE A 40 34.17 -16.11 -23.35
CA ILE A 40 34.79 -17.30 -22.76
C ILE A 40 35.08 -18.37 -23.79
N ASP A 41 34.62 -18.20 -25.03
CA ASP A 41 34.87 -19.14 -26.12
C ASP A 41 35.82 -18.48 -27.09
N ALA A 42 37.11 -18.83 -27.00
CA ALA A 42 38.13 -18.18 -27.83
C ALA A 42 37.93 -18.51 -29.30
N GLU A 43 37.59 -19.75 -29.62
CA GLU A 43 37.47 -20.15 -31.02
C GLU A 43 36.24 -19.56 -31.68
N ARG A 44 35.13 -19.43 -30.93
CA ARG A 44 33.93 -18.83 -31.51
C ARG A 44 34.11 -17.35 -31.75
N GLN A 45 34.88 -16.67 -30.90
CA GLN A 45 35.08 -15.23 -31.03
C GLN A 45 36.13 -14.87 -32.07
N GLN A 46 37.04 -15.78 -32.40
CA GLN A 46 38.16 -15.44 -33.26
C GLN A 46 37.75 -14.98 -34.66
N PRO A 47 36.89 -15.69 -35.40
CA PRO A 47 36.53 -15.19 -36.74
C PRO A 47 35.77 -13.88 -36.70
N ILE A 48 35.06 -13.59 -35.62
CA ILE A 48 34.39 -12.30 -35.49
C ILE A 48 35.40 -11.19 -35.24
N GLY A 49 36.42 -11.48 -34.41
CA GLY A 49 37.43 -10.48 -34.13
C GLY A 49 38.32 -10.19 -35.33
N GLU A 50 38.66 -11.22 -36.09
CA GLU A 50 39.46 -11.02 -37.30
C GLU A 50 38.67 -10.25 -38.36
N PHE A 51 37.36 -10.47 -38.43
CA PHE A 51 36.52 -9.67 -39.31
C PHE A 51 36.51 -8.21 -38.88
N GLY A 52 36.49 -7.97 -37.56
CA GLY A 52 36.48 -6.60 -37.08
C GLY A 52 37.77 -5.86 -37.39
N LYS A 53 38.91 -6.56 -37.31
CA LYS A 53 40.19 -5.93 -37.62
C LYS A 53 40.25 -5.49 -39.07
N ILE A 54 39.71 -6.30 -39.97
CA ILE A 54 39.63 -5.90 -41.35
C ILE A 54 38.68 -4.72 -41.53
N LEU A 55 37.53 -4.80 -40.89
CA LEU A 55 36.52 -3.76 -41.02
C LEU A 55 37.00 -2.42 -40.48
N PHE A 56 37.60 -2.46 -39.30
CA PHE A 56 38.09 -1.25 -38.67
C PHE A 56 39.26 -0.64 -39.42
N SER A 57 40.12 -1.47 -39.96
CA SER A 57 41.23 -0.97 -40.73
C SER A 57 40.70 -0.19 -41.92
N GLU A 58 39.71 -0.75 -42.60
CA GLU A 58 39.06 -0.06 -43.71
C GLU A 58 38.27 1.19 -43.35
N ARG A 59 37.50 1.15 -42.26
CA ARG A 59 36.61 2.27 -41.94
C ARG A 59 36.83 2.99 -40.61
N PHE A 60 37.61 2.40 -39.70
CA PHE A 60 37.88 3.04 -38.42
C PHE A 60 39.34 2.88 -38.02
N PRO A 61 40.28 3.57 -38.80
CA PRO A 61 41.68 3.26 -38.47
C PRO A 61 42.13 3.67 -37.07
N GLU A 62 41.68 4.83 -36.61
CA GLU A 62 42.09 5.37 -35.33
C GLU A 62 41.65 4.52 -34.13
N LEU A 63 40.51 3.85 -34.27
CA LEU A 63 39.97 3.04 -33.18
C LEU A 63 40.93 1.93 -32.78
N ASP A 64 41.07 1.72 -31.48
CA ASP A 64 41.95 0.65 -31.06
C ASP A 64 41.06 -0.53 -30.66
N PHE A 65 41.22 -1.58 -31.45
CA PHE A 65 40.31 -2.71 -31.37
C PHE A 65 41.08 -3.97 -30.95
N SER A 66 40.44 -4.79 -30.13
CA SER A 66 41.04 -6.04 -29.68
C SER A 66 39.94 -6.98 -29.22
N TYR A 67 40.25 -8.27 -29.24
CA TYR A 67 39.37 -9.29 -28.69
C TYR A 67 40.19 -10.21 -27.80
N THR A 68 39.60 -10.64 -26.69
CA THR A 68 40.33 -11.38 -25.68
C THR A 68 39.39 -12.27 -24.88
N THR A 69 39.99 -13.23 -24.18
CA THR A 69 39.28 -14.04 -23.19
C THR A 69 39.82 -13.79 -21.79
N ASP A 70 40.51 -12.66 -21.58
CA ASP A 70 41.08 -12.30 -20.30
C ASP A 70 40.26 -11.18 -19.67
N PRO A 71 39.69 -11.38 -18.48
CA PRO A 71 38.85 -10.33 -17.88
C PRO A 71 39.61 -9.05 -17.59
N ALA A 72 40.88 -9.15 -17.20
CA ALA A 72 41.66 -7.96 -16.88
C ALA A 72 41.83 -7.06 -18.10
N GLU A 73 42.17 -7.66 -19.24
CA GLU A 73 42.32 -6.88 -20.47
C GLU A 73 41.00 -6.25 -20.90
N ALA A 74 39.88 -6.90 -20.60
CA ALA A 74 38.60 -6.45 -21.13
C ALA A 74 37.98 -5.34 -20.29
N TYR A 75 38.04 -5.45 -18.96
CA TYR A 75 37.24 -4.61 -18.08
C TYR A 75 38.00 -3.45 -17.46
N LYS A 76 39.30 -3.32 -17.73
CA LYS A 76 40.09 -2.25 -17.12
C LYS A 76 39.86 -0.93 -17.84
N ASP A 77 39.53 0.11 -17.08
CA ASP A 77 39.36 1.47 -17.59
C ASP A 77 38.32 1.51 -18.71
N ASP A 79 34.33 2.68 -19.94
CA ASP A 79 33.19 3.58 -19.71
C ASP A 79 31.86 2.87 -19.89
N PHE A 80 31.78 1.94 -20.83
CA PHE A 80 30.55 1.22 -21.12
C PHE A 80 30.86 -0.26 -21.33
N ILE A 81 29.99 -1.12 -20.79
CA ILE A 81 30.06 -2.56 -21.00
C ILE A 81 28.77 -3.00 -21.66
N PHE A 82 28.88 -3.51 -22.89
CA PHE A 82 27.73 -4.04 -23.62
C PHE A 82 27.70 -5.56 -23.40
N GLN A 84 25.99 -9.19 -23.97
CA GLN A 84 25.10 -9.98 -24.82
C GLN A 84 25.55 -11.45 -24.80
N ARG A 86 25.08 -15.54 -23.88
CA ARG A 86 24.03 -16.56 -23.82
C ARG A 86 24.58 -17.71 -22.98
N ALA A 87 24.23 -17.73 -21.70
CA ALA A 87 24.72 -18.77 -20.80
C ALA A 87 24.30 -20.15 -21.30
N GLY A 88 25.28 -20.98 -21.63
CA GLY A 88 25.02 -22.28 -22.22
C GLY A 88 24.96 -22.27 -23.74
N GLY A 89 24.84 -21.11 -24.37
CA GLY A 89 24.83 -21.02 -25.81
C GLY A 89 23.58 -21.60 -26.44
N LEU A 90 23.54 -21.55 -27.76
CA LEU A 90 22.42 -22.11 -28.50
C LEU A 90 22.23 -23.61 -28.31
N PRO A 91 23.26 -24.44 -28.10
CA PRO A 91 23.00 -25.85 -27.78
C PRO A 91 22.10 -26.05 -26.57
N ARG A 93 19.91 -23.71 -25.48
CA ARG A 93 18.61 -23.21 -25.90
C ARG A 93 17.83 -24.31 -26.61
N ARG A 94 18.53 -25.14 -27.39
CA ARG A 94 17.89 -26.29 -28.03
C ARG A 94 17.30 -27.24 -26.99
N GLU A 95 18.06 -27.54 -25.94
CA GLU A 95 17.56 -28.42 -24.88
C GLU A 95 16.38 -27.79 -24.14
N ASP A 96 16.42 -26.47 -23.94
CA ASP A 96 15.29 -25.78 -23.32
C ASP A 96 14.02 -25.97 -24.13
N GLU A 97 14.12 -25.83 -25.45
CA GLU A 97 12.94 -25.89 -26.30
C GLU A 97 12.48 -27.32 -26.53
N HIS A 98 13.42 -28.24 -26.79
CA HIS A 98 13.04 -29.60 -27.14
C HIS A 98 12.38 -30.32 -25.96
N ILE A 99 13.00 -30.23 -24.78
CA ILE A 99 12.51 -31.00 -23.64
C ILE A 99 11.14 -30.51 -23.19
N SER A 100 10.92 -29.20 -23.22
CA SER A 100 9.60 -28.66 -22.86
C SER A 100 8.53 -29.15 -23.83
N LEU A 101 8.81 -29.07 -25.12
CA LEU A 101 7.83 -29.49 -26.12
C LEU A 101 7.61 -30.99 -26.09
N HIS A 102 8.68 -31.76 -25.87
CA HIS A 102 8.54 -33.21 -25.76
C HIS A 102 7.72 -33.63 -24.55
N LEU A 103 7.60 -32.75 -23.55
CA LEU A 103 6.85 -33.06 -22.34
C LEU A 103 5.50 -32.34 -22.29
N GLY A 104 5.06 -31.75 -23.39
CA GLY A 104 3.71 -31.23 -23.48
C GLY A 104 3.51 -29.79 -23.05
N ARG A 105 4.57 -28.97 -23.07
CA ARG A 105 4.43 -27.55 -22.74
C ARG A 105 5.23 -26.74 -23.76
N ILE A 106 4.94 -25.43 -23.80
CA ILE A 106 5.61 -24.55 -24.74
C ILE A 106 7.10 -24.52 -24.46
N GLY A 107 7.90 -24.67 -25.52
CA GLY A 107 9.34 -24.50 -25.42
C GLY A 107 9.79 -23.22 -26.08
N GLN A 108 10.31 -22.29 -25.29
CA GLN A 108 10.67 -20.97 -25.81
C GLN A 108 11.89 -20.46 -25.08
N GLU A 109 12.57 -19.48 -25.71
CA GLU A 109 13.85 -19.00 -25.20
C GLU A 109 13.71 -18.35 -23.84
N THR A 110 12.73 -17.47 -23.66
CA THR A 110 12.60 -16.69 -22.44
C THR A 110 11.29 -16.91 -21.68
N CYS A 111 10.34 -17.65 -22.24
CA CYS A 111 9.04 -17.83 -21.62
C CYS A 111 8.80 -19.31 -21.33
N GLY A 112 8.21 -19.59 -20.18
CA GLY A 112 7.87 -20.95 -19.84
C GLY A 112 9.02 -21.70 -19.18
N ALA A 113 9.00 -23.03 -19.33
CA ALA A 113 10.02 -23.87 -18.73
C ALA A 113 11.39 -23.62 -19.33
N GLY A 114 11.45 -23.39 -20.65
CA GLY A 114 12.73 -23.11 -21.27
C GLY A 114 13.33 -21.79 -20.83
N GLY A 115 12.49 -20.78 -20.60
CA GLY A 115 12.99 -19.50 -20.17
C GLY A 115 13.55 -19.53 -18.75
N ALA A 117 14.70 -22.18 -17.22
CA ALA A 117 15.94 -22.95 -17.29
C ALA A 117 17.08 -22.08 -17.78
N TYR A 118 16.84 -21.32 -18.86
CA TYR A 118 17.81 -20.33 -19.31
C TYR A 118 18.05 -19.27 -18.23
N GLY A 119 17.02 -18.94 -17.45
CA GLY A 119 17.19 -17.96 -16.40
C GLY A 119 18.14 -18.41 -15.31
N LEU A 120 18.05 -19.69 -14.92
CA LEU A 120 18.94 -20.20 -13.88
C LEU A 120 20.38 -20.22 -14.35
N ARG A 121 20.62 -20.55 -15.63
CA ARG A 121 21.96 -20.48 -16.18
C ARG A 121 22.46 -19.04 -16.21
N SER A 122 21.59 -18.10 -16.57
CA SER A 122 22.02 -16.71 -16.68
C SER A 122 22.29 -16.10 -15.30
N CYS A 123 21.51 -16.49 -14.29
CA CYS A 123 21.74 -15.99 -12.94
C CYS A 123 23.16 -16.30 -12.47
N VAL A 124 23.62 -17.53 -12.72
CA VAL A 124 24.95 -17.95 -12.30
C VAL A 124 26.02 -17.16 -13.04
N ASP A 125 25.90 -17.08 -14.37
CA ASP A 125 26.95 -16.49 -15.18
C ASP A 125 26.93 -14.97 -15.18
N ILE A 127 25.91 -12.93 -12.59
CA ILE A 127 26.41 -12.47 -11.30
C ILE A 127 27.93 -12.67 -11.23
N GLU A 128 28.42 -13.78 -11.77
CA GLU A 128 29.86 -14.02 -11.81
C GLU A 128 30.56 -12.99 -12.68
N SER A 129 29.93 -12.61 -13.80
CA SER A 129 30.57 -11.70 -14.73
C SER A 129 30.59 -10.26 -14.20
N ILE A 130 29.49 -9.82 -13.58
CA ILE A 130 29.45 -8.46 -13.06
C ILE A 130 30.46 -8.28 -11.93
N HIS A 131 30.63 -9.30 -11.09
CA HIS A 131 31.62 -9.23 -10.02
C HIS A 131 33.02 -9.02 -10.58
N GLN A 132 33.32 -9.69 -11.68
CA GLN A 132 34.60 -9.49 -12.33
C GLN A 132 34.75 -8.08 -12.85
N ILE A 133 33.69 -7.56 -13.47
CA ILE A 133 33.71 -6.23 -14.06
C ILE A 133 33.93 -5.18 -12.99
N ARG A 134 33.25 -5.34 -11.87
CA ARG A 134 33.32 -4.40 -10.76
C ARG A 134 34.69 -4.41 -10.09
N GLN A 135 35.40 -5.51 -10.26
CA GLN A 135 36.77 -5.65 -9.80
C GLN A 135 37.72 -4.65 -10.49
N TYR A 136 37.48 -4.39 -11.78
CA TYR A 136 38.32 -3.47 -12.53
C TYR A 136 37.76 -2.06 -12.79
N SER A 137 36.49 -1.97 -13.17
CA SER A 137 35.87 -0.69 -13.48
C SER A 137 34.56 -0.52 -12.73
N PRO A 138 34.68 -0.11 -11.40
CA PRO A 138 33.41 -0.08 -10.67
C PRO A 138 32.35 0.89 -11.21
N ASN A 139 32.78 1.99 -11.83
CA ASN A 139 31.85 3.00 -12.29
C ASN A 139 31.41 2.93 -13.75
N ALA A 140 31.77 1.86 -14.45
CA ALA A 140 31.37 1.73 -15.84
C ALA A 140 29.87 1.46 -15.93
N TRP A 141 29.23 2.03 -16.96
CA TRP A 141 27.82 1.79 -17.20
C TRP A 141 27.65 0.43 -17.87
N ILE A 142 26.88 -0.46 -17.25
CA ILE A 142 26.67 -1.80 -17.75
C ILE A 142 25.29 -1.84 -18.42
N LEU A 143 25.29 -1.96 -19.75
CA LEU A 143 24.07 -2.09 -20.53
C LEU A 143 23.93 -3.56 -20.94
N ASN A 144 22.85 -4.19 -20.50
CA ASN A 144 22.70 -5.64 -20.62
C ASN A 144 21.57 -5.99 -21.57
N TYR A 145 21.84 -6.82 -22.54
CA TYR A 145 20.82 -7.36 -23.41
C TYR A 145 20.56 -8.81 -23.01
N SER A 146 21.46 -9.40 -22.24
CA SER A 146 21.46 -10.84 -22.00
C SER A 146 20.16 -11.32 -21.35
N ASN A 147 19.59 -12.36 -21.93
CA ASN A 147 18.30 -12.92 -21.50
C ASN A 147 18.43 -14.09 -20.52
N PRO A 148 17.35 -14.44 -19.84
CA PRO A 148 16.08 -13.74 -19.93
C PRO A 148 16.06 -12.50 -19.05
N ALA A 149 15.76 -11.37 -19.65
CA ALA A 149 15.96 -10.08 -19.01
C ALA A 149 15.19 -9.91 -17.72
N ALA A 150 13.96 -10.39 -17.66
CA ALA A 150 13.16 -10.24 -16.46
C ALA A 150 13.77 -10.97 -15.27
N ILE A 151 14.29 -12.17 -15.51
CA ILE A 151 14.88 -12.95 -14.44
C ILE A 151 16.24 -12.39 -14.06
N VAL A 152 17.02 -11.96 -15.05
CA VAL A 152 18.36 -11.43 -14.77
C VAL A 152 18.25 -10.14 -13.95
N ALA A 153 17.31 -9.27 -14.30
CA ALA A 153 17.16 -8.02 -13.58
C ALA A 153 16.76 -8.26 -12.13
N GLU A 154 15.93 -9.26 -11.88
CA GLU A 154 15.53 -9.56 -10.51
C GLU A 154 16.70 -10.10 -9.69
N ALA A 155 17.52 -10.96 -10.29
CA ALA A 155 18.68 -11.49 -9.58
C ALA A 155 19.72 -10.40 -9.35
N LEU A 156 19.91 -9.51 -10.33
CA LEU A 156 20.88 -8.44 -10.16
C LEU A 156 20.41 -7.39 -9.16
N ARG A 157 19.08 -7.26 -8.99
CA ARG A 157 18.55 -6.36 -7.98
C ARG A 157 18.97 -6.81 -6.58
N ARG A 158 18.97 -8.12 -6.34
CA ARG A 158 19.36 -8.64 -5.03
C ARG A 158 20.87 -8.64 -4.84
N GLU A 159 21.62 -9.02 -5.88
CA GLU A 159 23.06 -9.17 -5.74
C GLU A 159 23.75 -7.82 -5.63
N PHE A 160 23.27 -6.81 -6.36
CA PHE A 160 23.87 -5.48 -6.40
C PHE A 160 22.81 -4.44 -6.06
N PRO A 161 22.40 -4.36 -4.80
CA PRO A 161 21.31 -3.42 -4.45
C PRO A 161 21.75 -1.97 -4.50
N ASP A 162 23.04 -1.68 -4.32
CA ASP A 162 23.54 -0.32 -4.31
C ASP A 162 24.22 0.08 -5.61
N ASP A 163 24.29 -0.81 -6.59
CA ASP A 163 24.88 -0.49 -7.88
C ASP A 163 23.86 0.29 -8.72
N ASN A 164 24.20 1.53 -9.04
CA ASN A 164 23.30 2.42 -9.77
C ASN A 164 23.67 2.57 -11.23
N ARG A 165 24.56 1.73 -11.76
CA ARG A 165 25.00 1.80 -13.14
C ARG A 165 24.84 0.47 -13.85
N ILE A 166 23.69 -0.18 -13.63
CA ILE A 166 23.31 -1.39 -14.34
C ILE A 166 21.92 -1.17 -14.93
N LEU A 167 21.79 -1.39 -16.23
CA LEU A 167 20.53 -1.18 -16.93
C LEU A 167 20.26 -2.38 -17.84
N ASN A 168 19.11 -3.03 -17.64
CA ASN A 168 18.66 -4.10 -18.51
C ASN A 168 17.63 -3.55 -19.49
N ILE A 169 17.80 -3.89 -20.78
CA ILE A 169 16.95 -3.37 -21.83
C ILE A 169 16.52 -4.50 -22.76
N CYS A 170 15.44 -4.25 -23.50
CA CYS A 170 14.90 -5.18 -24.48
C CYS A 170 14.43 -4.38 -25.70
N ASP A 171 14.64 -4.95 -26.89
CA ASP A 171 14.31 -4.25 -28.12
C ASP A 171 12.92 -4.57 -28.64
N GLN A 172 12.14 -5.40 -27.92
CA GLN A 172 10.80 -5.74 -28.40
C GLN A 172 9.85 -4.55 -28.38
N PRO A 173 9.79 -3.72 -27.32
CA PRO A 173 8.89 -2.56 -27.39
C PRO A 173 9.19 -1.61 -28.54
N GLU A 174 10.47 -1.38 -28.85
CA GLU A 174 10.79 -0.51 -29.98
C GLU A 174 10.45 -1.18 -31.30
N ASN A 175 10.68 -2.49 -31.42
CA ASN A 175 10.35 -3.19 -32.65
C ASN A 175 8.87 -3.15 -32.96
N ILE A 176 8.02 -3.11 -31.92
CA ILE A 176 6.59 -2.95 -32.13
C ILE A 176 6.28 -1.54 -32.64
N ARG A 178 8.36 0.23 -34.34
CA ARG A 178 8.83 0.19 -35.71
C ARG A 178 7.80 -0.47 -36.63
N SER A 179 7.17 -1.54 -36.14
CA SER A 179 6.12 -2.19 -36.92
C SER A 179 4.92 -1.27 -37.09
N VAL A 180 4.58 -0.50 -36.05
CA VAL A 180 3.48 0.45 -36.14
C VAL A 180 3.80 1.54 -37.16
N SER A 181 5.06 1.98 -37.20
CA SER A 181 5.44 3.01 -38.16
C SER A 181 5.28 2.54 -39.59
N ARG A 182 5.53 1.25 -39.86
CA ARG A 182 5.27 0.71 -41.19
C ARG A 182 3.77 0.62 -41.46
N LEU A 183 2.99 0.27 -40.43
CA LEU A 183 1.54 0.28 -40.54
C LEU A 183 1.02 1.64 -41.00
N LEU A 184 1.54 2.70 -40.38
CA LEU A 184 1.01 4.05 -40.54
C LEU A 184 1.78 4.88 -41.57
N ASN A 185 2.87 4.34 -42.11
CA ASN A 185 3.74 5.07 -43.06
C ASN A 185 4.26 6.35 -42.43
N VAL A 186 4.82 6.23 -41.22
CA VAL A 186 5.41 7.35 -40.51
C VAL A 186 6.80 6.92 -40.02
N SER A 187 7.56 7.90 -39.55
CA SER A 187 8.84 7.62 -38.91
C SER A 187 8.59 7.10 -37.50
N TRP A 188 9.25 6.00 -37.14
CA TRP A 188 9.05 5.41 -35.82
C TRP A 188 9.51 6.33 -34.71
N GLU A 189 10.43 7.26 -35.01
CA GLU A 189 10.89 8.22 -34.02
C GLU A 189 9.84 9.29 -33.69
N ASP A 190 8.70 9.31 -34.39
CA ASP A 190 7.64 10.28 -34.14
C ASP A 190 6.47 9.67 -33.38
N LEU A 191 6.68 8.57 -32.67
CA LEU A 191 5.65 7.92 -31.89
C LEU A 191 6.01 8.00 -30.42
N ASP A 192 5.06 8.44 -29.59
CA ASP A 192 5.26 8.55 -28.15
C ASP A 192 4.38 7.54 -27.43
N PRO A 193 4.91 6.41 -26.99
CA PRO A 193 4.08 5.37 -26.38
C PRO A 193 3.92 5.55 -24.86
N VAL A 194 2.84 4.99 -24.36
CA VAL A 194 2.62 4.78 -22.93
C VAL A 194 2.53 3.28 -22.72
N TYR A 195 3.44 2.74 -21.92
CA TYR A 195 3.66 1.29 -21.85
C TYR A 195 3.83 0.86 -20.41
N PHE A 196 3.37 -0.34 -20.11
CA PHE A 196 3.56 -0.95 -18.79
C PHE A 196 3.64 -2.46 -18.94
N GLY A 197 4.29 -3.10 -17.99
CA GLY A 197 4.35 -4.54 -17.92
C GLY A 197 5.73 -5.01 -17.51
N LEU A 198 5.91 -6.33 -17.51
CA LEU A 198 7.22 -6.92 -17.33
C LEU A 198 7.87 -7.14 -18.69
N ASN A 199 9.14 -7.54 -18.66
CA ASN A 199 9.83 -7.83 -19.91
C ASN A 199 9.15 -9.00 -20.62
N HIS A 200 8.90 -8.82 -21.92
CA HIS A 200 8.22 -9.81 -22.74
C HIS A 200 6.83 -10.14 -22.17
N TYR A 201 6.16 -9.11 -21.66
CA TYR A 201 4.85 -9.25 -21.03
C TYR A 201 4.28 -7.86 -20.76
N GLY A 202 3.81 -7.17 -21.79
CA GLY A 202 3.37 -5.80 -21.62
C GLY A 202 2.36 -5.37 -22.66
N TRP A 203 1.86 -4.16 -22.48
CA TRP A 203 0.83 -3.59 -23.35
C TRP A 203 1.08 -2.11 -23.53
N PHE A 204 0.74 -1.61 -24.72
CA PHE A 204 0.75 -0.18 -25.01
C PHE A 204 -0.65 0.37 -24.82
N THR A 205 -0.82 1.27 -23.84
CA THR A 205 -2.11 1.87 -23.59
C THR A 205 -2.37 3.10 -24.45
N HIS A 206 -1.33 3.76 -24.94
CA HIS A 206 -1.49 4.89 -25.85
C HIS A 206 -0.30 4.91 -26.80
N VAL A 207 -0.55 5.40 -28.02
CA VAL A 207 0.49 5.60 -29.02
C VAL A 207 0.26 7.01 -29.59
N TYR A 208 0.94 8.00 -29.03
CA TYR A 208 0.71 9.39 -29.38
C TYR A 208 1.61 9.83 -30.52
N ASP A 209 1.07 10.66 -31.41
CA ASP A 209 1.88 11.34 -32.40
C ASP A 209 2.75 12.39 -31.73
N ARG A 210 4.01 12.48 -32.16
CA ARG A 210 4.98 13.36 -31.50
C ARG A 210 4.57 14.83 -31.62
N LYS A 211 4.25 15.26 -32.83
CA LYS A 211 3.99 16.68 -33.09
C LYS A 211 2.65 17.11 -32.50
N THR A 212 1.59 16.37 -32.81
CA THR A 212 0.23 16.78 -32.48
C THR A 212 -0.30 16.17 -31.19
N GLY A 213 0.23 15.04 -30.76
CA GLY A 213 -0.24 14.41 -29.55
C GLY A 213 -1.52 13.61 -29.68
N GLU A 214 -2.03 13.44 -30.90
CA GLU A 214 -3.24 12.65 -31.10
C GLU A 214 -2.94 11.18 -30.83
N ASP A 215 -3.85 10.52 -30.11
CA ASP A 215 -3.71 9.09 -29.85
C ASP A 215 -3.92 8.33 -31.16
N LEU A 216 -2.85 7.76 -31.70
CA LEU A 216 -2.93 7.01 -32.93
C LEU A 216 -3.41 5.57 -32.73
N LEU A 217 -3.56 5.14 -31.47
CA LEU A 217 -3.98 3.76 -31.20
C LEU A 217 -5.34 3.41 -31.80
N PRO A 218 -6.37 4.26 -31.77
CA PRO A 218 -7.62 3.89 -32.45
C PRO A 218 -7.45 3.58 -33.93
N GLU A 219 -6.62 4.35 -34.63
CA GLU A 219 -6.36 4.08 -36.04
C GLU A 219 -5.51 2.84 -36.22
N ILE A 220 -4.60 2.57 -35.28
CA ILE A 220 -3.72 1.41 -35.40
C ILE A 220 -4.52 0.11 -35.41
N LYS A 221 -5.50 0.00 -34.51
CA LYS A 221 -6.33 -1.20 -34.48
C LYS A 221 -7.18 -1.33 -35.75
N LYS A 222 -7.52 -0.21 -36.38
CA LYS A 222 -8.36 -0.27 -37.57
C LYS A 222 -7.61 -0.90 -38.74
N ILE A 223 -6.37 -0.46 -38.97
CA ILE A 223 -5.59 -1.01 -40.08
C ILE A 223 -5.20 -2.46 -39.79
N ILE A 224 -4.95 -2.80 -38.52
CA ILE A 224 -4.61 -4.16 -38.17
C ILE A 224 -5.75 -5.11 -38.50
N LYS A 225 -6.99 -4.68 -38.23
CA LYS A 225 -8.14 -5.54 -38.48
C LYS A 225 -8.34 -5.81 -39.96
N GLU A 226 -7.98 -4.86 -40.83
CA GLU A 226 -8.21 -4.99 -42.26
C GLU A 226 -7.00 -5.46 -43.05
N LYS A 227 -5.78 -5.14 -42.60
CA LYS A 227 -4.59 -5.52 -43.32
C LYS A 227 -3.68 -6.49 -42.57
N GLY A 228 -3.68 -6.47 -41.25
CA GLY A 228 -2.81 -7.33 -40.48
C GLY A 228 -1.68 -6.55 -39.83
N PHE A 229 -0.72 -7.30 -39.32
CA PHE A 229 0.41 -6.71 -38.58
C PHE A 229 1.69 -7.39 -39.02
N LEU A 230 2.61 -6.61 -39.59
CA LEU A 230 3.88 -7.12 -40.08
C LEU A 230 5.03 -6.48 -39.32
N PRO A 231 6.12 -7.22 -39.11
CA PRO A 231 7.35 -6.58 -38.60
C PRO A 231 7.91 -5.61 -39.63
N GLN A 232 8.64 -4.62 -39.13
CA GLN A 232 9.15 -3.56 -40.02
C GLN A 232 10.10 -4.13 -41.07
N ASP A 233 10.86 -5.17 -40.72
CA ASP A 233 11.78 -5.84 -41.64
C ASP A 233 11.23 -7.18 -42.09
N ALA A 234 9.92 -7.24 -42.35
CA ALA A 234 9.24 -8.51 -42.63
C ALA A 234 9.84 -9.27 -43.80
N GLU A 235 10.52 -8.58 -44.71
CA GLU A 235 11.08 -9.26 -45.88
C GLU A 235 12.26 -10.15 -45.52
N GLN A 236 12.97 -9.83 -44.43
CA GLN A 236 14.16 -10.53 -43.97
C GLN A 236 13.88 -11.48 -42.82
N ARG A 237 12.66 -11.52 -42.30
CA ARG A 237 12.36 -12.28 -41.10
C ARG A 237 11.97 -13.71 -41.44
N ASP A 238 12.30 -14.63 -40.54
CA ASP A 238 11.91 -16.02 -40.70
C ASP A 238 10.40 -16.16 -40.54
N GLN A 239 9.88 -17.29 -41.02
CA GLN A 239 8.43 -17.50 -41.04
C GLN A 239 7.84 -17.48 -39.65
N SER A 240 8.59 -18.01 -38.66
CA SER A 240 8.08 -18.04 -37.29
C SER A 240 7.86 -16.64 -36.74
N TRP A 241 8.70 -15.67 -37.14
CA TRP A 241 8.51 -14.31 -36.68
C TRP A 241 7.33 -13.64 -37.36
N LEU A 242 7.10 -13.96 -38.63
CA LEU A 242 5.94 -13.40 -39.32
C LEU A 242 4.64 -13.92 -38.71
N ASP A 243 4.62 -15.17 -38.28
CA ASP A 243 3.44 -15.71 -37.62
C ASP A 243 3.24 -15.08 -36.24
N THR A 244 4.33 -14.83 -35.52
CA THR A 244 4.23 -14.21 -34.20
C THR A 244 3.68 -12.79 -34.30
N TYR A 245 4.19 -12.01 -35.25
CA TYR A 245 3.69 -10.65 -35.43
C TYR A 245 2.28 -10.64 -36.01
N GLY A 246 1.99 -11.56 -36.94
CA GLY A 246 0.66 -11.62 -37.51
C GLY A 246 -0.40 -12.01 -36.51
N PHE A 247 -0.03 -12.75 -35.47
CA PHE A 247 -0.97 -13.20 -34.46
C PHE A 247 -1.54 -12.05 -33.63
N VAL A 248 -0.94 -10.86 -33.70
CA VAL A 248 -1.47 -9.74 -32.92
C VAL A 248 -2.86 -9.35 -33.43
N GLN A 249 -3.17 -9.62 -34.69
CA GLN A 249 -4.51 -9.35 -35.21
C GLN A 249 -5.56 -10.13 -34.42
N THR A 250 -5.31 -11.41 -34.14
CA THR A 250 -6.23 -12.19 -33.32
C THR A 250 -6.32 -11.64 -31.91
N GLU A 253 -8.41 -8.54 -31.47
CA GLU A 253 -9.85 -8.75 -31.61
C GLU A 253 -10.45 -9.37 -30.36
N ASP A 254 -9.70 -10.23 -29.66
CA ASP A 254 -10.17 -10.77 -28.40
C ASP A 254 -10.01 -9.77 -27.26
N PHE A 255 -8.94 -8.98 -27.28
CA PHE A 255 -8.65 -7.98 -26.24
C PHE A 255 -8.33 -6.67 -26.94
N PRO A 256 -9.34 -5.85 -27.21
CA PRO A 256 -9.15 -4.68 -28.08
C PRO A 256 -8.64 -3.42 -27.38
N ASP A 257 -8.45 -3.45 -26.06
CA ASP A 257 -8.11 -2.22 -25.34
C ASP A 257 -6.71 -1.75 -25.71
N PHE A 258 -5.69 -2.58 -25.51
CA PHE A 258 -4.31 -2.15 -25.62
C PHE A 258 -3.58 -2.93 -26.71
N LEU A 259 -2.54 -2.29 -27.25
CA LEU A 259 -1.68 -2.94 -28.24
C LEU A 259 -0.69 -3.85 -27.51
N PRO A 260 -0.68 -5.15 -27.80
CA PRO A 260 0.09 -6.08 -26.98
C PRO A 260 1.52 -6.30 -27.45
N ASN A 261 2.42 -6.48 -26.47
CA ASN A 261 3.71 -7.07 -26.74
C ASN A 261 3.50 -8.45 -27.37
N THR A 262 4.26 -8.74 -28.43
CA THR A 262 4.02 -9.98 -29.18
C THR A 262 4.25 -11.21 -28.32
N TYR A 263 4.97 -11.09 -27.21
CA TYR A 263 5.16 -12.22 -26.31
C TYR A 263 3.92 -12.52 -25.48
N ASP A 264 2.91 -11.63 -25.49
CA ASP A 264 1.67 -11.89 -24.79
C ASP A 264 0.93 -13.10 -25.37
N GLY A 265 1.21 -13.45 -26.62
CA GLY A 265 0.48 -14.54 -27.26
C GLY A 265 0.69 -15.87 -26.56
N TYR A 266 1.89 -16.10 -26.02
CA TYR A 266 2.16 -17.33 -25.30
C TYR A 266 1.29 -17.44 -24.05
N TYR A 267 1.16 -16.35 -23.30
CA TYR A 267 0.46 -16.39 -22.03
C TYR A 267 -1.05 -16.38 -22.19
N LEU A 268 -1.56 -15.79 -23.27
CA LEU A 268 -3.00 -15.73 -23.49
C LEU A 268 -3.51 -16.86 -24.38
N TYR A 269 -2.64 -17.48 -25.18
CA TYR A 269 -3.05 -18.58 -26.06
C TYR A 269 -2.02 -19.71 -25.99
N PRO A 270 -1.86 -20.33 -24.81
CA PRO A 270 -0.86 -21.41 -24.70
C PRO A 270 -1.26 -22.65 -25.50
N ASP A 271 -2.55 -22.95 -25.61
CA ASP A 271 -2.99 -24.10 -26.39
C ASP A 271 -2.65 -23.91 -27.86
N TYR A 272 -3.01 -22.75 -28.42
CA TYR A 272 -2.75 -22.50 -29.84
C TYR A 272 -1.26 -22.44 -30.13
N LYS A 273 -0.49 -21.75 -29.28
CA LYS A 273 0.95 -21.62 -29.52
C LYS A 273 1.66 -22.97 -29.44
N PHE A 274 1.28 -23.80 -28.47
CA PHE A 274 1.91 -25.11 -28.34
C PHE A 274 1.55 -26.01 -29.52
N SER A 275 0.31 -25.92 -30.00
CA SER A 275 -0.19 -26.78 -31.06
C SER A 275 0.54 -26.58 -32.38
N HIS A 276 1.14 -25.41 -32.60
CA HIS A 276 1.76 -25.08 -33.86
C HIS A 276 3.28 -25.02 -33.77
N LEU A 277 3.88 -25.61 -32.74
CA LEU A 277 5.32 -25.64 -32.56
C LEU A 277 5.84 -27.05 -32.85
N ASN A 278 6.84 -27.13 -33.71
CA ASN A 278 7.46 -28.41 -34.05
C ASN A 278 8.37 -28.85 -32.90
N PRO A 279 8.10 -29.98 -32.25
CA PRO A 279 8.95 -30.38 -31.11
C PRO A 279 10.32 -30.86 -31.51
N ASP A 280 10.54 -31.25 -32.77
CA ASP A 280 11.81 -31.83 -33.19
C ASP A 280 12.67 -30.86 -34.00
N TYR A 281 12.10 -29.76 -34.50
CA TYR A 281 12.86 -28.70 -35.16
C TYR A 281 12.37 -27.38 -34.59
N THR A 282 13.14 -26.81 -33.66
CA THR A 282 12.70 -25.66 -32.89
C THR A 282 13.37 -24.38 -33.38
N ARG A 283 13.05 -23.27 -32.70
CA ARG A 283 13.58 -21.97 -33.10
C ARG A 283 15.10 -21.92 -32.95
N ALA A 284 15.64 -22.60 -31.93
CA ALA A 284 17.09 -22.66 -31.78
C ALA A 284 17.73 -23.33 -33.00
N ASP A 285 17.06 -24.34 -33.56
CA ASP A 285 17.55 -24.94 -34.79
C ASP A 285 17.42 -23.99 -35.97
N GLU A 286 16.36 -23.18 -36.00
CA GLU A 286 16.20 -22.17 -37.04
C GLU A 286 17.33 -21.15 -36.99
N VAL A 287 17.71 -20.72 -35.78
CA VAL A 287 18.80 -19.78 -35.63
C VAL A 287 20.12 -20.42 -36.02
N ILE A 288 20.34 -21.67 -35.60
CA ILE A 288 21.57 -22.35 -36.01
C ILE A 288 21.64 -22.48 -37.52
N ASP A 289 20.54 -22.84 -38.16
CA ASP A 289 20.56 -22.96 -39.62
C ASP A 289 20.43 -21.60 -40.32
N GLY A 290 20.04 -20.55 -39.60
CA GLY A 290 19.79 -19.27 -40.23
C GLY A 290 20.79 -18.20 -39.88
N ARG A 291 20.53 -17.46 -38.80
CA ARG A 291 21.34 -16.28 -38.48
C ARG A 291 22.77 -16.68 -38.15
N GLU A 292 22.96 -17.74 -37.36
CA GLU A 292 24.30 -18.14 -36.96
C GLU A 292 25.14 -18.57 -38.16
N LYS A 293 24.52 -19.26 -39.09
CA LYS A 293 25.23 -19.75 -40.25
C LYS A 293 25.60 -18.62 -41.20
N ARG A 294 24.66 -17.74 -41.46
CA ARG A 294 24.90 -16.65 -42.41
C ARG A 294 25.95 -15.69 -41.87
N VAL A 295 25.88 -15.36 -40.57
CA VAL A 295 26.78 -14.36 -40.01
C VAL A 295 28.21 -14.90 -39.95
N PHE A 296 28.39 -16.14 -39.48
CA PHE A 296 29.73 -16.69 -39.40
C PHE A 296 30.32 -16.99 -40.77
N ALA A 297 29.47 -17.25 -41.77
CA ALA A 297 29.97 -17.52 -43.11
C ALA A 297 30.47 -16.25 -43.78
N GLU A 298 29.80 -15.12 -43.53
CA GLU A 298 30.09 -13.74 -43.91
C GLU A 298 31.51 -13.34 -43.53
N CYS A 299 31.67 -13.51 -42.21
CA CYS A 299 32.93 -13.19 -41.56
C CYS A 299 34.06 -14.02 -42.14
N ARG A 300 33.81 -15.31 -42.40
CA ARG A 300 34.84 -16.16 -42.98
C ARG A 300 35.07 -15.84 -44.45
N GLU A 301 34.07 -15.29 -45.13
CA GLU A 301 34.28 -14.78 -46.48
C GLU A 301 35.24 -13.59 -46.47
N VAL A 302 35.09 -12.70 -45.49
CA VAL A 302 35.93 -11.52 -45.41
C VAL A 302 37.35 -11.90 -45.01
N ILE A 303 37.49 -12.84 -44.08
CA ILE A 303 38.81 -13.27 -43.65
C ILE A 303 39.55 -13.95 -44.79
N ALA A 304 38.83 -14.74 -45.60
CA ALA A 304 39.46 -15.42 -46.72
C ALA A 304 39.88 -14.45 -47.81
N ARG A 305 39.13 -13.36 -48.00
CA ARG A 305 39.46 -12.40 -49.06
C ARG A 305 40.49 -11.37 -48.60
N GLY A 306 40.54 -11.08 -47.30
CA GLY A 306 41.41 -10.05 -46.78
C GLY A 306 40.84 -8.65 -46.82
N GLU A 307 39.67 -8.46 -47.44
CA GLU A 307 39.01 -7.18 -47.56
C GLU A 307 37.52 -7.39 -47.38
N LEU A 308 36.75 -6.29 -47.37
CA LEU A 308 35.32 -6.48 -47.24
C LEU A 308 34.65 -6.61 -48.61
N ASP A 317 21.55 -4.32 -37.35
CA ASP A 317 21.32 -2.90 -37.55
C ASP A 317 20.48 -2.32 -36.41
N ALA A 318 19.16 -2.49 -36.49
CA ALA A 318 18.27 -1.90 -35.50
C ALA A 318 18.56 -2.44 -34.11
N HIS A 319 18.93 -3.71 -34.00
CA HIS A 319 19.22 -4.28 -32.69
C HIS A 319 20.44 -3.65 -32.06
N ALA A 320 21.53 -3.53 -32.82
CA ALA A 320 22.75 -2.94 -32.29
C ALA A 320 22.62 -1.44 -32.10
N GLU A 321 21.83 -0.78 -32.94
CA GLU A 321 21.73 0.68 -32.87
C GLU A 321 21.04 1.14 -31.59
N ILE A 324 23.41 1.35 -28.71
CA ILE A 324 24.30 2.48 -28.90
C ILE A 324 23.57 3.78 -28.60
N LYS A 325 22.32 3.90 -29.05
CA LYS A 325 21.54 5.10 -28.77
C LYS A 325 21.29 5.24 -27.27
N VAL A 326 21.12 4.13 -26.57
CA VAL A 326 20.98 4.17 -25.11
C VAL A 326 22.28 4.68 -24.49
N ALA A 327 23.43 4.22 -25.00
CA ALA A 327 24.71 4.70 -24.51
C ALA A 327 24.89 6.19 -24.80
N GLU A 328 24.39 6.64 -25.96
CA GLU A 328 24.47 8.06 -26.29
C GLU A 328 23.63 8.90 -25.33
N ALA A 329 22.39 8.47 -25.07
CA ALA A 329 21.53 9.20 -24.15
C ALA A 329 22.12 9.25 -22.75
N ILE A 330 22.83 8.19 -22.35
CA ILE A 330 23.47 8.18 -21.04
C ILE A 330 24.69 9.09 -21.03
N ALA A 331 25.58 8.90 -21.99
CA ALA A 331 26.86 9.61 -21.98
C ALA A 331 26.68 11.12 -22.15
N TYR A 332 25.65 11.54 -22.88
CA TYR A 332 25.44 12.96 -23.16
C TYR A 332 24.26 13.54 -22.40
N ASN A 333 23.68 12.78 -21.46
CA ASN A 333 22.60 13.27 -20.60
C ASN A 333 21.44 13.83 -21.42
N LYS A 334 21.02 13.05 -22.41
CA LYS A 334 19.99 13.52 -23.33
C LYS A 334 18.62 13.59 -22.68
N ASN A 335 18.38 12.74 -21.66
CA ASN A 335 17.06 12.61 -21.04
C ASN A 335 15.99 12.27 -22.07
N THR A 336 16.36 11.50 -23.09
CA THR A 336 15.41 11.02 -24.08
C THR A 336 14.64 9.83 -23.53
N ARG A 337 13.54 9.50 -24.21
CA ARG A 337 12.61 8.48 -23.70
C ARG A 337 12.92 7.12 -24.30
N PHE A 338 13.08 6.13 -23.43
CA PHE A 338 13.22 4.73 -23.82
C PHE A 338 12.31 3.88 -22.94
N ILE A 339 12.00 2.68 -23.43
CA ILE A 339 11.28 1.69 -22.65
C ILE A 339 12.31 0.69 -22.12
N VAL A 340 12.62 0.79 -20.82
CA VAL A 340 13.65 -0.02 -20.20
C VAL A 340 13.10 -0.67 -18.95
N ILE A 341 13.91 -1.53 -18.34
CA ILE A 341 13.54 -2.31 -17.17
C ILE A 341 14.06 -1.60 -15.93
N VAL A 342 13.16 -1.31 -14.98
CA VAL A 342 13.50 -0.56 -13.78
C VAL A 342 12.77 -1.14 -12.58
N LYS A 343 13.29 -0.83 -11.39
CA LYS A 343 12.60 -1.17 -10.16
C LYS A 343 11.33 -0.34 -10.02
N ASN A 344 10.24 -1.00 -9.63
CA ASN A 344 8.92 -0.37 -9.62
C ASN A 344 8.83 0.75 -8.58
N GLU A 345 8.70 0.37 -7.32
CA GLU A 345 8.61 1.30 -6.19
C GLU A 345 7.59 2.42 -6.46
N GLY A 346 6.37 2.00 -6.77
CA GLY A 346 5.26 2.91 -6.93
C GLY A 346 4.93 3.29 -8.36
N ALA A 347 5.84 3.05 -9.30
CA ALA A 347 5.59 3.40 -10.70
C ALA A 347 4.37 2.65 -11.23
N ILE A 348 4.24 1.38 -10.88
CA ILE A 348 2.99 0.65 -11.01
C ILE A 348 2.40 0.56 -9.61
N ALA A 349 1.33 1.31 -9.37
CA ALA A 349 0.92 1.64 -8.00
C ALA A 349 0.40 0.43 -7.23
N ASN A 350 -0.26 -0.51 -7.90
CA ASN A 350 -0.86 -1.65 -7.21
C ASN A 350 -0.02 -2.93 -7.34
N GLN A 352 3.95 -4.71 -6.10
CA GLN A 352 4.91 -4.59 -5.01
C GLN A 352 6.08 -3.69 -5.41
N ASP A 353 6.74 -3.12 -4.40
CA ASP A 353 7.80 -2.15 -4.63
C ASP A 353 8.99 -2.77 -5.34
N ASP A 354 9.38 -3.99 -4.95
CA ASP A 354 10.62 -4.59 -5.42
C ASP A 354 10.46 -5.39 -6.70
N ALA A 355 9.46 -5.08 -7.51
CA ALA A 355 9.28 -5.75 -8.80
C ALA A 355 10.06 -5.02 -9.88
N VAL A 357 10.07 -3.93 -13.43
CA VAL A 357 9.03 -3.71 -14.43
C VAL A 357 9.63 -2.97 -15.62
N GLU A 358 8.84 -2.90 -16.69
CA GLU A 358 9.26 -2.30 -17.96
C GLU A 358 8.38 -1.09 -18.24
N LEU A 359 8.99 0.08 -18.33
CA LEU A 359 8.24 1.33 -18.46
C LEU A 359 9.01 2.32 -19.32
N VAL A 360 8.29 3.37 -19.75
CA VAL A 360 8.93 4.49 -20.42
C VAL A 360 9.70 5.32 -19.40
N CYS A 361 10.94 5.68 -19.74
CA CYS A 361 11.79 6.44 -18.85
C CYS A 361 12.61 7.46 -19.63
N GLU A 362 12.94 8.56 -18.98
CA GLU A 362 13.98 9.45 -19.46
C GLU A 362 15.34 8.88 -19.04
N LEU A 363 16.33 9.03 -19.92
CA LEU A 363 17.63 8.40 -19.71
C LEU A 363 18.73 9.44 -19.80
N GLY A 364 19.46 9.62 -18.70
CA GLY A 364 20.59 10.52 -18.66
C GLY A 364 21.80 9.91 -17.99
N ILE A 365 22.73 10.77 -17.53
CA ILE A 365 23.94 10.26 -16.88
C ILE A 365 23.61 9.59 -15.56
N ASN A 366 22.48 9.96 -14.94
CA ASN A 366 22.11 9.46 -13.63
C ASN A 366 21.15 8.27 -13.71
N GLY A 367 21.00 7.67 -14.88
CA GLY A 367 20.19 6.49 -15.03
C GLY A 367 18.78 6.79 -15.47
N PRO A 368 17.95 5.75 -15.54
CA PRO A 368 16.57 5.94 -15.99
C PRO A 368 15.73 6.67 -14.95
N ARG A 369 14.84 7.53 -15.45
CA ARG A 369 13.90 8.28 -14.63
C ARG A 369 12.50 7.82 -15.04
N ARG A 370 11.94 6.87 -14.30
CA ARG A 370 10.69 6.24 -14.69
C ARG A 370 9.51 7.17 -14.46
N ALA A 372 5.35 7.57 -13.69
CA ALA A 372 4.28 6.86 -13.02
C ALA A 372 3.17 6.47 -14.00
N VAL A 373 2.67 5.25 -13.85
CA VAL A 373 1.56 4.77 -14.65
C VAL A 373 0.27 4.68 -13.83
N GLY A 374 0.36 4.53 -12.52
CA GLY A 374 -0.82 4.41 -11.68
C GLY A 374 -1.23 2.97 -11.49
N ASN A 375 -2.48 2.79 -11.08
CA ASN A 375 -3.03 1.46 -10.89
C ASN A 375 -3.43 0.87 -12.23
N ILE A 376 -2.94 -0.33 -12.52
CA ILE A 376 -3.26 -1.02 -13.77
C ILE A 376 -4.56 -1.77 -13.57
N PRO A 377 -5.33 -2.04 -14.62
CA PRO A 377 -6.61 -2.74 -14.46
C PRO A 377 -6.44 -4.13 -13.86
N GLN A 378 -7.56 -4.66 -13.35
CA GLN A 378 -7.52 -5.90 -12.59
C GLN A 378 -7.08 -7.08 -13.45
N PHE A 379 -7.52 -7.13 -14.70
CA PHE A 379 -7.17 -8.25 -15.58
C PHE A 379 -5.66 -8.35 -15.77
N TYR A 380 -5.00 -7.22 -15.98
CA TYR A 380 -3.56 -7.21 -16.19
C TYR A 380 -2.80 -7.35 -14.88
N LEU A 381 -3.38 -6.91 -13.76
CA LEU A 381 -2.76 -7.12 -12.46
C LEU A 381 -2.64 -8.60 -12.14
N GLY A 382 -3.70 -9.37 -12.43
CA GLY A 382 -3.64 -10.80 -12.17
C GLY A 382 -2.60 -11.51 -13.01
N LEU A 383 -2.45 -11.10 -14.28
CA LEU A 383 -1.47 -11.73 -15.15
C LEU A 383 -0.05 -11.41 -14.69
N LEU A 384 0.24 -10.15 -14.39
CA LEU A 384 1.60 -9.75 -14.09
C LEU A 384 2.06 -10.20 -12.71
N VAL A 385 1.14 -10.17 -11.73
CA VAL A 385 1.51 -10.61 -10.38
C VAL A 385 1.80 -12.10 -10.39
N GLN A 386 1.07 -12.87 -11.19
CA GLN A 386 1.35 -14.30 -11.31
C GLN A 386 2.75 -14.52 -11.90
N GLN A 387 3.10 -13.75 -12.92
CA GLN A 387 4.39 -13.94 -13.58
C GLN A 387 5.54 -13.45 -12.71
N VAL A 388 5.39 -12.25 -12.12
CA VAL A 388 6.48 -11.71 -11.31
C VAL A 388 6.69 -12.54 -10.05
N SER A 389 5.65 -13.23 -9.57
CA SER A 389 5.82 -14.13 -8.45
C SER A 389 6.60 -15.38 -8.86
N SER A 390 6.33 -15.90 -10.06
CA SER A 390 7.06 -17.05 -10.55
C SER A 390 8.54 -16.71 -10.76
N GLU A 391 8.82 -15.51 -11.27
CA GLU A 391 10.21 -15.11 -11.47
C GLU A 391 10.93 -14.94 -10.15
N LYS A 392 10.27 -14.32 -9.16
CA LYS A 392 10.92 -14.11 -7.87
C LYS A 392 11.12 -15.41 -7.12
N LEU A 393 10.23 -16.39 -7.31
CA LEU A 393 10.44 -17.70 -6.71
C LEU A 393 11.60 -18.43 -7.37
N LEU A 394 11.85 -18.17 -8.65
CA LEU A 394 12.94 -18.86 -9.35
C LEU A 394 14.30 -18.41 -8.82
N VAL A 395 14.53 -17.09 -8.75
CA VAL A 395 15.78 -16.61 -8.20
C VAL A 395 15.85 -16.84 -6.70
N ASP A 396 14.71 -17.08 -6.04
CA ASP A 396 14.74 -17.59 -4.68
C ASP A 396 15.44 -18.95 -4.62
N ALA A 397 15.14 -19.83 -5.58
CA ALA A 397 15.80 -21.12 -5.64
C ALA A 397 17.28 -20.98 -5.92
N TYR A 398 17.67 -19.97 -6.69
CA TYR A 398 19.09 -19.74 -6.96
C TYR A 398 19.83 -19.35 -5.69
N TYR A 399 19.25 -18.44 -4.90
CA TYR A 399 19.93 -17.95 -3.70
C TYR A 399 19.87 -18.95 -2.56
N GLU A 400 18.79 -19.72 -2.44
CA GLU A 400 18.59 -20.62 -1.32
C GLU A 400 18.99 -22.05 -1.62
N HIS A 401 19.39 -22.35 -2.87
CA HIS A 401 19.69 -23.72 -3.29
C HIS A 401 18.51 -24.64 -2.99
N SER A 402 17.31 -24.17 -3.30
CA SER A 402 16.06 -24.81 -2.88
C SER A 402 15.36 -25.42 -4.08
N TYR A 403 15.30 -26.76 -4.10
CA TYR A 403 14.46 -27.45 -5.08
C TYR A 403 12.99 -27.06 -4.91
N GLN A 404 12.56 -26.86 -3.67
CA GLN A 404 11.16 -26.54 -3.40
C GLN A 404 10.78 -25.19 -4.01
N LYS A 405 11.68 -24.21 -3.96
CA LYS A 405 11.39 -22.92 -4.56
C LYS A 405 11.28 -23.04 -6.08
N ALA A 406 12.12 -23.86 -6.70
CA ALA A 406 12.05 -24.05 -8.14
C ALA A 406 10.75 -24.76 -8.54
N LEU A 407 10.31 -25.72 -7.73
CA LEU A 407 9.07 -26.41 -8.03
C LEU A 407 7.88 -25.47 -7.95
N GLU A 408 7.86 -24.59 -6.95
CA GLU A 408 6.76 -23.63 -6.84
C GLU A 408 6.80 -22.61 -7.97
N ALA A 409 7.99 -22.21 -8.40
CA ALA A 409 8.10 -21.31 -9.54
C ALA A 409 7.60 -21.95 -10.82
N PHE A 410 7.95 -23.23 -11.03
CA PHE A 410 7.46 -23.94 -12.22
C PHE A 410 5.95 -24.14 -12.15
N THR A 411 5.44 -24.54 -10.99
CA THR A 411 4.00 -24.80 -10.87
C THR A 411 3.18 -23.53 -11.08
N LEU A 412 3.62 -22.42 -10.51
CA LEU A 412 2.84 -21.19 -10.58
C LEU A 412 2.81 -20.62 -12.00
N ASN A 413 3.88 -20.83 -12.76
CA ASN A 413 4.00 -20.19 -14.07
C ASN A 413 2.84 -20.58 -14.99
N ARG A 414 2.39 -19.61 -15.80
CA ARG A 414 1.21 -19.80 -16.62
C ARG A 414 1.43 -20.85 -17.71
N LEU A 415 2.66 -20.97 -18.21
CA LEU A 415 2.93 -21.88 -19.32
C LEU A 415 3.25 -23.31 -18.86
N ILE A 416 3.21 -23.55 -17.56
CA ILE A 416 3.28 -24.91 -17.03
C ILE A 416 2.01 -25.30 -16.29
N ASN A 417 1.68 -24.54 -15.25
CA ASN A 417 0.35 -24.50 -14.65
C ASN A 417 -0.04 -25.76 -13.90
N ASP A 418 0.86 -26.73 -13.73
CA ASP A 418 0.53 -27.97 -13.05
C ASP A 418 1.71 -28.45 -12.24
N ALA A 419 1.44 -28.91 -11.02
CA ALA A 419 2.52 -29.29 -10.11
C ALA A 419 3.20 -30.59 -10.53
N LYS A 420 2.42 -31.56 -11.03
CA LYS A 420 3.02 -32.81 -11.48
C LYS A 420 3.83 -32.62 -12.76
N LYS A 421 3.31 -31.81 -13.70
CA LYS A 421 4.09 -31.46 -14.88
C LYS A 421 5.30 -30.64 -14.50
N ALA A 422 5.18 -29.79 -13.48
CA ALA A 422 6.32 -28.99 -13.03
C ALA A 422 7.46 -29.86 -12.54
N ARG A 423 7.14 -30.85 -11.69
CA ARG A 423 8.17 -31.75 -11.18
C ARG A 423 8.78 -32.58 -12.30
N GLU A 424 7.96 -33.03 -13.25
CA GLU A 424 8.45 -33.82 -14.36
C GLU A 424 9.45 -33.02 -15.20
N ILE A 425 9.09 -31.78 -15.54
CA ILE A 425 9.98 -30.94 -16.35
C ILE A 425 11.20 -30.53 -15.54
N LEU A 426 11.00 -30.10 -14.29
CA LEU A 426 12.11 -29.64 -13.46
C LEU A 426 13.17 -30.72 -13.29
N ASP A 427 12.74 -31.97 -13.08
CA ASP A 427 13.70 -33.06 -12.94
C ASP A 427 14.48 -33.27 -14.23
N ALA A 428 13.82 -33.14 -15.38
CA ALA A 428 14.50 -33.28 -16.65
C ALA A 428 15.49 -32.15 -16.89
N ILE A 430 17.12 -30.41 -14.50
CA ILE A 430 18.24 -30.54 -13.56
C ILE A 430 19.32 -31.43 -14.15
N GLU A 431 18.91 -32.48 -14.87
CA GLU A 431 19.88 -33.44 -15.39
C GLU A 431 20.73 -32.84 -16.51
N VAL A 432 20.09 -32.19 -17.49
CA VAL A 432 20.83 -31.66 -18.62
C VAL A 432 21.60 -30.39 -18.25
N ASN A 433 21.16 -29.67 -17.21
CA ASN A 433 21.83 -28.46 -16.75
C ASN A 433 22.77 -28.74 -15.58
N LYS A 434 23.43 -29.90 -15.59
CA LYS A 434 24.11 -30.38 -14.38
C LYS A 434 25.18 -29.40 -13.90
N GLY A 435 26.05 -28.95 -14.80
CA GLY A 435 27.15 -28.10 -14.39
C GLY A 435 26.94 -26.62 -14.67
N TRP A 437 23.68 -24.98 -13.55
CA TRP A 437 22.68 -24.51 -12.61
C TRP A 437 23.25 -24.41 -11.21
N PRO A 438 22.61 -23.66 -10.33
CA PRO A 438 22.91 -23.79 -8.90
C PRO A 438 22.37 -25.12 -8.39
N GLU A 439 22.93 -25.58 -7.28
CA GLU A 439 22.44 -26.80 -6.65
C GLU A 439 21.02 -26.56 -6.15
N LEU A 440 20.16 -27.58 -6.31
CA LEU A 440 18.77 -27.52 -5.88
C LEU A 440 18.53 -28.69 -4.93
N LYS A 441 18.53 -28.41 -3.63
CA LYS A 441 18.35 -29.45 -2.62
C LYS A 441 17.16 -29.15 -1.72
N LYS B 2 -1.74 28.30 -36.84
CA LYS B 2 -2.88 28.38 -35.95
C LYS B 2 -2.64 29.37 -34.82
N LYS B 3 -3.69 30.09 -34.41
CA LYS B 3 -3.65 31.01 -33.30
C LYS B 3 -4.71 30.62 -32.27
N TYR B 4 -4.47 31.02 -31.02
CA TYR B 4 -5.28 30.52 -29.92
C TYR B 4 -6.10 31.64 -29.27
N ASN B 5 -7.19 31.23 -28.62
CA ASN B 5 -8.06 32.13 -27.89
C ASN B 5 -7.82 31.96 -26.39
N VAL B 6 -7.58 33.07 -25.70
CA VAL B 6 -7.19 33.06 -24.29
C VAL B 6 -8.14 33.97 -23.51
N CYS B 7 -8.55 33.52 -22.33
CA CYS B 7 -9.31 34.33 -21.41
C CYS B 7 -8.64 34.31 -20.04
N ILE B 8 -8.43 35.49 -19.47
CA ILE B 8 -7.83 35.63 -18.14
C ILE B 8 -8.95 35.86 -17.14
N VAL B 9 -9.12 34.92 -16.22
CA VAL B 9 -10.07 35.08 -15.13
C VAL B 9 -9.40 35.90 -14.02
N GLY B 10 -9.98 37.04 -13.69
CA GLY B 10 -9.35 37.96 -12.76
C GLY B 10 -8.53 39.02 -13.48
N GLY B 11 -9.16 39.67 -14.47
CA GLY B 11 -8.47 40.68 -15.25
C GLY B 11 -8.10 41.92 -14.45
N GLY B 12 -8.73 42.13 -13.29
CA GLY B 12 -8.41 43.26 -12.46
C GLY B 12 -7.29 42.98 -11.46
N SER B 13 -6.51 41.94 -11.72
CA SER B 13 -5.46 41.53 -10.80
C SER B 13 -4.22 42.37 -10.98
N THR B 14 -3.43 42.47 -9.91
CA THR B 14 -2.17 43.20 -9.96
C THR B 14 -1.23 42.62 -11.01
N TYR B 15 -1.34 41.33 -11.32
CA TYR B 15 -0.44 40.66 -12.24
C TYR B 15 -0.88 40.77 -13.69
N THR B 16 -2.09 41.24 -13.96
CA THR B 16 -2.59 41.25 -15.33
C THR B 16 -1.79 42.15 -16.27
N PRO B 17 -1.39 43.38 -15.90
CA PRO B 17 -0.55 44.16 -16.83
C PRO B 17 0.74 43.47 -17.21
N GLY B 18 1.38 42.78 -16.26
CA GLY B 18 2.55 41.99 -16.59
C GLY B 18 2.23 40.87 -17.57
N PHE B 19 1.04 40.28 -17.45
CA PHE B 19 0.61 39.27 -18.42
C PHE B 19 0.45 39.89 -19.81
N LEU B 20 -0.15 41.08 -19.89
CA LEU B 20 -0.36 41.73 -21.19
C LEU B 20 0.97 42.10 -21.83
N LYS B 21 1.92 42.59 -21.04
CA LYS B 21 3.25 42.87 -21.57
C LYS B 21 3.92 41.58 -22.06
N SER B 22 3.81 40.51 -21.28
CA SER B 22 4.41 39.23 -21.67
C SER B 22 3.74 38.68 -22.93
N PHE B 23 2.44 38.87 -23.09
CA PHE B 23 1.80 38.49 -24.34
C PHE B 23 2.43 39.23 -25.51
N VAL B 24 2.83 40.48 -25.31
CA VAL B 24 3.40 41.27 -26.40
C VAL B 24 4.84 40.86 -26.67
N ARG B 25 5.51 40.31 -25.67
CA ARG B 25 6.89 39.94 -25.84
C ARG B 25 7.04 38.52 -26.39
N LEU B 26 6.05 37.67 -26.16
CA LEU B 26 6.04 36.29 -26.62
C LEU B 26 5.01 36.06 -27.74
N GLN B 27 4.62 37.12 -28.48
CA GLN B 27 3.63 36.98 -29.55
C GLN B 27 3.99 35.90 -30.55
N ASN B 28 5.27 35.78 -30.90
CA ASN B 28 5.67 34.79 -31.89
C ASN B 28 5.89 33.42 -31.29
N GLU B 29 6.28 33.34 -30.02
CA GLU B 29 6.35 32.08 -29.31
C GLU B 29 4.99 31.52 -28.98
N PHE B 30 3.96 32.37 -28.95
CA PHE B 30 2.61 31.98 -28.54
C PHE B 30 1.61 32.79 -29.33
N PRO B 31 1.35 32.40 -30.58
CA PRO B 31 0.46 33.21 -31.44
C PRO B 31 -0.98 33.13 -30.97
N GLU B 33 -5.07 34.82 -31.20
CA GLU B 33 -6.02 35.55 -32.02
C GLU B 33 -6.96 36.43 -31.23
N LYS B 34 -7.34 36.02 -30.02
CA LYS B 34 -8.32 36.76 -29.22
C LYS B 34 -7.98 36.62 -27.75
N LEU B 35 -8.09 37.72 -27.01
CA LEU B 35 -7.84 37.75 -25.59
C LEU B 35 -8.96 38.50 -24.89
N VAL B 36 -9.55 37.90 -23.86
CA VAL B 36 -10.65 38.48 -23.11
C VAL B 36 -10.26 38.51 -21.64
N LEU B 37 -10.43 39.67 -21.01
CA LEU B 37 -10.25 39.81 -19.56
C LEU B 37 -11.62 39.70 -18.88
N PHE B 38 -11.72 38.79 -17.92
CA PHE B 38 -12.96 38.62 -17.16
C PHE B 38 -12.70 38.91 -15.69
N ASP B 39 -13.67 39.58 -15.06
CA ASP B 39 -13.59 39.88 -13.64
C ASP B 39 -15.00 40.13 -13.13
N ILE B 40 -15.17 39.94 -11.82
CA ILE B 40 -16.45 40.27 -11.18
C ILE B 40 -16.50 41.71 -10.69
N ASP B 41 -15.36 42.41 -10.68
CA ASP B 41 -15.28 43.81 -10.28
C ASP B 41 -15.01 44.64 -11.53
N ALA B 42 -16.03 45.35 -12.01
CA ALA B 42 -15.89 46.11 -13.25
C ALA B 42 -14.99 47.32 -13.08
N GLU B 43 -15.14 48.04 -11.97
CA GLU B 43 -14.35 49.25 -11.76
C GLU B 43 -12.86 48.94 -11.62
N ARG B 44 -12.53 47.83 -10.95
CA ARG B 44 -11.13 47.47 -10.78
C ARG B 44 -10.50 47.02 -12.09
N GLN B 45 -11.27 46.31 -12.93
CA GLN B 45 -10.74 45.79 -14.17
C GLN B 45 -10.61 46.85 -15.25
N GLN B 46 -11.41 47.92 -15.19
CA GLN B 46 -11.45 48.89 -16.27
C GLN B 46 -10.11 49.55 -16.57
N PRO B 47 -9.38 50.10 -15.59
CA PRO B 47 -8.09 50.73 -15.93
C PRO B 47 -7.08 49.75 -16.51
N ILE B 48 -7.09 48.49 -16.05
CA ILE B 48 -6.19 47.49 -16.63
C ILE B 48 -6.60 47.18 -18.06
N GLY B 49 -7.91 47.07 -18.31
CA GLY B 49 -8.37 46.81 -19.67
C GLY B 49 -8.11 47.96 -20.61
N GLU B 50 -8.28 49.20 -20.14
CA GLU B 50 -7.99 50.36 -20.98
C GLU B 50 -6.50 50.51 -21.24
N PHE B 51 -5.67 50.12 -20.29
CA PHE B 51 -4.23 50.09 -20.54
C PHE B 51 -3.90 49.06 -21.61
N GLY B 52 -4.57 47.90 -21.57
CA GLY B 52 -4.31 46.88 -22.56
C GLY B 52 -4.70 47.29 -23.97
N LYS B 53 -5.80 48.04 -24.09
CA LYS B 53 -6.24 48.50 -25.41
C LYS B 53 -5.19 49.42 -26.03
N ILE B 54 -4.54 50.26 -25.22
CA ILE B 54 -3.50 51.12 -25.73
C ILE B 54 -2.24 50.33 -26.03
N LEU B 55 -1.90 49.38 -25.15
CA LEU B 55 -0.72 48.55 -25.33
C LEU B 55 -0.77 47.76 -26.63
N PHE B 56 -1.90 47.07 -26.84
CA PHE B 56 -2.02 46.21 -28.01
C PHE B 56 -2.20 47.01 -29.30
N SER B 57 -2.76 48.21 -29.20
CA SER B 57 -2.94 49.03 -30.41
C SER B 57 -1.60 49.45 -30.99
N GLU B 58 -0.63 49.78 -30.13
CA GLU B 58 0.69 50.14 -30.61
C GLU B 58 1.54 48.91 -30.94
N ARG B 59 1.48 47.89 -30.08
CA ARG B 59 2.39 46.74 -30.21
C ARG B 59 1.83 45.40 -30.68
N PHE B 60 0.53 45.17 -30.53
CA PHE B 60 -0.08 43.93 -31.01
C PHE B 60 -1.37 44.25 -31.76
N PRO B 61 -1.21 44.92 -32.98
CA PRO B 61 -2.48 45.40 -33.57
C PRO B 61 -3.49 44.35 -33.98
N GLU B 62 -3.00 43.21 -34.47
CA GLU B 62 -4.00 42.31 -35.01
C GLU B 62 -4.79 41.53 -33.94
N LEU B 63 -4.38 41.55 -32.68
CA LEU B 63 -5.13 40.89 -31.62
C LEU B 63 -6.52 41.44 -31.37
N ASP B 64 -7.47 40.53 -31.12
CA ASP B 64 -8.84 40.87 -30.75
C ASP B 64 -8.92 40.92 -29.23
N PHE B 65 -8.75 42.11 -28.67
CA PHE B 65 -8.69 42.29 -27.23
C PHE B 65 -9.96 42.96 -26.72
N SER B 66 -10.40 42.54 -25.53
CA SER B 66 -11.59 43.10 -24.89
C SER B 66 -11.59 42.68 -23.44
N TYR B 67 -12.43 43.36 -22.64
CA TYR B 67 -12.64 42.98 -21.25
C TYR B 67 -14.12 43.06 -20.94
N THR B 68 -14.57 42.23 -20.00
CA THR B 68 -15.99 42.10 -19.73
C THR B 68 -16.18 41.55 -18.33
N THR B 69 -17.42 41.65 -17.85
CA THR B 69 -17.88 40.96 -16.65
C THR B 69 -18.96 39.94 -16.97
N ASP B 70 -19.13 39.62 -18.26
CA ASP B 70 -20.14 38.67 -18.70
C ASP B 70 -19.50 37.31 -18.90
N PRO B 71 -19.90 36.28 -18.13
CA PRO B 71 -19.26 34.96 -18.29
C PRO B 71 -19.43 34.38 -19.69
N ALA B 72 -20.60 34.56 -20.31
CA ALA B 72 -20.82 34.01 -21.64
C ALA B 72 -19.89 34.66 -22.67
N GLU B 73 -19.72 35.98 -22.58
CA GLU B 73 -18.85 36.69 -23.50
C GLU B 73 -17.38 36.32 -23.33
N ALA B 74 -17.00 35.84 -22.15
CA ALA B 74 -15.59 35.58 -21.86
C ALA B 74 -15.17 34.15 -22.13
N TYR B 75 -16.07 33.18 -22.00
CA TYR B 75 -15.70 31.78 -22.00
C TYR B 75 -16.05 31.04 -23.29
N LYS B 76 -16.76 31.66 -24.22
CA LYS B 76 -17.14 31.00 -25.45
C LYS B 76 -15.95 30.91 -26.40
N ASP B 77 -15.72 29.72 -26.95
CA ASP B 77 -14.69 29.47 -27.96
C ASP B 77 -13.30 29.85 -27.44
N ASP B 79 -9.45 28.43 -26.09
CA ASP B 79 -8.47 27.36 -26.06
C ASP B 79 -7.77 27.26 -24.71
N PHE B 80 -7.57 28.40 -24.06
CA PHE B 80 -6.97 28.44 -22.73
C PHE B 80 -7.67 29.41 -21.80
N ILE B 81 -7.81 29.03 -20.53
CA ILE B 81 -8.24 29.96 -19.51
C ILE B 81 -7.12 30.13 -18.50
N PHE B 82 -6.68 31.36 -18.29
CA PHE B 82 -5.65 31.63 -17.30
C PHE B 82 -6.36 32.16 -16.08
N GLN B 84 -6.36 33.61 -12.32
CA GLN B 84 -5.68 34.22 -11.20
C GLN B 84 -6.62 35.07 -10.38
N ARG B 86 -8.38 36.20 -6.87
CA ARG B 86 -8.18 36.14 -5.44
C ARG B 86 -9.55 36.34 -4.81
N ALA B 87 -10.07 35.31 -4.18
CA ALA B 87 -11.43 35.39 -3.66
C ALA B 87 -11.42 36.18 -2.37
N GLY B 88 -12.23 37.23 -2.34
CA GLY B 88 -12.31 38.16 -1.24
C GLY B 88 -11.32 39.30 -1.35
N GLY B 89 -10.41 39.21 -2.31
CA GLY B 89 -9.51 40.31 -2.60
C GLY B 89 -8.46 40.53 -1.54
N LEU B 90 -7.67 41.57 -1.72
CA LEU B 90 -6.67 41.93 -0.73
C LEU B 90 -7.27 42.31 0.63
N PRO B 91 -8.41 43.00 0.65
CA PRO B 91 -9.03 43.28 1.95
C PRO B 91 -9.23 42.04 2.81
N ARG B 93 -7.43 39.13 2.43
CA ARG B 93 -6.08 38.70 2.78
C ARG B 93 -5.55 39.49 3.97
N ARG B 94 -5.91 40.76 4.07
CA ARG B 94 -5.55 41.56 5.24
C ARG B 94 -6.16 40.97 6.50
N GLU B 95 -7.42 40.56 6.44
CA GLU B 95 -8.08 39.98 7.61
C GLU B 95 -7.50 38.61 7.95
N ASP B 96 -7.10 37.84 6.94
CA ASP B 96 -6.50 36.53 7.19
C ASP B 96 -5.24 36.66 8.03
N GLU B 97 -4.39 37.65 7.71
CA GLU B 97 -3.12 37.79 8.39
C GLU B 97 -3.26 38.53 9.72
N HIS B 98 -4.07 39.59 9.74
CA HIS B 98 -4.21 40.40 10.96
C HIS B 98 -4.79 39.58 12.10
N ILE B 99 -5.83 38.79 11.82
CA ILE B 99 -6.55 38.08 12.88
C ILE B 99 -5.70 36.96 13.46
N SER B 100 -4.99 36.23 12.60
CA SER B 100 -4.14 35.14 13.08
C SER B 100 -3.02 35.68 13.97
N LEU B 101 -2.38 36.77 13.55
CA LEU B 101 -1.25 37.30 14.30
C LEU B 101 -1.68 37.87 15.65
N HIS B 102 -2.85 38.49 15.71
CA HIS B 102 -3.34 39.03 16.97
C HIS B 102 -3.74 37.93 17.95
N LEU B 103 -4.09 36.75 17.45
CA LEU B 103 -4.46 35.63 18.31
C LEU B 103 -3.29 34.68 18.56
N GLY B 104 -2.07 35.07 18.19
CA GLY B 104 -0.89 34.34 18.59
C GLY B 104 -0.39 33.29 17.63
N ARG B 105 -0.76 33.35 16.35
CA ARG B 105 -0.30 32.40 15.36
C ARG B 105 0.14 33.13 14.10
N ILE B 106 0.83 32.41 13.22
CA ILE B 106 1.36 33.00 12.00
C ILE B 106 0.20 33.39 11.08
N GLY B 107 0.22 34.62 10.60
CA GLY B 107 -0.73 35.08 9.60
C GLY B 107 -0.10 35.18 8.23
N GLN B 108 -0.50 34.31 7.30
CA GLN B 108 0.12 34.26 5.99
C GLN B 108 -0.95 33.96 4.95
N GLU B 109 -0.60 34.24 3.68
CA GLU B 109 -1.58 34.17 2.60
C GLU B 109 -2.08 32.75 2.36
N THR B 110 -1.15 31.78 2.28
CA THR B 110 -1.51 30.41 1.92
C THR B 110 -1.18 29.37 2.97
N CYS B 111 -0.51 29.74 4.07
CA CYS B 111 -0.12 28.80 5.11
C CYS B 111 -0.78 29.17 6.43
N GLY B 112 -1.12 28.16 7.21
CA GLY B 112 -1.67 28.38 8.53
C GLY B 112 -3.14 28.75 8.50
N ALA B 113 -3.56 29.51 9.52
CA ALA B 113 -4.97 29.87 9.65
C ALA B 113 -5.42 30.79 8.52
N GLY B 114 -4.59 31.76 8.13
CA GLY B 114 -4.97 32.66 7.06
C GLY B 114 -5.09 31.96 5.72
N GLY B 115 -4.19 31.01 5.45
CA GLY B 115 -4.25 30.29 4.20
C GLY B 115 -5.48 29.40 4.09
N ALA B 117 -8.35 29.91 5.80
CA ALA B 117 -9.46 30.84 5.63
C ALA B 117 -9.57 31.30 4.18
N TYR B 118 -8.43 31.60 3.55
CA TYR B 118 -8.41 31.86 2.12
C TYR B 118 -8.84 30.63 1.32
N GLY B 119 -8.55 29.44 1.85
CA GLY B 119 -8.91 28.22 1.14
C GLY B 119 -10.41 28.02 1.04
N LEU B 120 -11.14 28.27 2.13
CA LEU B 120 -12.59 28.13 2.10
C LEU B 120 -13.22 29.09 1.11
N ARG B 121 -12.74 30.35 1.07
CA ARG B 121 -13.25 31.31 0.11
C ARG B 121 -12.94 30.87 -1.32
N SER B 122 -11.74 30.31 -1.54
CA SER B 122 -11.35 29.93 -2.89
C SER B 122 -12.13 28.72 -3.37
N CYS B 123 -12.40 27.76 -2.49
CA CYS B 123 -13.18 26.59 -2.89
C CYS B 123 -14.55 26.99 -3.41
N VAL B 124 -15.19 27.97 -2.77
CA VAL B 124 -16.52 28.40 -3.19
C VAL B 124 -16.45 29.05 -4.57
N ASP B 125 -15.53 30.01 -4.74
CA ASP B 125 -15.51 30.79 -5.97
C ASP B 125 -14.90 30.02 -7.13
N ILE B 127 -14.88 26.70 -7.68
CA ILE B 127 -15.75 25.63 -8.16
C ILE B 127 -16.90 26.22 -8.97
N GLU B 128 -17.45 27.36 -8.54
CA GLU B 128 -18.55 27.96 -9.29
C GLU B 128 -18.05 28.58 -10.59
N SER B 129 -16.80 29.04 -10.61
CA SER B 129 -16.22 29.59 -11.83
C SER B 129 -15.93 28.51 -12.86
N ILE B 130 -15.42 27.36 -12.42
CA ILE B 130 -15.12 26.27 -13.37
C ILE B 130 -16.41 25.74 -13.97
N HIS B 131 -17.48 25.64 -13.17
CA HIS B 131 -18.77 25.22 -13.69
C HIS B 131 -19.24 26.16 -14.79
N GLN B 132 -19.00 27.46 -14.62
CA GLN B 132 -19.37 28.42 -15.66
C GLN B 132 -18.53 28.23 -16.91
N ILE B 133 -17.22 27.98 -16.75
CA ILE B 133 -16.34 27.83 -17.90
C ILE B 133 -16.75 26.61 -18.73
N ARG B 134 -16.98 25.48 -18.05
CA ARG B 134 -17.35 24.26 -18.76
C ARG B 134 -18.70 24.37 -19.47
N GLN B 135 -19.53 25.34 -19.08
CA GLN B 135 -20.81 25.53 -19.74
C GLN B 135 -20.63 26.02 -21.18
N TYR B 136 -19.52 26.68 -21.47
CA TYR B 136 -19.28 27.28 -22.77
C TYR B 136 -18.08 26.71 -23.51
N SER B 137 -17.03 26.31 -22.80
CA SER B 137 -15.85 25.70 -23.42
C SER B 137 -15.44 24.49 -22.60
N PRO B 138 -16.06 23.33 -22.85
CA PRO B 138 -15.78 22.15 -22.02
C PRO B 138 -14.39 21.56 -22.25
N ASN B 139 -13.73 21.88 -23.36
CA ASN B 139 -12.42 21.30 -23.68
C ASN B 139 -11.30 22.34 -23.64
N ALA B 140 -11.54 23.48 -23.01
CA ALA B 140 -10.49 24.48 -22.85
C ALA B 140 -9.54 24.08 -21.74
N TRP B 141 -8.24 24.27 -21.99
CA TRP B 141 -7.23 23.98 -20.97
C TRP B 141 -7.27 25.05 -19.90
N ILE B 142 -7.54 24.64 -18.67
CA ILE B 142 -7.63 25.56 -17.53
C ILE B 142 -6.32 25.51 -16.77
N LEU B 143 -5.57 26.61 -16.81
CA LEU B 143 -4.33 26.76 -16.06
C LEU B 143 -4.60 27.72 -14.91
N ASN B 144 -4.45 27.23 -13.68
CA ASN B 144 -4.90 27.95 -12.49
C ASN B 144 -3.70 28.40 -11.66
N TYR B 145 -3.60 29.70 -11.41
CA TYR B 145 -2.67 30.25 -10.43
C TYR B 145 -3.33 30.48 -9.07
N SER B 146 -4.65 30.57 -9.05
CA SER B 146 -5.33 31.05 -7.86
C SER B 146 -5.02 30.17 -6.66
N ASN B 147 -4.66 30.84 -5.56
CA ASN B 147 -4.31 30.20 -4.30
C ASN B 147 -5.48 30.01 -3.34
N PRO B 148 -5.31 29.24 -2.29
CA PRO B 148 -4.08 28.46 -2.10
C PRO B 148 -4.11 27.17 -2.90
N ALA B 149 -3.12 26.97 -3.75
CA ALA B 149 -3.17 25.95 -4.79
C ALA B 149 -3.36 24.56 -4.22
N ALA B 150 -2.74 24.26 -3.09
CA ALA B 150 -2.87 22.94 -2.49
C ALA B 150 -4.31 22.64 -2.10
N ILE B 151 -5.00 23.63 -1.53
CA ILE B 151 -6.39 23.42 -1.14
C ILE B 151 -7.30 23.41 -2.37
N VAL B 152 -7.04 24.32 -3.32
CA VAL B 152 -7.87 24.40 -4.51
C VAL B 152 -7.77 23.11 -5.34
N ALA B 153 -6.54 22.61 -5.50
CA ALA B 153 -6.36 21.38 -6.28
C ALA B 153 -7.08 20.21 -5.64
N GLU B 154 -7.12 20.15 -4.31
CA GLU B 154 -7.84 19.08 -3.64
C GLU B 154 -9.34 19.23 -3.82
N ALA B 155 -9.84 20.47 -3.81
CA ALA B 155 -11.27 20.69 -4.03
C ALA B 155 -11.67 20.35 -5.46
N LEU B 156 -10.87 20.77 -6.43
CA LEU B 156 -11.18 20.47 -7.83
C LEU B 156 -11.04 18.98 -8.14
N ARG B 157 -10.27 18.24 -7.35
CA ARG B 157 -10.18 16.80 -7.55
C ARG B 157 -11.52 16.13 -7.26
N ARG B 158 -12.19 16.54 -6.19
CA ARG B 158 -13.47 15.92 -5.83
C ARG B 158 -14.59 16.40 -6.73
N GLU B 159 -14.59 17.69 -7.10
CA GLU B 159 -15.70 18.24 -7.87
C GLU B 159 -15.65 17.81 -9.34
N PHE B 160 -14.45 17.70 -9.91
CA PHE B 160 -14.28 17.40 -11.33
C PHE B 160 -13.34 16.20 -11.48
N PRO B 161 -13.82 15.00 -11.15
CA PRO B 161 -12.94 13.83 -11.23
C PRO B 161 -12.68 13.35 -12.64
N ASP B 162 -13.59 13.63 -13.57
CA ASP B 162 -13.42 13.21 -14.97
C ASP B 162 -12.80 14.31 -15.85
N ASP B 163 -12.54 15.49 -15.30
CA ASP B 163 -12.01 16.59 -16.09
C ASP B 163 -10.49 16.43 -16.23
N ASN B 164 -10.03 16.25 -17.46
CA ASN B 164 -8.62 15.99 -17.71
C ASN B 164 -7.84 17.20 -18.19
N ARG B 165 -8.46 18.38 -18.24
CA ARG B 165 -7.76 19.58 -18.68
C ARG B 165 -7.84 20.69 -17.65
N ILE B 166 -7.54 20.38 -16.40
CA ILE B 166 -7.36 21.36 -15.33
C ILE B 166 -5.98 21.13 -14.73
N LEU B 167 -5.20 22.21 -14.63
CA LEU B 167 -3.83 22.10 -14.12
C LEU B 167 -3.55 23.26 -13.19
N ASN B 168 -3.21 22.94 -11.94
CA ASN B 168 -2.82 23.93 -10.95
C ASN B 168 -1.30 24.00 -10.91
N ILE B 169 -0.76 25.23 -11.00
CA ILE B 169 0.68 25.44 -11.06
C ILE B 169 1.09 26.50 -10.05
N CYS B 170 2.38 26.51 -9.73
CA CYS B 170 2.97 27.48 -8.82
C CYS B 170 4.37 27.82 -9.31
N ASP B 171 4.77 29.08 -9.10
CA ASP B 171 6.03 29.59 -9.62
C ASP B 171 7.16 29.57 -8.60
N GLN B 172 6.90 29.13 -7.38
CA GLN B 172 7.93 29.13 -6.35
C GLN B 172 9.06 28.15 -6.64
N PRO B 173 8.78 26.91 -7.10
CA PRO B 173 9.91 26.04 -7.48
C PRO B 173 10.79 26.60 -8.58
N GLU B 174 10.20 27.27 -9.57
CA GLU B 174 11.01 27.87 -10.63
C GLU B 174 11.79 29.06 -10.11
N ASN B 175 11.19 29.85 -9.22
CA ASN B 175 11.90 31.01 -8.66
C ASN B 175 13.08 30.58 -7.82
N ILE B 176 13.01 29.40 -7.20
CA ILE B 176 14.17 28.88 -6.47
C ILE B 176 15.26 28.46 -7.44
N ARG B 178 15.64 29.85 -10.33
CA ARG B 178 16.15 31.13 -10.80
C ARG B 178 17.16 31.71 -9.81
N SER B 179 16.88 31.58 -8.51
CA SER B 179 17.80 32.08 -7.50
C SER B 179 19.09 31.26 -7.49
N VAL B 180 18.99 29.94 -7.69
CA VAL B 180 20.17 29.10 -7.77
C VAL B 180 21.01 29.51 -8.98
N SER B 181 20.36 29.86 -10.09
CA SER B 181 21.09 30.30 -11.28
C SER B 181 21.88 31.57 -10.99
N ARG B 182 21.34 32.47 -10.18
CA ARG B 182 22.09 33.65 -9.77
C ARG B 182 23.25 33.27 -8.85
N LEU B 183 23.05 32.25 -8.02
CA LEU B 183 24.12 31.78 -7.15
C LEU B 183 25.32 31.31 -7.95
N LEU B 184 25.09 30.43 -8.92
CA LEU B 184 26.16 29.82 -9.70
C LEU B 184 26.54 30.60 -10.94
N ASN B 185 25.86 31.72 -11.21
CA ASN B 185 26.07 32.50 -12.43
C ASN B 185 25.90 31.65 -13.67
N VAL B 186 24.77 30.95 -13.74
CA VAL B 186 24.39 30.14 -14.90
C VAL B 186 22.97 30.52 -15.31
N SER B 187 22.56 29.99 -16.46
CA SER B 187 21.18 30.18 -16.90
C SER B 187 20.29 29.16 -16.20
N TRP B 188 19.15 29.63 -15.70
CA TRP B 188 18.25 28.74 -14.95
C TRP B 188 17.66 27.65 -15.83
N GLU B 189 17.60 27.86 -17.14
CA GLU B 189 17.09 26.84 -18.05
C GLU B 189 18.06 25.68 -18.25
N ASP B 190 19.25 25.73 -17.63
CA ASP B 190 20.20 24.63 -17.68
C ASP B 190 20.25 23.86 -16.37
N LEU B 191 19.20 23.94 -15.57
CA LEU B 191 19.11 23.24 -14.29
C LEU B 191 17.99 22.20 -14.38
N ASP B 192 18.34 20.94 -14.16
CA ASP B 192 17.36 19.84 -14.16
C ASP B 192 17.11 19.39 -12.72
N PRO B 193 16.03 19.82 -12.09
CA PRO B 193 15.80 19.50 -10.68
C PRO B 193 15.06 18.18 -10.48
N VAL B 194 15.25 17.62 -9.29
CA VAL B 194 14.44 16.51 -8.79
C VAL B 194 13.77 17.01 -7.52
N TYR B 195 12.44 16.95 -7.49
CA TYR B 195 11.66 17.67 -6.48
C TYR B 195 10.47 16.83 -6.04
N PHE B 196 10.11 16.96 -4.77
CA PHE B 196 8.92 16.31 -4.24
C PHE B 196 8.33 17.19 -3.14
N GLY B 197 7.05 17.03 -2.92
CA GLY B 197 6.38 17.71 -1.82
C GLY B 197 4.99 18.15 -2.23
N LEU B 198 4.33 18.84 -1.31
CA LEU B 198 3.08 19.53 -1.59
C LEU B 198 3.37 20.95 -2.05
N ASN B 199 2.32 21.65 -2.45
CA ASN B 199 2.47 23.05 -2.84
C ASN B 199 2.90 23.88 -1.64
N HIS B 200 3.93 24.71 -1.83
CA HIS B 200 4.49 25.53 -0.75
C HIS B 200 4.94 24.67 0.42
N TYR B 201 5.51 23.51 0.11
CA TYR B 201 5.93 22.54 1.12
C TYR B 201 6.69 21.40 0.44
N GLY B 202 7.92 21.67 0.00
CA GLY B 202 8.65 20.66 -0.75
C GLY B 202 10.15 20.86 -0.65
N TRP B 203 10.88 19.94 -1.26
CA TRP B 203 12.34 19.92 -1.20
C TRP B 203 12.91 19.51 -2.55
N PHE B 204 14.08 20.05 -2.87
CA PHE B 204 14.86 19.62 -4.02
C PHE B 204 15.91 18.61 -3.55
N THR B 205 15.81 17.38 -4.04
CA THR B 205 16.79 16.36 -3.69
C THR B 205 18.00 16.39 -4.60
N HIS B 206 17.85 16.86 -5.84
CA HIS B 206 18.96 16.98 -6.78
C HIS B 206 18.76 18.22 -7.64
N VAL B 207 19.87 18.83 -8.05
CA VAL B 207 19.85 19.95 -8.98
C VAL B 207 20.93 19.66 -10.02
N TYR B 208 20.53 19.06 -11.14
CA TYR B 208 21.47 18.60 -12.15
C TYR B 208 21.72 19.67 -13.20
N ASP B 209 22.96 19.73 -13.68
CA ASP B 209 23.28 20.55 -14.84
C ASP B 209 22.79 19.86 -16.10
N ARG B 210 22.19 20.64 -17.00
CA ARG B 210 21.54 20.04 -18.16
C ARG B 210 22.55 19.37 -19.08
N LYS B 211 23.67 20.04 -19.37
CA LYS B 211 24.59 19.53 -20.37
C LYS B 211 25.40 18.34 -19.86
N THR B 212 25.92 18.42 -18.64
CA THR B 212 26.83 17.41 -18.12
C THR B 212 26.17 16.41 -17.19
N GLY B 213 25.06 16.77 -16.54
CA GLY B 213 24.44 15.88 -15.59
C GLY B 213 25.05 15.88 -14.21
N GLU B 214 26.01 16.76 -13.95
CA GLU B 214 26.62 16.84 -12.63
C GLU B 214 25.62 17.40 -11.62
N ASP B 215 25.59 16.82 -10.43
CA ASP B 215 24.73 17.30 -9.35
C ASP B 215 25.35 18.56 -8.76
N LEU B 216 24.71 19.70 -9.00
CA LEU B 216 25.15 21.01 -8.52
C LEU B 216 24.78 21.26 -7.05
N LEU B 217 23.98 20.38 -6.46
CA LEU B 217 23.52 20.56 -5.08
C LEU B 217 24.66 20.75 -4.08
N PRO B 218 25.73 19.94 -4.11
CA PRO B 218 26.84 20.19 -3.18
C PRO B 218 27.44 21.58 -3.32
N GLU B 219 27.61 22.06 -4.55
CA GLU B 219 28.14 23.41 -4.74
C GLU B 219 27.15 24.47 -4.28
N ILE B 220 25.85 24.20 -4.45
CA ILE B 220 24.83 25.17 -4.00
C ILE B 220 24.91 25.35 -2.49
N LYS B 221 25.04 24.25 -1.75
CA LYS B 221 25.13 24.35 -0.29
C LYS B 221 26.38 25.10 0.15
N LYS B 222 27.48 24.96 -0.61
CA LYS B 222 28.71 25.64 -0.23
C LYS B 222 28.58 27.15 -0.40
N ILE B 223 28.03 27.60 -1.53
CA ILE B 223 27.89 29.03 -1.78
C ILE B 223 26.87 29.65 -0.84
N ILE B 224 25.77 28.92 -0.57
CA ILE B 224 24.77 29.42 0.37
C ILE B 224 25.38 29.63 1.75
N LYS B 225 26.24 28.71 2.18
CA LYS B 225 26.89 28.85 3.48
C LYS B 225 27.82 30.04 3.51
N GLU B 226 28.47 30.37 2.39
CA GLU B 226 29.44 31.46 2.38
C GLU B 226 28.76 32.82 2.20
N LYS B 227 27.92 32.92 1.17
CA LYS B 227 27.30 34.17 0.76
C LYS B 227 25.83 34.39 1.10
N GLY B 228 25.14 33.36 1.56
CA GLY B 228 23.70 33.48 1.78
C GLY B 228 22.89 33.26 0.50
N PHE B 229 21.58 33.45 0.59
CA PHE B 229 20.68 33.14 -0.51
C PHE B 229 19.83 34.33 -0.95
N LEU B 230 19.81 34.62 -2.24
CA LEU B 230 19.10 35.79 -2.78
C LEU B 230 18.12 35.46 -3.89
N PRO B 231 16.91 36.17 -3.86
CA PRO B 231 16.04 35.92 -5.02
C PRO B 231 16.65 36.50 -6.28
N GLN B 232 16.30 35.98 -7.44
CA GLN B 232 16.92 36.40 -8.67
C GLN B 232 16.71 37.89 -8.96
N ASP B 233 15.49 38.37 -8.75
CA ASP B 233 15.22 39.80 -8.79
C ASP B 233 15.34 40.44 -7.41
N ALA B 234 16.49 40.31 -6.77
CA ALA B 234 16.67 40.80 -5.42
C ALA B 234 16.50 42.32 -5.35
N GLU B 235 16.98 42.98 -6.39
CA GLU B 235 17.02 44.42 -6.42
C GLU B 235 15.61 44.98 -6.32
N GLN B 236 14.64 44.31 -6.94
CA GLN B 236 13.27 44.82 -6.85
C GLN B 236 12.35 44.22 -5.78
N ARG B 237 12.86 43.31 -4.97
CA ARG B 237 12.04 42.71 -3.90
C ARG B 237 11.83 43.59 -2.66
N ASP B 238 10.68 43.43 -2.03
CA ASP B 238 10.42 44.05 -0.74
C ASP B 238 11.29 43.34 0.28
N GLN B 239 11.57 44.00 1.40
CA GLN B 239 12.46 43.46 2.40
C GLN B 239 11.96 42.11 2.89
N SER B 240 10.65 41.99 3.00
CA SER B 240 10.03 40.78 3.53
C SER B 240 10.41 39.56 2.69
N TRP B 241 10.51 39.73 1.37
CA TRP B 241 10.95 38.63 0.53
C TRP B 241 12.45 38.40 0.63
N LEU B 242 13.23 39.45 0.87
CA LEU B 242 14.66 39.29 1.07
C LEU B 242 14.94 38.48 2.32
N ASP B 243 14.13 38.67 3.37
CA ASP B 243 14.30 37.88 4.59
C ASP B 243 13.89 36.43 4.37
N THR B 244 12.81 36.21 3.60
CA THR B 244 12.33 34.85 3.36
C THR B 244 13.37 34.03 2.60
N TYR B 245 13.94 34.61 1.55
CA TYR B 245 14.96 33.90 0.78
C TYR B 245 16.26 33.78 1.59
N GLY B 246 16.60 34.82 2.36
CA GLY B 246 17.82 34.76 3.15
C GLY B 246 17.76 33.72 4.25
N PHE B 247 16.56 33.39 4.72
CA PHE B 247 16.40 32.39 5.77
C PHE B 247 16.75 30.99 5.28
N VAL B 248 16.89 30.78 3.97
CA VAL B 248 17.31 29.48 3.45
C VAL B 248 18.69 29.11 3.98
N GLN B 249 19.54 30.12 4.25
CA GLN B 249 20.87 29.83 4.77
C GLN B 249 20.78 29.05 6.07
N THR B 250 20.03 29.56 7.06
CA THR B 250 19.95 28.88 8.34
C THR B 250 19.21 27.54 8.23
N GLU B 253 21.61 24.78 7.23
CA GLU B 253 22.57 24.42 8.26
C GLU B 253 21.96 23.46 9.27
N ASP B 254 20.65 23.58 9.53
CA ASP B 254 19.98 22.64 10.42
C ASP B 254 19.54 21.38 9.70
N PHE B 255 19.22 21.48 8.41
CA PHE B 255 18.76 20.34 7.60
C PHE B 255 19.49 20.38 6.27
N PRO B 256 20.71 19.84 6.22
CA PRO B 256 21.56 20.02 5.05
C PRO B 256 21.35 19.04 3.90
N ASP B 257 20.31 18.20 3.95
CA ASP B 257 20.14 17.20 2.90
C ASP B 257 19.61 17.83 1.61
N PHE B 258 18.47 18.50 1.69
CA PHE B 258 17.77 18.96 0.50
C PHE B 258 17.66 20.48 0.48
N LEU B 259 17.67 21.03 -0.73
CA LEU B 259 17.39 22.46 -0.92
C LEU B 259 15.90 22.71 -0.71
N PRO B 260 15.51 23.56 0.22
CA PRO B 260 14.09 23.63 0.61
C PRO B 260 13.29 24.70 -0.09
N ASN B 261 12.01 24.43 -0.29
CA ASN B 261 11.05 25.49 -0.62
C ASN B 261 11.08 26.54 0.48
N THR B 262 11.09 27.82 0.09
CA THR B 262 11.18 28.88 1.08
C THR B 262 9.98 28.90 2.01
N TYR B 263 8.87 28.28 1.61
CA TYR B 263 7.72 28.19 2.50
C TYR B 263 7.93 27.19 3.63
N ASP B 264 8.93 26.32 3.51
CA ASP B 264 9.23 25.37 4.59
C ASP B 264 9.64 26.06 5.88
N GLY B 265 10.08 27.33 5.80
CA GLY B 265 10.51 28.03 6.99
C GLY B 265 9.39 28.21 8.01
N TYR B 266 8.17 28.41 7.52
CA TYR B 266 7.03 28.55 8.42
C TYR B 266 6.79 27.27 9.21
N TYR B 267 6.85 26.12 8.53
CA TYR B 267 6.49 24.86 9.18
C TYR B 267 7.59 24.33 10.09
N LEU B 268 8.86 24.67 9.81
CA LEU B 268 9.96 24.20 10.63
C LEU B 268 10.40 25.21 11.68
N TYR B 269 10.04 26.49 11.53
CA TYR B 269 10.39 27.51 12.50
C TYR B 269 9.17 28.40 12.78
N PRO B 270 8.10 27.83 13.33
CA PRO B 270 6.92 28.67 13.60
C PRO B 270 7.15 29.71 14.69
N ASP B 271 8.03 29.43 15.65
CA ASP B 271 8.33 30.41 16.69
C ASP B 271 9.06 31.62 16.13
N TYR B 272 10.17 31.37 15.41
CA TYR B 272 10.97 32.47 14.87
C TYR B 272 10.18 33.28 13.86
N LYS B 273 9.43 32.62 12.98
CA LYS B 273 8.71 33.33 11.93
C LYS B 273 7.61 34.22 12.54
N PHE B 274 6.92 33.73 13.57
CA PHE B 274 5.87 34.52 14.20
C PHE B 274 6.45 35.74 14.92
N SER B 275 7.59 35.57 15.58
CA SER B 275 8.15 36.63 16.41
C SER B 275 8.64 37.82 15.59
N HIS B 276 8.83 37.65 14.28
CA HIS B 276 9.36 38.72 13.43
C HIS B 276 8.32 39.22 12.43
N LEU B 277 7.03 39.02 12.72
CA LEU B 277 5.97 39.50 11.84
C LEU B 277 5.18 40.60 12.53
N ASN B 278 4.87 41.65 11.75
CA ASN B 278 4.12 42.81 12.20
C ASN B 278 2.63 42.48 12.21
N PRO B 279 2.02 42.34 13.40
CA PRO B 279 0.58 42.00 13.44
C PRO B 279 -0.32 43.10 12.91
N ASP B 280 0.18 44.34 12.81
CA ASP B 280 -0.65 45.47 12.40
C ASP B 280 -0.31 46.03 11.03
N TYR B 281 0.84 45.66 10.45
CA TYR B 281 1.19 46.04 9.09
C TYR B 281 1.75 44.78 8.41
N THR B 282 0.86 44.00 7.82
CA THR B 282 1.19 42.67 7.35
C THR B 282 1.59 42.72 5.86
N ARG B 283 1.80 41.54 5.27
CA ARG B 283 2.24 41.46 3.88
C ARG B 283 1.17 42.01 2.94
N ALA B 284 -0.10 41.79 3.26
CA ALA B 284 -1.17 42.36 2.44
C ALA B 284 -1.11 43.88 2.42
N ASP B 285 -0.79 44.49 3.55
CA ASP B 285 -0.59 45.94 3.58
C ASP B 285 0.59 46.36 2.73
N GLU B 286 1.64 45.53 2.70
CA GLU B 286 2.80 45.83 1.87
C GLU B 286 2.43 45.80 0.39
N VAL B 287 1.63 44.82 -0.02
CA VAL B 287 1.24 44.71 -1.42
C VAL B 287 0.35 45.87 -1.83
N ILE B 288 -0.54 46.30 -0.93
CA ILE B 288 -1.43 47.41 -1.25
C ILE B 288 -0.64 48.70 -1.45
N ASP B 289 0.29 48.99 -0.52
CA ASP B 289 1.15 50.15 -0.67
C ASP B 289 2.27 49.94 -1.68
N GLY B 290 2.43 48.73 -2.21
CA GLY B 290 3.53 48.43 -3.11
C GLY B 290 3.10 48.05 -4.52
N ARG B 291 2.89 46.74 -4.75
CA ARG B 291 2.62 46.26 -6.10
C ARG B 291 1.34 46.87 -6.66
N GLU B 292 0.25 46.82 -5.88
CA GLU B 292 -1.00 47.37 -6.37
C GLU B 292 -0.91 48.87 -6.62
N LYS B 293 -0.20 49.59 -5.74
CA LYS B 293 -0.03 51.03 -5.91
C LYS B 293 0.72 51.34 -7.20
N ARG B 294 1.83 50.63 -7.44
CA ARG B 294 2.62 50.87 -8.64
C ARG B 294 1.87 50.47 -9.90
N VAL B 295 1.22 49.31 -9.87
CA VAL B 295 0.64 48.74 -11.09
C VAL B 295 -0.48 49.62 -11.61
N PHE B 296 -1.42 50.00 -10.74
CA PHE B 296 -2.55 50.82 -11.17
C PHE B 296 -2.11 52.24 -11.51
N ALA B 297 -1.02 52.72 -10.90
CA ALA B 297 -0.52 54.05 -11.22
C ALA B 297 0.04 54.10 -12.63
N GLU B 298 0.74 53.04 -13.05
CA GLU B 298 1.27 53.00 -14.41
C GLU B 298 0.13 52.95 -15.44
N CYS B 299 -0.94 52.21 -15.13
CA CYS B 299 -2.07 52.12 -16.05
C CYS B 299 -2.74 53.47 -16.22
N ARG B 300 -3.03 54.16 -15.11
CA ARG B 300 -3.68 55.46 -15.25
C ARG B 300 -2.74 56.49 -15.87
N GLU B 301 -1.42 56.27 -15.79
CA GLU B 301 -0.49 57.15 -16.48
C GLU B 301 -0.59 57.01 -17.99
N VAL B 302 -0.70 55.76 -18.48
CA VAL B 302 -0.78 55.52 -19.91
C VAL B 302 -2.11 56.01 -20.48
N ILE B 303 -3.19 55.81 -19.72
CA ILE B 303 -4.51 56.26 -20.17
C ILE B 303 -4.53 57.77 -20.33
N ALA B 304 -3.86 58.49 -19.42
CA ALA B 304 -3.91 59.95 -19.43
C ALA B 304 -3.25 60.52 -20.69
N ARG B 305 -2.11 59.97 -21.10
CA ARG B 305 -1.47 60.37 -22.35
C ARG B 305 -2.21 59.83 -23.57
N GLY B 306 -2.78 58.64 -23.43
CA GLY B 306 -3.37 57.93 -24.55
C GLY B 306 -2.40 57.13 -25.37
N GLU B 307 -1.11 57.18 -25.07
CA GLU B 307 -0.12 56.38 -25.78
C GLU B 307 0.87 55.80 -24.82
N LEU B 308 1.64 54.82 -25.29
CA LEU B 308 2.60 54.16 -24.44
C LEU B 308 3.67 55.17 -24.13
N GLY B 309 3.95 55.99 -25.12
CA GLY B 309 4.95 57.01 -25.00
C GLY B 309 6.12 56.53 -25.81
N ASP B 310 7.22 57.24 -25.74
CA ASP B 310 8.48 56.78 -26.31
C ASP B 310 9.38 56.24 -25.22
N ARG B 311 8.96 56.41 -23.99
CA ARG B 311 9.77 56.00 -22.86
C ARG B 311 9.26 54.71 -22.21
N PHE B 312 8.32 54.05 -22.86
CA PHE B 312 7.76 52.84 -22.27
C PHE B 312 8.72 51.69 -22.50
N ASP B 313 9.23 51.15 -21.40
CA ASP B 313 10.23 50.09 -21.45
C ASP B 313 9.72 48.89 -20.69
N THR B 314 9.83 47.70 -21.27
CA THR B 314 9.30 46.52 -20.60
C THR B 314 10.31 45.87 -19.68
N ILE B 315 9.81 45.22 -18.62
CA ILE B 315 10.59 44.24 -17.89
C ILE B 315 10.04 42.89 -18.30
N SER B 316 10.82 41.85 -18.13
CA SER B 316 10.25 40.57 -18.42
C SER B 316 9.71 40.05 -17.10
N ASP B 317 8.46 39.59 -17.17
CA ASP B 317 7.82 39.12 -15.97
C ASP B 317 7.88 37.62 -15.86
N ALA B 318 8.76 37.13 -15.01
CA ALA B 318 8.88 35.71 -14.80
C ALA B 318 7.55 35.07 -14.47
N HIS B 319 6.75 35.71 -13.64
CA HIS B 319 5.51 35.11 -13.18
C HIS B 319 4.55 34.86 -14.35
N ALA B 320 4.32 35.88 -15.17
CA ALA B 320 3.41 35.72 -16.30
C ALA B 320 3.99 34.79 -17.36
N GLU B 321 5.32 34.81 -17.55
CA GLU B 321 5.92 34.05 -18.64
C GLU B 321 5.90 32.55 -18.38
N ILE B 324 2.55 31.20 -19.51
CA ILE B 324 2.57 31.24 -20.96
C ILE B 324 3.44 30.11 -21.52
N LYS B 325 4.60 29.88 -20.90
CA LYS B 325 5.45 28.76 -21.32
C LYS B 325 4.74 27.43 -21.11
N VAL B 326 3.98 27.31 -20.02
CA VAL B 326 3.22 26.10 -19.78
C VAL B 326 2.17 25.91 -20.87
N ALA B 327 1.49 26.99 -21.25
CA ALA B 327 0.52 26.91 -22.33
C ALA B 327 1.18 26.53 -23.65
N GLU B 328 2.42 26.99 -23.87
CA GLU B 328 3.16 26.60 -25.07
C GLU B 328 3.47 25.10 -25.05
N ALA B 329 3.98 24.60 -23.93
CA ALA B 329 4.33 23.19 -23.83
C ALA B 329 3.11 22.31 -24.06
N ILE B 330 1.94 22.76 -23.59
CA ILE B 330 0.71 22.00 -23.84
C ILE B 330 0.31 22.13 -25.30
N ALA B 331 0.13 23.36 -25.78
CA ALA B 331 -0.43 23.58 -27.11
C ALA B 331 0.43 22.94 -28.20
N TYR B 332 1.74 22.88 -28.01
CA TYR B 332 2.64 22.33 -29.02
C TYR B 332 3.21 20.97 -28.64
N ASN B 333 2.69 20.35 -27.57
CA ASN B 333 3.07 19.00 -27.17
C ASN B 333 4.58 18.87 -27.03
N LYS B 334 5.18 19.83 -26.31
CA LYS B 334 6.63 19.85 -26.20
C LYS B 334 7.16 18.74 -25.30
N ASN B 335 6.36 18.31 -24.32
CA ASN B 335 6.78 17.31 -23.32
C ASN B 335 8.03 17.77 -22.58
N THR B 336 8.09 19.06 -22.28
CA THR B 336 9.17 19.63 -21.48
C THR B 336 8.83 19.54 -20.00
N ARG B 337 9.86 19.70 -19.16
CA ARG B 337 9.74 19.41 -17.74
C ARG B 337 9.36 20.66 -16.95
N PHE B 338 8.27 20.56 -16.19
CA PHE B 338 7.83 21.59 -15.27
C PHE B 338 7.48 20.95 -13.93
N ILE B 339 7.45 21.77 -12.89
CA ILE B 339 7.05 21.32 -11.56
C ILE B 339 5.62 21.81 -11.34
N VAL B 340 4.66 20.90 -11.47
CA VAL B 340 3.24 21.22 -11.36
C VAL B 340 2.59 20.29 -10.35
N ILE B 341 1.31 20.56 -10.07
CA ILE B 341 0.55 19.81 -9.07
C ILE B 341 -0.26 18.74 -9.77
N VAL B 342 -0.10 17.48 -9.33
CA VAL B 342 -0.76 16.33 -9.94
C VAL B 342 -1.26 15.40 -8.85
N LYS B 343 -2.20 14.54 -9.23
CA LYS B 343 -2.65 13.47 -8.35
C LYS B 343 -1.53 12.45 -8.19
N ASN B 344 -1.29 12.04 -6.94
CA ASN B 344 -0.15 11.19 -6.62
C ASN B 344 -0.24 9.83 -7.30
N GLU B 345 -1.14 8.98 -6.81
CA GLU B 345 -1.33 7.58 -7.26
C GLU B 345 0.01 6.90 -7.53
N GLY B 346 0.79 6.81 -6.45
CA GLY B 346 2.01 6.04 -6.45
C GLY B 346 3.28 6.80 -6.79
N ALA B 347 3.18 8.01 -7.33
CA ALA B 347 4.37 8.78 -7.66
C ALA B 347 5.21 9.05 -6.42
N ILE B 348 4.55 9.36 -5.31
CA ILE B 348 5.16 9.31 -3.99
C ILE B 348 4.64 8.04 -3.34
N ALA B 349 5.49 7.01 -3.30
CA ALA B 349 5.01 5.64 -3.12
C ALA B 349 4.40 5.39 -1.74
N ASN B 350 4.90 6.05 -0.70
CA ASN B 350 4.41 5.82 0.65
C ASN B 350 3.41 6.88 1.11
N GLN B 352 -0.77 8.41 0.28
CA GLN B 352 -2.03 7.91 -0.25
C GLN B 352 -2.21 8.33 -1.70
N ASP B 353 -3.08 7.58 -2.40
CA ASP B 353 -3.22 7.76 -3.84
C ASP B 353 -3.89 9.07 -4.19
N ASP B 354 -4.89 9.49 -3.41
CA ASP B 354 -5.69 10.67 -3.75
C ASP B 354 -5.10 11.97 -3.23
N ALA B 355 -3.81 11.99 -2.89
CA ALA B 355 -3.17 13.21 -2.44
C ALA B 355 -2.71 14.04 -3.64
N VAL B 357 -0.09 16.33 -5.07
CA VAL B 357 1.31 16.57 -4.78
C VAL B 357 1.95 17.38 -5.91
N GLU B 358 3.16 17.87 -5.65
CA GLU B 358 3.90 18.72 -6.57
C GLU B 358 5.16 17.98 -7.00
N LEU B 359 5.29 17.73 -8.31
CA LEU B 359 6.39 16.93 -8.82
C LEU B 359 6.81 17.44 -10.19
N VAL B 360 7.96 16.95 -10.65
CA VAL B 360 8.45 17.21 -12.01
C VAL B 360 7.65 16.35 -12.97
N CYS B 361 7.19 16.96 -14.07
CA CYS B 361 6.38 16.24 -15.05
C CYS B 361 6.74 16.71 -16.46
N GLU B 362 6.51 15.82 -17.43
CA GLU B 362 6.47 16.22 -18.84
C GLU B 362 5.07 16.73 -19.17
N LEU B 363 5.01 17.78 -19.98
CA LEU B 363 3.74 18.44 -20.25
C LEU B 363 3.50 18.51 -21.76
N GLY B 364 2.37 17.94 -22.19
CA GLY B 364 1.97 18.03 -23.57
C GLY B 364 0.47 18.22 -23.74
N ILE B 365 -0.04 17.91 -24.96
CA ILE B 365 -1.46 18.05 -25.22
C ILE B 365 -2.29 17.23 -24.22
N ASN B 366 -1.76 16.10 -23.75
CA ASN B 366 -2.54 15.18 -22.93
C ASN B 366 -2.35 15.39 -21.42
N GLY B 367 -1.73 16.49 -21.02
CA GLY B 367 -1.59 16.79 -19.62
C GLY B 367 -0.23 16.39 -19.07
N PRO B 368 -0.08 16.48 -17.75
CA PRO B 368 1.20 16.15 -17.12
C PRO B 368 1.47 14.66 -17.08
N ARG B 369 2.74 14.30 -17.30
CA ARG B 369 3.22 12.93 -17.20
C ARG B 369 4.19 12.91 -16.02
N ARG B 370 3.65 12.66 -14.83
CA ARG B 370 4.44 12.77 -13.61
C ARG B 370 5.50 11.66 -13.55
N ALA B 372 8.01 9.14 -11.18
CA ALA B 372 8.03 8.46 -9.89
C ALA B 372 9.19 8.98 -9.04
N VAL B 373 8.87 9.28 -7.78
CA VAL B 373 9.88 9.68 -6.81
C VAL B 373 10.27 8.55 -5.87
N GLY B 374 9.38 7.61 -5.59
CA GLY B 374 9.66 6.53 -4.67
C GLY B 374 9.18 6.82 -3.26
N ASN B 375 9.75 6.10 -2.31
CA ASN B 375 9.45 6.32 -0.90
C ASN B 375 10.28 7.48 -0.38
N ILE B 376 9.62 8.51 0.13
CA ILE B 376 10.30 9.67 0.68
C ILE B 376 10.74 9.33 2.10
N PRO B 377 11.78 9.97 2.63
CA PRO B 377 12.26 9.63 3.97
C PRO B 377 11.21 9.89 5.05
N GLN B 378 11.43 9.26 6.20
CA GLN B 378 10.43 9.27 7.27
C GLN B 378 10.17 10.67 7.81
N PHE B 379 11.21 11.48 7.91
CA PHE B 379 11.05 12.83 8.47
C PHE B 379 10.11 13.67 7.60
N TYR B 380 10.27 13.60 6.28
CA TYR B 380 9.43 14.38 5.38
C TYR B 380 8.05 13.75 5.21
N LEU B 381 7.94 12.43 5.36
CA LEU B 381 6.64 11.79 5.32
C LEU B 381 5.76 12.28 6.47
N GLY B 382 6.33 12.37 7.67
CA GLY B 382 5.56 12.86 8.80
C GLY B 382 5.09 14.29 8.62
N LEU B 383 5.94 15.13 8.03
CA LEU B 383 5.57 16.53 7.81
C LEU B 383 4.48 16.64 6.75
N LEU B 384 4.62 15.91 5.64
CA LEU B 384 3.70 16.07 4.52
C LEU B 384 2.38 15.35 4.75
N VAL B 385 2.39 14.22 5.49
CA VAL B 385 1.14 13.55 5.81
C VAL B 385 0.30 14.40 6.76
N GLN B 386 0.97 15.10 7.68
CA GLN B 386 0.25 15.99 8.59
C GLN B 386 -0.42 17.13 7.83
N GLN B 387 0.27 17.70 6.84
CA GLN B 387 -0.26 18.85 6.13
C GLN B 387 -1.38 18.43 5.17
N VAL B 388 -1.17 17.35 4.41
CA VAL B 388 -2.20 16.93 3.45
C VAL B 388 -3.43 16.41 4.17
N SER B 389 -3.27 15.90 5.40
CA SER B 389 -4.42 15.52 6.19
C SER B 389 -5.21 16.75 6.64
N SER B 390 -4.50 17.83 7.00
CA SER B 390 -5.16 19.06 7.38
C SER B 390 -5.91 19.66 6.20
N GLU B 391 -5.30 19.65 5.01
CA GLU B 391 -5.96 20.22 3.83
C GLU B 391 -7.17 19.39 3.43
N LYS B 392 -7.08 18.06 3.53
CA LYS B 392 -8.21 17.21 3.15
C LYS B 392 -9.35 17.36 4.15
N LEU B 393 -9.04 17.54 5.43
CA LEU B 393 -10.08 17.82 6.41
C LEU B 393 -10.74 19.16 6.17
N LEU B 394 -10.00 20.12 5.59
CA LEU B 394 -10.56 21.44 5.34
C LEU B 394 -11.63 21.39 4.26
N VAL B 395 -11.31 20.79 3.11
CA VAL B 395 -12.30 20.66 2.06
C VAL B 395 -13.37 19.64 2.42
N ASP B 396 -13.08 18.75 3.39
CA ASP B 396 -14.14 17.94 3.97
C ASP B 396 -15.21 18.82 4.61
N ALA B 397 -14.77 19.87 5.32
CA ALA B 397 -15.72 20.79 5.93
C ALA B 397 -16.50 21.57 4.87
N TYR B 398 -15.87 21.85 3.73
CA TYR B 398 -16.58 22.55 2.66
C TYR B 398 -17.71 21.70 2.09
N TYR B 399 -17.43 20.43 1.79
CA TYR B 399 -18.43 19.57 1.17
C TYR B 399 -19.50 19.15 2.16
N GLU B 400 -19.14 18.95 3.42
CA GLU B 400 -20.07 18.48 4.44
C GLU B 400 -20.70 19.59 5.26
N HIS B 401 -20.26 20.84 5.06
CA HIS B 401 -20.72 21.98 5.87
C HIS B 401 -20.52 21.69 7.36
N SER B 402 -19.37 21.10 7.68
CA SER B 402 -19.12 20.55 9.01
C SER B 402 -18.18 21.48 9.78
N TYR B 403 -18.70 22.07 10.86
CA TYR B 403 -17.84 22.80 11.79
C TYR B 403 -16.81 21.88 12.42
N GLN B 404 -17.17 20.61 12.65
CA GLN B 404 -16.26 19.67 13.29
C GLN B 404 -15.07 19.37 12.39
N LYS B 405 -15.30 19.23 11.08
CA LYS B 405 -14.20 18.97 10.16
C LYS B 405 -13.27 20.16 10.06
N ALA B 406 -13.82 21.38 10.14
CA ALA B 406 -12.99 22.57 10.11
C ALA B 406 -12.14 22.68 11.37
N LEU B 407 -12.71 22.33 12.53
CA LEU B 407 -11.96 22.39 13.78
C LEU B 407 -10.80 21.41 13.78
N GLU B 408 -11.02 20.21 13.24
CA GLU B 408 -9.95 19.21 13.19
C GLU B 408 -8.87 19.63 12.21
N ALA B 409 -9.26 20.27 11.09
CA ALA B 409 -8.27 20.76 10.14
C ALA B 409 -7.43 21.87 10.76
N PHE B 410 -8.04 22.73 11.56
CA PHE B 410 -7.29 23.79 12.23
C PHE B 410 -6.40 23.23 13.32
N THR B 411 -6.91 22.28 14.11
CA THR B 411 -6.13 21.70 15.20
C THR B 411 -4.92 20.95 14.66
N LEU B 412 -5.10 20.18 13.59
CA LEU B 412 -4.01 19.33 13.08
C LEU B 412 -2.91 20.15 12.44
N ASN B 413 -3.23 21.31 11.86
CA ASN B 413 -2.25 22.09 11.12
C ASN B 413 -1.08 22.47 12.02
N ARG B 414 0.12 22.38 11.46
CA ARG B 414 1.35 22.62 12.20
C ARG B 414 1.41 24.05 12.75
N LEU B 415 0.88 24.99 11.98
CA LEU B 415 1.01 26.37 12.42
C LEU B 415 -0.13 26.82 13.32
N ILE B 416 -1.02 25.91 13.69
CA ILE B 416 -1.92 26.19 14.78
C ILE B 416 -1.64 25.28 15.97
N ASN B 417 -1.81 23.98 15.78
CA ASN B 417 -1.27 22.99 16.70
C ASN B 417 -1.93 22.93 18.05
N ASP B 418 -3.05 23.62 18.22
CA ASP B 418 -3.77 23.57 19.49
C ASP B 418 -5.28 23.61 19.25
N ALA B 419 -6.00 22.69 19.89
CA ALA B 419 -7.45 22.64 19.73
C ALA B 419 -8.18 23.85 20.28
N LYS B 420 -7.76 24.34 21.44
CA LYS B 420 -8.37 25.54 22.00
C LYS B 420 -8.03 26.77 21.18
N LYS B 421 -6.78 26.86 20.71
CA LYS B 421 -6.42 27.93 19.79
C LYS B 421 -7.14 27.79 18.45
N ALA B 422 -7.37 26.54 18.01
CA ALA B 422 -8.08 26.31 16.77
C ALA B 422 -9.51 26.86 16.83
N ARG B 423 -10.22 26.51 17.91
CA ARG B 423 -11.59 27.00 18.06
C ARG B 423 -11.65 28.52 18.15
N GLU B 424 -10.65 29.14 18.78
CA GLU B 424 -10.65 30.59 18.91
C GLU B 424 -10.46 31.26 17.55
N ILE B 425 -9.48 30.80 16.76
CA ILE B 425 -9.25 31.39 15.46
C ILE B 425 -10.39 31.04 14.50
N LEU B 426 -10.86 29.79 14.54
CA LEU B 426 -11.93 29.38 13.64
C LEU B 426 -13.20 30.19 13.87
N ASP B 427 -13.55 30.43 15.13
CA ASP B 427 -14.73 31.24 15.43
C ASP B 427 -14.56 32.67 14.97
N ALA B 428 -13.34 33.20 15.03
CA ALA B 428 -13.10 34.57 14.58
C ALA B 428 -13.17 34.66 13.06
N ILE B 430 -14.98 32.75 11.06
CA ILE B 430 -16.35 32.54 10.61
C ILE B 430 -17.12 33.85 10.57
N GLU B 431 -16.97 34.67 11.61
CA GLU B 431 -17.61 35.98 11.64
C GLU B 431 -17.13 36.85 10.50
N VAL B 432 -15.84 36.90 10.26
CA VAL B 432 -15.34 37.80 9.25
C VAL B 432 -15.66 37.37 7.81
N ASN B 433 -15.86 36.08 7.60
CA ASN B 433 -16.12 35.55 6.28
C ASN B 433 -17.59 35.30 6.03
N LYS B 434 -18.44 35.96 6.78
CA LYS B 434 -19.84 35.67 6.56
C LYS B 434 -20.19 36.07 5.16
N GLY B 435 -20.84 35.13 4.51
CA GLY B 435 -21.20 35.29 3.13
C GLY B 435 -20.19 34.78 2.12
N TRP B 437 -17.84 32.08 3.03
CA TRP B 437 -17.58 30.70 3.41
C TRP B 437 -18.82 29.85 3.19
N PRO B 438 -18.66 28.54 3.05
CA PRO B 438 -19.81 27.66 3.23
C PRO B 438 -20.21 27.64 4.70
N GLU B 439 -21.49 27.42 4.95
CA GLU B 439 -21.96 27.38 6.32
C GLU B 439 -21.34 26.19 7.05
N LEU B 440 -21.05 26.38 8.33
CA LEU B 440 -20.36 25.37 9.14
C LEU B 440 -21.20 25.10 10.39
N LYS B 441 -21.84 23.94 10.43
CA LYS B 441 -22.65 23.54 11.58
C LYS B 441 -22.13 22.24 12.19
N LYS C 2 -35.64 -14.90 25.81
CA LYS C 2 -35.68 -14.45 24.43
C LYS C 2 -35.69 -15.63 23.47
N LYS C 3 -36.55 -15.53 22.45
CA LYS C 3 -36.72 -16.56 21.45
C LYS C 3 -36.66 -15.91 20.07
N TYR C 4 -36.21 -16.67 19.07
CA TYR C 4 -35.87 -16.10 17.78
C TYR C 4 -36.78 -16.64 16.67
N ASN C 5 -36.87 -15.84 15.60
CA ASN C 5 -37.67 -16.17 14.43
C ASN C 5 -36.73 -16.30 13.23
N VAL C 6 -36.76 -17.46 12.58
CA VAL C 6 -35.80 -17.80 11.54
C VAL C 6 -36.54 -18.23 10.28
N CYS C 7 -36.00 -17.87 9.12
CA CYS C 7 -36.50 -18.33 7.83
C CYS C 7 -35.36 -18.96 7.04
N ILE C 8 -35.64 -20.10 6.42
CA ILE C 8 -34.68 -20.80 5.60
C ILE C 8 -35.05 -20.57 4.14
N VAL C 9 -34.20 -19.84 3.42
CA VAL C 9 -34.40 -19.64 1.98
C VAL C 9 -33.87 -20.87 1.25
N GLY C 10 -34.73 -21.49 0.45
CA GLY C 10 -34.38 -22.74 -0.21
C GLY C 10 -34.78 -23.94 0.63
N GLY C 11 -36.05 -23.96 1.07
CA GLY C 11 -36.53 -25.05 1.89
C GLY C 11 -36.58 -26.38 1.18
N GLY C 12 -36.57 -26.38 -0.15
CA GLY C 12 -36.54 -27.61 -0.92
C GLY C 12 -35.16 -28.20 -1.12
N SER C 13 -34.15 -27.67 -0.43
CA SER C 13 -32.79 -28.17 -0.58
C SER C 13 -32.64 -29.54 0.07
N THR C 14 -31.71 -30.33 -0.45
CA THR C 14 -31.43 -31.64 0.12
C THR C 14 -30.83 -31.55 1.51
N TYR C 15 -30.34 -30.38 1.91
CA TYR C 15 -29.80 -30.16 3.25
C TYR C 15 -30.87 -29.73 4.25
N THR C 16 -32.07 -29.37 3.79
CA THR C 16 -33.07 -28.84 4.70
C THR C 16 -33.53 -29.83 5.76
N PRO C 17 -33.81 -31.10 5.46
CA PRO C 17 -34.16 -32.04 6.55
C PRO C 17 -33.09 -32.14 7.62
N GLY C 18 -31.81 -32.10 7.22
CA GLY C 18 -30.75 -32.06 8.22
C GLY C 18 -30.81 -30.84 9.10
N PHE C 19 -31.24 -29.70 8.55
CA PHE C 19 -31.44 -28.50 9.36
C PHE C 19 -32.57 -28.69 10.36
N LEU C 20 -33.66 -29.33 9.94
CA LEU C 20 -34.81 -29.52 10.81
C LEU C 20 -34.47 -30.44 11.97
N LYS C 21 -33.72 -31.51 11.71
CA LYS C 21 -33.33 -32.40 12.80
C LYS C 21 -32.38 -31.71 13.77
N SER C 22 -31.41 -30.95 13.25
CA SER C 22 -30.45 -30.27 14.11
C SER C 22 -31.12 -29.16 14.93
N PHE C 23 -32.13 -28.50 14.36
CA PHE C 23 -32.94 -27.59 15.16
C PHE C 23 -33.56 -28.31 16.35
N VAL C 24 -33.89 -29.59 16.18
CA VAL C 24 -34.47 -30.38 17.27
C VAL C 24 -33.40 -30.73 18.30
N ARG C 25 -32.22 -31.16 17.84
CA ARG C 25 -31.14 -31.51 18.75
C ARG C 25 -30.65 -30.32 19.57
N LEU C 26 -30.74 -29.12 19.00
CA LEU C 26 -30.14 -27.92 19.58
C LEU C 26 -31.20 -26.91 20.02
N GLN C 27 -32.44 -27.36 20.25
CA GLN C 27 -33.53 -26.44 20.53
C GLN C 27 -33.35 -25.69 21.84
N ASN C 28 -32.54 -26.20 22.76
CA ASN C 28 -32.31 -25.48 24.02
C ASN C 28 -31.17 -24.47 23.94
N GLU C 29 -30.23 -24.65 23.01
CA GLU C 29 -29.14 -23.69 22.87
C GLU C 29 -29.44 -22.63 21.80
N PHE C 30 -30.34 -22.94 20.86
CA PHE C 30 -30.86 -21.98 19.89
C PHE C 30 -32.38 -21.98 19.99
N PRO C 31 -32.93 -21.22 20.95
CA PRO C 31 -34.38 -21.23 21.17
C PRO C 31 -35.12 -20.45 20.10
N GLU C 33 -38.95 -19.36 18.14
CA GLU C 33 -40.40 -19.23 18.21
C GLU C 33 -41.09 -19.60 16.91
N LYS C 34 -40.44 -19.39 15.77
CA LYS C 34 -41.07 -19.57 14.48
C LYS C 34 -40.01 -19.91 13.44
N LEU C 35 -40.33 -20.87 12.57
CA LEU C 35 -39.47 -21.25 11.45
C LEU C 35 -40.32 -21.30 10.19
N VAL C 36 -39.83 -20.68 9.13
CA VAL C 36 -40.54 -20.62 7.86
C VAL C 36 -39.59 -21.08 6.75
N LEU C 37 -39.96 -22.15 6.05
CA LEU C 37 -39.23 -22.57 4.86
C LEU C 37 -39.76 -21.81 3.65
N PHE C 38 -38.88 -21.18 2.91
CA PHE C 38 -39.25 -20.47 1.69
C PHE C 38 -38.55 -21.09 0.50
N ASP C 39 -39.25 -21.13 -0.64
CA ASP C 39 -38.70 -21.63 -1.87
C ASP C 39 -39.55 -21.12 -3.03
N ILE C 40 -38.96 -21.11 -4.22
CA ILE C 40 -39.70 -20.77 -5.43
C ILE C 40 -40.25 -22.00 -6.14
N ASP C 41 -39.87 -23.19 -5.70
CA ASP C 41 -40.38 -24.45 -6.25
C ASP C 41 -41.26 -25.08 -5.17
N ALA C 42 -42.57 -24.90 -5.31
CA ALA C 42 -43.51 -25.39 -4.30
C ALA C 42 -43.54 -26.91 -4.27
N GLU C 43 -43.52 -27.55 -5.45
CA GLU C 43 -43.66 -29.00 -5.51
C GLU C 43 -42.45 -29.71 -4.90
N ARG C 44 -41.27 -29.08 -4.95
CA ARG C 44 -40.08 -29.69 -4.37
C ARG C 44 -39.99 -29.48 -2.87
N GLN C 45 -40.46 -28.33 -2.38
CA GLN C 45 -40.43 -28.04 -0.95
C GLN C 45 -41.51 -28.78 -0.18
N GLN C 46 -42.60 -29.16 -0.83
CA GLN C 46 -43.73 -29.76 -0.12
C GLN C 46 -43.37 -31.02 0.67
N PRO C 47 -42.70 -32.03 0.10
CA PRO C 47 -42.41 -33.22 0.91
C PRO C 47 -41.49 -32.95 2.09
N ILE C 48 -40.56 -32.00 1.96
CA ILE C 48 -39.70 -31.65 3.07
C ILE C 48 -40.48 -30.95 4.17
N GLY C 49 -41.36 -30.02 3.78
CA GLY C 49 -42.14 -29.28 4.77
C GLY C 49 -43.10 -30.16 5.54
N GLU C 50 -43.72 -31.13 4.85
CA GLU C 50 -44.63 -32.03 5.54
C GLU C 50 -43.88 -32.96 6.49
N PHE C 51 -42.67 -33.36 6.12
CA PHE C 51 -41.83 -34.12 7.05
C PHE C 51 -41.49 -33.29 8.28
N GLY C 52 -41.26 -31.99 8.09
CA GLY C 52 -40.96 -31.13 9.21
C GLY C 52 -42.13 -30.99 10.17
N LYS C 53 -43.35 -30.92 9.62
CA LYS C 53 -44.53 -30.83 10.48
C LYS C 53 -44.73 -32.09 11.30
N ILE C 54 -44.40 -33.25 10.72
CA ILE C 54 -44.41 -34.49 11.49
C ILE C 54 -43.25 -34.51 12.48
N LEU C 55 -42.06 -34.13 12.01
CA LEU C 55 -40.87 -34.12 12.85
C LEU C 55 -41.06 -33.26 14.08
N PHE C 56 -41.46 -32.00 13.86
CA PHE C 56 -41.56 -31.06 14.97
C PHE C 56 -42.72 -31.42 15.89
N SER C 57 -43.83 -31.90 15.35
CA SER C 57 -44.97 -32.25 16.19
C SER C 57 -44.59 -33.26 17.26
N GLU C 58 -43.70 -34.20 16.93
CA GLU C 58 -43.33 -35.25 17.87
C GLU C 58 -42.21 -34.80 18.80
N ARG C 59 -41.26 -34.00 18.31
CA ARG C 59 -40.08 -33.65 19.09
C ARG C 59 -40.00 -32.18 19.50
N PHE C 60 -40.56 -31.26 18.70
CA PHE C 60 -40.48 -29.83 18.96
C PHE C 60 -41.88 -29.22 18.85
N PRO C 61 -42.77 -29.54 19.78
CA PRO C 61 -44.19 -29.23 19.57
C PRO C 61 -44.56 -27.76 19.67
N GLU C 62 -43.81 -26.97 20.43
CA GLU C 62 -44.17 -25.57 20.66
C GLU C 62 -43.71 -24.64 19.55
N LEU C 63 -43.17 -25.17 18.47
CA LEU C 63 -42.63 -24.36 17.38
C LEU C 63 -43.70 -24.03 16.37
N ASP C 64 -43.75 -22.77 15.95
CA ASP C 64 -44.63 -22.34 14.86
C ASP C 64 -43.89 -22.56 13.55
N PHE C 65 -44.16 -23.70 12.92
CA PHE C 65 -43.44 -24.12 11.72
C PHE C 65 -44.39 -24.14 10.53
N SER C 66 -43.96 -23.50 9.44
CA SER C 66 -44.73 -23.48 8.20
C SER C 66 -43.75 -23.42 7.02
N TYR C 67 -44.30 -23.55 5.82
CA TYR C 67 -43.52 -23.40 4.60
C TYR C 67 -44.41 -22.78 3.54
N THR C 68 -43.82 -21.90 2.72
CA THR C 68 -44.62 -21.10 1.80
C THR C 68 -43.79 -20.75 0.57
N THR C 69 -44.50 -20.36 -0.49
CA THR C 69 -43.91 -19.80 -1.69
C THR C 69 -44.02 -18.27 -1.73
N ASP C 70 -44.45 -17.66 -0.64
CA ASP C 70 -44.73 -16.24 -0.61
C ASP C 70 -43.60 -15.50 0.10
N PRO C 71 -42.94 -14.55 -0.56
CA PRO C 71 -41.87 -13.79 0.12
C PRO C 71 -42.37 -13.00 1.32
N ALA C 72 -43.58 -12.45 1.25
CA ALA C 72 -44.09 -11.62 2.33
C ALA C 72 -44.33 -12.45 3.60
N GLU C 73 -44.78 -13.69 3.44
CA GLU C 73 -45.02 -14.53 4.61
C GLU C 73 -43.72 -15.02 5.24
N ALA C 74 -42.65 -15.14 4.45
CA ALA C 74 -41.42 -15.74 4.93
C ALA C 74 -40.47 -14.74 5.57
N TYR C 75 -40.53 -13.46 5.19
CA TYR C 75 -39.49 -12.51 5.55
C TYR C 75 -39.91 -11.48 6.60
N LYS C 76 -41.19 -11.39 6.94
CA LYS C 76 -41.63 -10.39 7.90
C LYS C 76 -41.34 -10.83 9.33
N ASP C 77 -40.85 -9.88 10.15
CA ASP C 77 -40.48 -10.12 11.55
C ASP C 77 -39.57 -11.35 11.65
N ASP C 79 -35.64 -12.66 12.61
CA ASP C 79 -34.37 -12.36 13.26
C ASP C 79 -33.18 -12.92 12.49
N PHE C 80 -33.36 -14.06 11.85
CA PHE C 80 -32.31 -14.64 11.04
C PHE C 80 -32.84 -15.17 9.72
N ILE C 81 -32.03 -15.07 8.69
CA ILE C 81 -32.31 -15.77 7.45
C ILE C 81 -31.14 -16.70 7.13
N PHE C 82 -31.45 -17.96 6.90
CA PHE C 82 -30.44 -18.92 6.49
C PHE C 82 -30.68 -19.17 5.02
N GLN C 84 -29.77 -21.07 1.57
CA GLN C 84 -29.10 -22.18 0.90
C GLN C 84 -29.65 -22.47 -0.49
N ARG C 86 -29.84 -22.97 -4.45
CA ARG C 86 -28.96 -23.30 -5.55
C ARG C 86 -29.62 -22.75 -6.78
N ALA C 87 -29.00 -21.78 -7.43
CA ALA C 87 -29.66 -21.10 -8.53
C ALA C 87 -29.53 -21.93 -9.79
N GLY C 88 -30.67 -22.31 -10.34
CA GLY C 88 -30.74 -23.15 -11.52
C GLY C 88 -30.80 -24.63 -11.17
N GLY C 89 -30.61 -24.93 -9.89
CA GLY C 89 -30.81 -26.27 -9.40
C GLY C 89 -29.74 -27.27 -9.79
N LEU C 90 -29.96 -28.52 -9.42
CA LEU C 90 -29.04 -29.59 -9.76
C LEU C 90 -28.95 -29.79 -11.26
N PRO C 91 -30.07 -29.64 -11.97
CA PRO C 91 -29.99 -29.73 -13.44
C PRO C 91 -28.96 -28.81 -14.07
N ARG C 93 -26.32 -27.44 -12.49
CA ARG C 93 -25.01 -27.92 -12.05
C ARG C 93 -24.53 -29.05 -12.95
N ARG C 94 -25.44 -29.90 -13.41
CA ARG C 94 -25.07 -30.94 -14.36
C ARG C 94 -24.55 -30.36 -15.66
N GLU C 95 -25.20 -29.29 -16.15
CA GLU C 95 -24.72 -28.65 -17.38
C GLU C 95 -23.39 -27.96 -17.15
N ASP C 96 -23.18 -27.38 -15.96
CA ASP C 96 -21.91 -26.73 -15.65
C ASP C 96 -20.75 -27.71 -15.76
N GLU C 97 -20.91 -28.90 -15.17
CA GLU C 97 -19.84 -29.88 -15.17
C GLU C 97 -19.75 -30.60 -16.50
N HIS C 98 -20.89 -30.87 -17.11
CA HIS C 98 -20.90 -31.65 -18.33
C HIS C 98 -20.28 -30.87 -19.49
N ILE C 99 -20.66 -29.60 -19.64
CA ILE C 99 -20.16 -28.80 -20.76
C ILE C 99 -18.66 -28.57 -20.63
N SER C 100 -18.19 -28.26 -19.42
CA SER C 100 -16.78 -27.99 -19.20
C SER C 100 -15.92 -29.21 -19.52
N LEU C 101 -16.31 -30.38 -19.00
CA LEU C 101 -15.52 -31.58 -19.21
C LEU C 101 -15.50 -31.99 -20.69
N HIS C 102 -16.61 -31.81 -21.41
CA HIS C 102 -16.61 -32.17 -22.84
C HIS C 102 -15.75 -31.25 -23.67
N LEU C 103 -15.48 -30.04 -23.19
CA LEU C 103 -14.65 -29.10 -23.93
C LEU C 103 -13.21 -29.07 -23.43
N GLY C 104 -12.83 -29.97 -22.54
CA GLY C 104 -11.45 -30.15 -22.17
C GLY C 104 -10.95 -29.44 -20.94
N ARG C 105 -11.85 -29.02 -20.04
CA ARG C 105 -11.47 -28.36 -18.80
C ARG C 105 -12.24 -28.96 -17.63
N ILE C 106 -11.77 -28.64 -16.42
CA ILE C 106 -12.38 -29.20 -15.22
C ILE C 106 -13.82 -28.68 -15.09
N GLY C 107 -14.75 -29.60 -14.86
CA GLY C 107 -16.11 -29.23 -14.55
C GLY C 107 -16.43 -29.44 -13.09
N GLN C 108 -16.67 -28.36 -12.36
CA GLN C 108 -16.88 -28.45 -10.92
C GLN C 108 -17.93 -27.43 -10.50
N GLU C 109 -18.45 -27.63 -9.28
CA GLU C 109 -19.59 -26.84 -8.82
C GLU C 109 -19.23 -25.37 -8.64
N THR C 110 -18.11 -25.09 -7.97
CA THR C 110 -17.75 -23.71 -7.64
C THR C 110 -16.41 -23.27 -8.19
N CYS C 111 -15.68 -24.14 -8.88
CA CYS C 111 -14.37 -23.81 -9.43
C CYS C 111 -14.37 -23.97 -10.94
N GLY C 112 -13.57 -23.14 -11.60
CA GLY C 112 -13.45 -23.22 -13.05
C GLY C 112 -14.64 -22.61 -13.76
N ALA C 113 -14.82 -23.05 -15.01
CA ALA C 113 -15.90 -22.51 -15.84
C ALA C 113 -17.27 -22.85 -15.26
N GLY C 114 -17.42 -24.04 -14.68
CA GLY C 114 -18.69 -24.42 -14.10
C GLY C 114 -19.08 -23.56 -12.92
N GLY C 115 -18.11 -23.25 -12.06
CA GLY C 115 -18.38 -22.38 -10.94
C GLY C 115 -18.63 -20.93 -11.36
N ALA C 117 -20.10 -20.05 -14.26
CA ALA C 117 -21.47 -20.05 -14.78
C ALA C 117 -22.48 -20.10 -13.65
N TYR C 118 -22.24 -20.95 -12.65
CA TYR C 118 -23.06 -20.95 -11.45
C TYR C 118 -22.98 -19.62 -10.72
N GLY C 119 -21.83 -18.96 -10.77
CA GLY C 119 -21.69 -17.67 -10.11
C GLY C 119 -22.56 -16.59 -10.72
N LEU C 120 -22.65 -16.56 -12.05
CA LEU C 120 -23.48 -15.56 -12.71
C LEU C 120 -24.96 -15.79 -12.42
N ARG C 121 -25.38 -17.06 -12.36
CA ARG C 121 -26.75 -17.37 -11.97
C ARG C 121 -27.01 -16.95 -10.53
N SER C 122 -26.05 -17.21 -9.64
CA SER C 122 -26.23 -16.85 -8.24
C SER C 122 -26.20 -15.34 -8.04
N CYS C 123 -25.45 -14.61 -8.87
CA CYS C 123 -25.45 -13.15 -8.77
C CYS C 123 -26.85 -12.58 -9.01
N VAL C 124 -27.57 -13.14 -9.98
CA VAL C 124 -28.90 -12.62 -10.32
C VAL C 124 -29.90 -12.94 -9.22
N ASP C 125 -29.93 -14.21 -8.78
CA ASP C 125 -30.96 -14.65 -7.85
C ASP C 125 -30.71 -14.16 -6.43
N ILE C 127 -28.97 -11.39 -5.39
CA ILE C 127 -29.23 -9.95 -5.30
C ILE C 127 -30.73 -9.67 -5.36
N GLU C 128 -31.44 -10.42 -6.20
CA GLU C 128 -32.90 -10.30 -6.26
C GLU C 128 -33.53 -10.67 -4.91
N SER C 129 -33.01 -11.71 -4.26
CA SER C 129 -33.63 -12.21 -3.04
C SER C 129 -33.33 -11.31 -1.84
N ILE C 130 -32.10 -10.81 -1.72
CA ILE C 130 -31.75 -9.97 -0.59
C ILE C 130 -32.55 -8.67 -0.63
N HIS C 131 -32.81 -8.14 -1.82
CA HIS C 131 -33.66 -6.96 -1.94
C HIS C 131 -35.06 -7.24 -1.42
N GLN C 132 -35.58 -8.46 -1.67
CA GLN C 132 -36.89 -8.83 -1.14
C GLN C 132 -36.86 -8.93 0.38
N ILE C 133 -35.77 -9.47 0.94
CA ILE C 133 -35.70 -9.66 2.38
C ILE C 133 -35.65 -8.33 3.10
N ARG C 134 -34.84 -7.39 2.62
CA ARG C 134 -34.74 -6.08 3.24
C ARG C 134 -36.01 -5.26 3.10
N GLN C 135 -36.93 -5.68 2.22
CA GLN C 135 -38.24 -5.03 2.16
C GLN C 135 -39.01 -5.25 3.44
N TYR C 136 -38.99 -6.47 3.98
CA TYR C 136 -39.82 -6.83 5.12
C TYR C 136 -39.04 -6.91 6.43
N SER C 137 -37.75 -7.22 6.38
CA SER C 137 -36.92 -7.29 7.59
C SER C 137 -35.60 -6.59 7.29
N PRO C 138 -35.56 -5.26 7.45
CA PRO C 138 -34.34 -4.51 7.06
C PRO C 138 -33.15 -4.76 7.98
N ASN C 139 -33.35 -5.33 9.17
CA ASN C 139 -32.26 -5.52 10.13
C ASN C 139 -32.10 -6.98 10.53
N ALA C 140 -32.58 -7.91 9.72
CA ALA C 140 -32.39 -9.33 10.01
C ALA C 140 -30.97 -9.75 9.65
N TRP C 141 -30.39 -10.60 10.50
CA TRP C 141 -29.07 -11.15 10.21
C TRP C 141 -29.19 -12.21 9.13
N ILE C 142 -28.45 -12.05 8.04
CA ILE C 142 -28.51 -12.95 6.89
C ILE C 142 -27.23 -13.79 6.88
N LEU C 143 -27.40 -15.09 7.05
CA LEU C 143 -26.30 -16.06 6.97
C LEU C 143 -26.48 -16.85 5.69
N ASN C 144 -25.45 -16.86 4.84
CA ASN C 144 -25.57 -17.37 3.48
C ASN C 144 -24.64 -18.56 3.28
N TYR C 145 -25.21 -19.68 2.84
CA TYR C 145 -24.46 -20.83 2.37
C TYR C 145 -24.38 -20.89 0.85
N SER C 146 -25.27 -20.20 0.17
CA SER C 146 -25.39 -20.35 -1.27
C SER C 146 -24.09 -20.07 -2.00
N ASN C 147 -23.67 -21.03 -2.81
CA ASN C 147 -22.45 -20.92 -3.61
C ASN C 147 -22.66 -20.25 -4.98
N PRO C 148 -21.58 -19.86 -5.64
CA PRO C 148 -20.22 -19.97 -5.10
C PRO C 148 -19.91 -18.80 -4.18
N ALA C 149 -19.57 -19.08 -2.95
CA ALA C 149 -19.52 -18.08 -1.91
C ALA C 149 -18.55 -16.96 -2.25
N ALA C 150 -17.44 -17.30 -2.86
CA ALA C 150 -16.45 -16.30 -3.21
C ALA C 150 -17.01 -15.28 -4.19
N ILE C 151 -17.73 -15.75 -5.20
CA ILE C 151 -18.30 -14.84 -6.20
C ILE C 151 -19.51 -14.11 -5.61
N VAL C 152 -20.34 -14.81 -4.84
CA VAL C 152 -21.52 -14.20 -4.26
C VAL C 152 -21.14 -13.09 -3.28
N ALA C 153 -20.11 -13.35 -2.46
CA ALA C 153 -19.69 -12.34 -1.48
C ALA C 153 -19.18 -11.08 -2.17
N GLU C 154 -18.51 -11.23 -3.31
CA GLU C 154 -18.01 -10.06 -4.04
C GLU C 154 -19.17 -9.27 -4.64
N ALA C 155 -20.16 -9.96 -5.20
CA ALA C 155 -21.32 -9.26 -5.75
C ALA C 155 -22.12 -8.56 -4.65
N LEU C 156 -22.27 -9.22 -3.49
CA LEU C 156 -23.00 -8.61 -2.39
C LEU C 156 -22.24 -7.43 -1.80
N ARG C 157 -20.90 -7.45 -1.88
CA ARG C 157 -20.11 -6.33 -1.40
C ARG C 157 -20.43 -5.06 -2.17
N ARG C 158 -20.67 -5.18 -3.47
CA ARG C 158 -20.97 -4.01 -4.29
C ARG C 158 -22.42 -3.58 -4.16
N GLU C 159 -23.35 -4.54 -4.10
CA GLU C 159 -24.76 -4.21 -4.10
C GLU C 159 -25.20 -3.58 -2.78
N PHE C 160 -24.70 -4.10 -1.66
CA PHE C 160 -25.08 -3.64 -0.33
C PHE C 160 -23.82 -3.22 0.42
N PRO C 161 -23.26 -2.05 0.10
CA PRO C 161 -22.01 -1.62 0.74
C PRO C 161 -22.18 -1.20 2.19
N ASP C 162 -23.40 -0.87 2.62
CA ASP C 162 -23.64 -0.37 3.96
C ASP C 162 -24.42 -1.35 4.84
N ASP C 163 -24.78 -2.51 4.34
CA ASP C 163 -25.45 -3.48 5.18
C ASP C 163 -24.41 -4.29 5.95
N ASN C 164 -24.48 -4.18 7.27
CA ASN C 164 -23.54 -4.83 8.17
C ASN C 164 -24.07 -6.13 8.75
N ARG C 165 -25.13 -6.69 8.17
CA ARG C 165 -25.67 -7.94 8.71
C ARG C 165 -25.88 -8.95 7.59
N ILE C 166 -24.86 -9.08 6.75
CA ILE C 166 -24.77 -10.13 5.74
C ILE C 166 -23.44 -10.84 5.93
N LEU C 167 -23.50 -12.15 6.12
CA LEU C 167 -22.30 -12.95 6.37
C LEU C 167 -22.33 -14.21 5.50
N ASN C 168 -21.33 -14.36 4.64
CA ASN C 168 -21.15 -15.57 3.86
C ASN C 168 -20.21 -16.51 4.60
N ILE C 169 -20.59 -17.77 4.70
CA ILE C 169 -19.81 -18.76 5.44
C ILE C 169 -19.62 -20.01 4.58
N CYS C 170 -18.68 -20.85 5.01
CA CYS C 170 -18.36 -22.10 4.31
C CYS C 170 -17.87 -23.10 5.34
N ASP C 171 -18.23 -24.37 5.15
CA ASP C 171 -17.93 -25.41 6.12
C ASP C 171 -16.68 -26.22 5.77
N GLN C 172 -16.05 -25.97 4.62
CA GLN C 172 -14.85 -26.71 4.26
C GLN C 172 -13.69 -26.50 5.23
N PRO C 173 -13.38 -25.28 5.69
CA PRO C 173 -12.30 -25.15 6.69
C PRO C 173 -12.58 -25.91 7.98
N GLU C 174 -13.84 -25.96 8.42
CA GLU C 174 -14.16 -26.70 9.64
C GLU C 174 -14.12 -28.20 9.39
N ASN C 175 -14.56 -28.65 8.22
CA ASN C 175 -14.51 -30.07 7.90
C ASN C 175 -13.08 -30.59 7.81
N ILE C 176 -12.12 -29.71 7.52
CA ILE C 176 -10.71 -30.12 7.54
C ILE C 176 -10.23 -30.28 8.97
N ARG C 178 -12.16 -31.12 11.35
CA ARG C 178 -12.81 -32.36 11.78
C ARG C 178 -12.04 -33.58 11.29
N SER C 179 -11.49 -33.51 10.07
CA SER C 179 -10.66 -34.60 9.58
C SER C 179 -9.36 -34.69 10.36
N VAL C 180 -8.80 -33.55 10.75
CA VAL C 180 -7.59 -33.54 11.58
C VAL C 180 -7.87 -34.18 12.94
N SER C 181 -9.07 -33.93 13.48
CA SER C 181 -9.42 -34.52 14.77
C SER C 181 -9.50 -36.04 14.69
N ARG C 182 -9.92 -36.58 13.55
CA ARG C 182 -9.91 -38.03 13.38
C ARG C 182 -8.49 -38.55 13.24
N LEU C 183 -7.64 -37.80 12.54
CA LEU C 183 -6.24 -38.22 12.43
C LEU C 183 -5.58 -38.26 13.82
N LEU C 184 -5.66 -37.17 14.60
CA LEU C 184 -4.98 -37.08 15.88
C LEU C 184 -5.74 -37.77 17.01
N ASN C 185 -6.97 -38.25 16.75
CA ASN C 185 -7.84 -38.83 17.77
C ASN C 185 -8.08 -37.84 18.90
N VAL C 186 -8.54 -36.64 18.53
CA VAL C 186 -8.93 -35.63 19.49
C VAL C 186 -10.28 -35.07 19.07
N SER C 187 -10.78 -34.11 19.84
CA SER C 187 -12.00 -33.39 19.50
C SER C 187 -11.64 -32.18 18.64
N TRP C 188 -12.39 -31.99 17.55
CA TRP C 188 -12.08 -30.89 16.63
C TRP C 188 -12.25 -29.53 17.28
N GLU C 189 -12.97 -29.45 18.41
CA GLU C 189 -13.14 -28.19 19.13
C GLU C 189 -11.95 -27.87 20.03
N ASP C 190 -10.93 -28.71 20.06
CA ASP C 190 -9.70 -28.43 20.80
C ASP C 190 -8.56 -28.02 19.87
N LEU C 191 -8.88 -27.62 18.64
CA LEU C 191 -7.89 -27.20 17.66
C LEU C 191 -8.12 -25.73 17.33
N ASP C 192 -7.08 -24.92 17.47
CA ASP C 192 -7.16 -23.50 17.17
C ASP C 192 -6.39 -23.20 15.89
N PRO C 193 -7.05 -22.96 14.77
CA PRO C 193 -6.36 -22.81 13.49
C PRO C 193 -5.88 -21.39 13.21
N VAL C 194 -4.88 -21.32 12.33
CA VAL C 194 -4.48 -20.08 11.68
C VAL C 194 -4.63 -20.32 10.17
N TYR C 195 -5.46 -19.51 9.52
CA TYR C 195 -5.91 -19.78 8.17
C TYR C 195 -5.94 -18.49 7.36
N PHE C 196 -5.68 -18.62 6.06
CA PHE C 196 -5.81 -17.50 5.14
C PHE C 196 -6.15 -18.05 3.75
N GLY C 197 -6.79 -17.21 2.96
CA GLY C 197 -7.08 -17.55 1.58
C GLY C 197 -8.45 -17.04 1.18
N LEU C 198 -8.80 -17.33 -0.08
CA LEU C 198 -10.14 -17.10 -0.56
C LEU C 198 -11.01 -18.33 -0.27
N ASN C 199 -12.30 -18.21 -0.54
CA ASN C 199 -13.19 -19.35 -0.36
C ASN C 199 -12.80 -20.47 -1.32
N HIS C 200 -12.68 -21.68 -0.78
CA HIS C 200 -12.25 -22.85 -1.56
C HIS C 200 -10.89 -22.64 -2.21
N TYR C 201 -10.00 -21.95 -1.47
CA TYR C 201 -8.67 -21.62 -1.97
C TYR C 201 -7.82 -21.07 -0.83
N GLY C 202 -7.51 -21.89 0.16
CA GLY C 202 -6.82 -21.42 1.34
C GLY C 202 -5.87 -22.45 1.91
N TRP C 203 -5.14 -22.04 2.95
CA TRP C 203 -4.14 -22.88 3.58
C TRP C 203 -4.17 -22.68 5.09
N PHE C 204 -3.85 -23.75 5.82
CA PHE C 204 -3.70 -23.71 7.27
C PHE C 204 -2.21 -23.57 7.58
N THR C 205 -1.80 -22.40 8.08
CA THR C 205 -0.41 -22.20 8.43
C THR C 205 -0.07 -22.73 9.82
N HIS C 206 -1.06 -22.84 10.71
CA HIS C 206 -0.84 -23.40 12.04
C HIS C 206 -2.10 -24.13 12.48
N VAL C 207 -1.90 -25.19 13.26
CA VAL C 207 -2.99 -25.91 13.91
C VAL C 207 -2.57 -26.11 15.36
N TYR C 208 -2.97 -25.17 16.22
CA TYR C 208 -2.58 -25.19 17.62
C TYR C 208 -3.54 -26.03 18.45
N ASP C 209 -3.00 -26.67 19.48
CA ASP C 209 -3.83 -27.32 20.48
C ASP C 209 -4.41 -26.26 21.43
N ARG C 210 -5.68 -26.41 21.77
CA ARG C 210 -6.36 -25.36 22.52
C ARG C 210 -5.80 -25.25 23.94
N LYS C 211 -5.52 -26.38 24.59
CA LYS C 211 -5.10 -26.35 25.99
C LYS C 211 -3.64 -25.93 26.14
N THR C 212 -2.75 -26.48 25.31
CA THR C 212 -1.33 -26.25 25.46
C THR C 212 -0.75 -25.28 24.44
N GLY C 213 -1.47 -25.01 23.35
CA GLY C 213 -0.94 -24.11 22.33
C GLY C 213 0.19 -24.67 21.49
N GLU C 214 0.49 -25.96 21.61
CA GLU C 214 1.51 -26.57 20.79
C GLU C 214 1.03 -26.69 19.35
N ASP C 215 1.89 -26.32 18.41
CA ASP C 215 1.56 -26.44 16.99
C ASP C 215 1.51 -27.92 16.63
N LEU C 216 0.31 -28.42 16.33
CA LEU C 216 0.12 -29.81 15.97
C LEU C 216 0.37 -30.08 14.48
N LEU C 217 0.68 -29.06 13.71
CA LEU C 217 0.93 -29.26 12.28
C LEU C 217 2.08 -30.22 12.00
N PRO C 218 3.23 -30.17 12.69
CA PRO C 218 4.28 -31.18 12.41
C PRO C 218 3.81 -32.60 12.58
N GLU C 219 3.03 -32.89 13.63
CA GLU C 219 2.51 -34.25 13.80
C GLU C 219 1.42 -34.56 12.79
N ILE C 220 0.71 -33.54 12.31
CA ILE C 220 -0.32 -33.75 11.29
C ILE C 220 0.30 -34.28 10.01
N LYS C 221 1.40 -33.66 9.56
CA LYS C 221 2.05 -34.10 8.34
C LYS C 221 2.64 -35.50 8.46
N LYS C 222 3.10 -35.87 9.65
CA LYS C 222 3.72 -37.19 9.76
C LYS C 222 2.66 -38.28 9.72
N ILE C 223 1.49 -38.09 10.32
CA ILE C 223 0.44 -39.11 10.25
C ILE C 223 -0.13 -39.19 8.83
N ILE C 224 -0.23 -38.04 8.15
CA ILE C 224 -0.72 -38.05 6.77
C ILE C 224 0.24 -38.83 5.88
N LYS C 225 1.55 -38.63 6.08
CA LYS C 225 2.55 -39.34 5.28
C LYS C 225 2.48 -40.85 5.50
N GLU C 226 2.16 -41.28 6.72
CA GLU C 226 2.10 -42.69 7.07
C GLU C 226 0.76 -43.33 6.74
N LYS C 227 -0.33 -42.66 7.09
CA LYS C 227 -1.65 -43.27 7.00
C LYS C 227 -2.54 -42.65 5.94
N GLY C 228 -2.46 -41.35 5.69
CA GLY C 228 -3.27 -40.70 4.69
C GLY C 228 -4.23 -39.70 5.31
N PHE C 229 -5.19 -39.27 4.49
CA PHE C 229 -6.15 -38.25 4.88
C PHE C 229 -7.53 -38.63 4.36
N LEU C 230 -8.51 -38.68 5.26
CA LEU C 230 -9.88 -39.00 4.90
C LEU C 230 -10.83 -38.13 5.72
N PRO C 231 -12.03 -37.86 5.22
CA PRO C 231 -12.97 -37.03 5.96
C PRO C 231 -13.42 -37.69 7.25
N GLN C 232 -13.90 -36.86 8.18
CA GLN C 232 -14.33 -37.35 9.48
C GLN C 232 -15.46 -38.35 9.36
N ASP C 233 -16.37 -38.13 8.41
CA ASP C 233 -17.49 -39.03 8.13
C ASP C 233 -17.23 -39.89 6.91
N ALA C 234 -16.02 -40.43 6.78
CA ALA C 234 -15.62 -41.12 5.55
C ALA C 234 -16.50 -42.33 5.26
N GLU C 235 -17.05 -42.95 6.30
CA GLU C 235 -17.89 -44.14 6.09
C GLU C 235 -19.15 -43.80 5.32
N GLN C 236 -19.67 -42.58 5.48
CA GLN C 236 -20.85 -42.14 4.77
C GLN C 236 -20.55 -41.42 3.46
N ARG C 237 -19.27 -41.17 3.17
CA ARG C 237 -18.88 -40.36 2.03
C ARG C 237 -18.88 -41.19 0.75
N ASP C 238 -19.14 -40.53 -0.38
CA ASP C 238 -19.02 -41.20 -1.66
C ASP C 238 -17.55 -41.21 -2.09
N GLN C 239 -17.27 -42.06 -3.08
CA GLN C 239 -15.89 -42.33 -3.47
C GLN C 239 -15.17 -41.07 -3.92
N SER C 240 -15.88 -40.19 -4.64
CA SER C 240 -15.25 -38.97 -5.13
C SER C 240 -14.76 -38.08 -3.98
N TRP C 241 -15.47 -38.09 -2.85
CA TRP C 241 -15.01 -37.33 -1.70
C TRP C 241 -13.83 -38.01 -1.01
N LEU C 242 -13.78 -39.35 -1.06
CA LEU C 242 -12.62 -40.05 -0.52
C LEU C 242 -11.35 -39.73 -1.32
N ASP C 243 -11.49 -39.63 -2.65
CA ASP C 243 -10.35 -39.25 -3.47
C ASP C 243 -9.94 -37.81 -3.21
N THR C 244 -10.91 -36.91 -3.03
CA THR C 244 -10.60 -35.51 -2.79
C THR C 244 -9.81 -35.32 -1.51
N TYR C 245 -10.22 -35.98 -0.43
CA TYR C 245 -9.49 -35.87 0.83
C TYR C 245 -8.20 -36.66 0.81
N GLY C 246 -8.19 -37.82 0.14
CA GLY C 246 -6.97 -38.60 0.05
C GLY C 246 -5.87 -37.90 -0.72
N PHE C 247 -6.24 -37.04 -1.67
CA PHE C 247 -5.25 -36.32 -2.46
C PHE C 247 -4.45 -35.31 -1.66
N VAL C 248 -4.88 -35.00 -0.43
CA VAL C 248 -4.11 -34.11 0.44
C VAL C 248 -2.73 -34.69 0.72
N GLN C 249 -2.61 -36.02 0.74
CA GLN C 249 -1.33 -36.66 0.95
C GLN C 249 -0.34 -36.28 -0.16
N THR C 250 -0.80 -36.28 -1.41
CA THR C 250 0.08 -35.88 -2.51
C THR C 250 0.48 -34.42 -2.40
N GLU C 253 3.14 -33.50 0.15
CA GLU C 253 4.47 -33.99 -0.21
C GLU C 253 5.16 -33.03 -1.17
N ASP C 254 4.39 -32.44 -2.10
CA ASP C 254 4.96 -31.47 -3.02
C ASP C 254 5.02 -30.08 -2.40
N PHE C 255 4.13 -29.78 -1.46
CA PHE C 255 4.08 -28.48 -0.79
C PHE C 255 3.89 -28.71 0.69
N PRO C 256 4.98 -28.98 1.42
CA PRO C 256 4.86 -29.44 2.81
C PRO C 256 4.66 -28.34 3.84
N ASP C 257 4.61 -27.07 3.44
CA ASP C 257 4.56 -25.99 4.42
C ASP C 257 3.22 -25.97 5.15
N PHE C 258 2.12 -25.82 4.42
CA PHE C 258 0.81 -25.58 5.01
C PHE C 258 -0.15 -26.71 4.71
N LEU C 259 -1.09 -26.92 5.63
CA LEU C 259 -2.18 -27.87 5.42
C LEU C 259 -3.21 -27.24 4.49
N PRO C 260 -3.47 -27.83 3.32
CA PRO C 260 -4.27 -27.13 2.30
C PRO C 260 -5.76 -27.42 2.38
N ASN C 261 -6.52 -26.42 1.94
CA ASN C 261 -7.92 -26.64 1.59
C ASN C 261 -8.00 -27.68 0.48
N THR C 262 -8.92 -28.64 0.62
CA THR C 262 -9.00 -29.71 -0.35
C THR C 262 -9.32 -29.21 -1.76
N TYR C 263 -9.92 -28.02 -1.87
CA TYR C 263 -10.16 -27.43 -3.18
C TYR C 263 -8.90 -26.95 -3.86
N ASP C 264 -7.79 -26.83 -3.13
CA ASP C 264 -6.51 -26.44 -3.73
C ASP C 264 -6.04 -27.45 -4.76
N GLY C 265 -6.51 -28.70 -4.68
CA GLY C 265 -6.05 -29.72 -5.61
C GLY C 265 -6.38 -29.41 -7.06
N TYR C 266 -7.54 -28.77 -7.28
CA TYR C 266 -7.91 -28.41 -8.65
C TYR C 266 -6.94 -27.39 -9.23
N TYR C 267 -6.54 -26.39 -8.43
CA TYR C 267 -5.73 -25.30 -8.94
C TYR C 267 -4.26 -25.68 -9.08
N LEU C 268 -3.75 -26.53 -8.20
CA LEU C 268 -2.35 -26.93 -8.26
C LEU C 268 -2.12 -28.17 -9.11
N TYR C 269 -3.16 -28.96 -9.37
CA TYR C 269 -3.04 -30.18 -10.19
C TYR C 269 -4.18 -30.24 -11.19
N PRO C 270 -4.27 -29.27 -12.10
CA PRO C 270 -5.40 -29.28 -13.06
C PRO C 270 -5.33 -30.43 -14.05
N ASP C 271 -4.14 -30.89 -14.41
CA ASP C 271 -4.03 -32.02 -15.32
C ASP C 271 -4.57 -33.29 -14.70
N TYR C 272 -4.08 -33.64 -13.50
CA TYR C 272 -4.55 -34.84 -12.81
C TYR C 272 -6.04 -34.76 -12.50
N LYS C 273 -6.51 -33.57 -12.10
CA LYS C 273 -7.91 -33.45 -11.68
C LYS C 273 -8.86 -33.57 -12.87
N PHE C 274 -8.53 -32.93 -13.98
CA PHE C 274 -9.30 -33.14 -15.19
C PHE C 274 -9.26 -34.60 -15.59
N SER C 275 -8.09 -35.19 -15.51
CA SER C 275 -7.85 -36.51 -16.01
C SER C 275 -8.66 -37.58 -15.33
N HIS C 276 -9.08 -37.34 -14.10
CA HIS C 276 -9.72 -38.38 -13.35
C HIS C 276 -11.20 -38.16 -13.13
N LEU C 277 -11.78 -37.27 -13.91
CA LEU C 277 -13.20 -37.03 -13.83
C LEU C 277 -13.92 -37.57 -15.06
N ASN C 278 -14.94 -38.37 -14.82
CA ASN C 278 -15.74 -38.95 -15.88
C ASN C 278 -16.60 -37.88 -16.53
N PRO C 279 -16.50 -37.67 -17.84
CA PRO C 279 -17.35 -36.67 -18.50
C PRO C 279 -18.81 -37.07 -18.56
N ASP C 280 -19.10 -38.37 -18.65
CA ASP C 280 -20.47 -38.83 -18.86
C ASP C 280 -21.24 -39.07 -17.57
N TYR C 281 -20.57 -39.05 -16.41
CA TYR C 281 -21.25 -39.20 -15.12
C TYR C 281 -20.50 -38.32 -14.12
N THR C 282 -21.09 -37.17 -13.80
CA THR C 282 -20.42 -36.14 -13.02
C THR C 282 -20.92 -36.13 -11.58
N ARG C 283 -20.37 -35.21 -10.79
CA ARG C 283 -20.74 -35.12 -9.38
C ARG C 283 -22.22 -34.78 -9.20
N ALA C 284 -22.76 -33.95 -10.08
CA ALA C 284 -24.18 -33.63 -10.01
C ALA C 284 -25.04 -34.89 -10.20
N ASP C 285 -24.60 -35.81 -11.06
CA ASP C 285 -25.31 -37.06 -11.24
C ASP C 285 -25.20 -37.93 -9.98
N GLU C 286 -24.03 -37.92 -9.32
CA GLU C 286 -23.89 -38.67 -8.08
C GLU C 286 -24.80 -38.12 -7.00
N VAL C 287 -24.99 -36.80 -6.96
CA VAL C 287 -25.86 -36.20 -5.95
C VAL C 287 -27.31 -36.56 -6.22
N ILE C 288 -27.73 -36.52 -7.48
CA ILE C 288 -29.11 -36.88 -7.83
C ILE C 288 -29.39 -38.33 -7.50
N ASP C 289 -28.47 -39.22 -7.90
CA ASP C 289 -28.60 -40.64 -7.57
C ASP C 289 -28.26 -40.94 -6.11
N GLY C 290 -27.67 -39.99 -5.39
CA GLY C 290 -27.25 -40.23 -4.03
C GLY C 290 -27.99 -39.43 -2.98
N ARG C 291 -27.49 -38.23 -2.68
CA ARG C 291 -28.05 -37.46 -1.56
C ARG C 291 -29.47 -37.01 -1.85
N GLU C 292 -29.77 -36.58 -3.07
CA GLU C 292 -31.11 -36.12 -3.39
C GLU C 292 -32.13 -37.24 -3.26
N LYS C 293 -31.82 -38.41 -3.81
CA LYS C 293 -32.75 -39.54 -3.75
C LYS C 293 -32.92 -40.02 -2.33
N ARG C 294 -31.81 -40.18 -1.59
CA ARG C 294 -31.87 -40.66 -0.21
C ARG C 294 -32.67 -39.72 0.68
N VAL C 295 -32.46 -38.41 0.55
CA VAL C 295 -33.15 -37.47 1.43
C VAL C 295 -34.63 -37.40 1.07
N PHE C 296 -34.95 -37.34 -0.23
CA PHE C 296 -36.33 -37.25 -0.66
C PHE C 296 -37.07 -38.58 -0.50
N ALA C 297 -36.36 -39.68 -0.31
CA ALA C 297 -37.01 -40.97 -0.09
C ALA C 297 -37.38 -41.17 1.38
N GLU C 298 -36.54 -40.68 2.29
CA GLU C 298 -36.86 -40.79 3.71
C GLU C 298 -38.08 -39.95 4.06
N CYS C 299 -38.13 -38.72 3.57
CA CYS C 299 -39.25 -37.84 3.89
C CYS C 299 -40.57 -38.42 3.39
N ARG C 300 -40.59 -38.91 2.15
CA ARG C 300 -41.81 -39.50 1.61
C ARG C 300 -42.19 -40.79 2.35
N GLU C 301 -41.21 -41.49 2.91
CA GLU C 301 -41.51 -42.66 3.72
C GLU C 301 -42.09 -42.27 5.07
N VAL C 302 -41.71 -41.10 5.59
CA VAL C 302 -42.28 -40.76 6.88
C VAL C 302 -43.67 -40.16 6.74
N ILE C 303 -43.99 -39.46 5.64
CA ILE C 303 -45.35 -38.97 5.44
C ILE C 303 -46.30 -40.13 5.17
N ALA C 304 -45.88 -41.10 4.37
CA ALA C 304 -46.71 -42.26 4.10
C ALA C 304 -46.99 -43.06 5.37
N ARG C 305 -46.08 -42.99 6.35
CA ARG C 305 -46.32 -43.63 7.63
C ARG C 305 -47.24 -42.78 8.51
N GLY C 306 -46.98 -41.48 8.50
CA GLY C 306 -47.75 -40.52 9.25
C GLY C 306 -47.12 -40.10 10.54
N GLU C 307 -46.05 -40.78 10.93
CA GLU C 307 -45.31 -40.45 12.13
C GLU C 307 -43.87 -40.86 11.96
N LEU C 308 -43.04 -40.52 12.93
CA LEU C 308 -41.67 -40.79 12.60
C LEU C 308 -41.39 -42.25 12.83
N GLY C 309 -41.96 -42.89 13.82
CA GLY C 309 -41.81 -44.31 13.99
C GLY C 309 -40.87 -44.55 15.13
N ASP C 310 -40.56 -45.81 15.38
CA ASP C 310 -39.63 -46.11 16.45
C ASP C 310 -38.18 -46.04 15.98
N ARG C 311 -37.95 -45.97 14.67
CA ARG C 311 -36.60 -46.03 14.17
C ARG C 311 -36.07 -44.67 13.73
N PHE C 312 -36.14 -43.71 14.63
CA PHE C 312 -35.66 -42.41 14.28
C PHE C 312 -34.56 -41.94 15.22
N ASP C 313 -33.34 -42.10 14.71
CA ASP C 313 -32.11 -41.64 15.30
C ASP C 313 -32.12 -40.13 15.38
N SER C 316 -26.35 -36.25 14.15
CA SER C 316 -25.71 -34.94 14.11
C SER C 316 -25.33 -34.56 12.70
N ASP C 317 -25.72 -33.36 12.31
CA ASP C 317 -25.45 -32.90 10.96
C ASP C 317 -24.51 -31.74 11.01
N ALA C 318 -23.24 -32.04 10.83
CA ALA C 318 -22.18 -31.04 10.98
C ALA C 318 -22.42 -29.83 10.08
N HIS C 319 -22.93 -30.05 8.87
CA HIS C 319 -23.14 -28.94 7.96
C HIS C 319 -24.18 -27.95 8.50
N ALA C 320 -25.35 -28.47 8.86
CA ALA C 320 -26.41 -27.59 9.37
C ALA C 320 -26.05 -27.03 10.75
N GLU C 321 -25.26 -27.76 11.53
CA GLU C 321 -24.98 -27.33 12.90
C GLU C 321 -23.99 -26.17 12.96
N ILE C 324 -26.00 -22.90 12.53
CA ILE C 324 -26.73 -22.72 13.78
C ILE C 324 -25.79 -22.22 14.87
N LYS C 325 -24.59 -22.81 14.97
CA LYS C 325 -23.71 -22.27 15.99
C LYS C 325 -23.14 -20.91 15.58
N VAL C 326 -23.13 -20.56 14.30
CA VAL C 326 -22.79 -19.20 13.90
C VAL C 326 -23.87 -18.23 14.36
N ALA C 327 -25.14 -18.58 14.11
CA ALA C 327 -26.25 -17.76 14.59
C ALA C 327 -26.28 -17.69 16.11
N GLU C 328 -25.82 -18.75 16.78
CA GLU C 328 -25.73 -18.73 18.24
C GLU C 328 -24.70 -17.71 18.70
N ALA C 329 -23.52 -17.72 18.08
CA ALA C 329 -22.47 -16.79 18.48
C ALA C 329 -22.89 -15.35 18.19
N ILE C 330 -23.68 -15.14 17.14
CA ILE C 330 -24.14 -13.80 16.83
C ILE C 330 -25.22 -13.35 17.80
N ALA C 331 -26.19 -14.22 18.06
CA ALA C 331 -27.34 -13.85 18.90
C ALA C 331 -26.91 -13.58 20.34
N TYR C 332 -25.95 -14.34 20.85
CA TYR C 332 -25.54 -14.24 22.25
C TYR C 332 -24.18 -13.58 22.43
N ASN C 333 -23.63 -12.98 21.37
CA ASN C 333 -22.38 -12.23 21.45
C ASN C 333 -21.26 -13.07 22.05
N LYS C 334 -21.11 -14.29 21.53
CA LYS C 334 -20.15 -15.23 22.09
C LYS C 334 -18.71 -14.81 21.81
N ASN C 335 -18.47 -14.14 20.68
CA ASN C 335 -17.13 -13.76 20.25
C ASN C 335 -16.22 -14.98 20.13
N THR C 336 -16.79 -16.13 19.78
CA THR C 336 -16.01 -17.32 19.51
C THR C 336 -15.44 -17.26 18.09
N ARG C 337 -14.45 -18.11 17.84
CA ARG C 337 -13.68 -18.04 16.61
C ARG C 337 -14.28 -18.96 15.55
N PHE C 338 -14.61 -18.39 14.39
CA PHE C 338 -15.02 -19.13 13.22
C PHE C 338 -14.24 -18.63 12.02
N ILE C 339 -14.12 -19.47 10.99
CA ILE C 339 -13.48 -19.10 9.74
C ILE C 339 -14.59 -18.70 8.77
N VAL C 340 -14.72 -17.39 8.52
CA VAL C 340 -15.78 -16.85 7.69
C VAL C 340 -15.16 -15.93 6.65
N ILE C 341 -16.00 -15.46 5.72
CA ILE C 341 -15.58 -14.63 4.61
C ILE C 341 -15.83 -13.17 4.96
N VAL C 342 -14.80 -12.33 4.81
CA VAL C 342 -14.85 -10.93 5.20
C VAL C 342 -14.15 -10.07 4.16
N LYS C 343 -14.49 -8.78 4.17
CA LYS C 343 -13.73 -7.80 3.42
C LYS C 343 -12.33 -7.68 4.00
N ASN C 344 -11.31 -7.67 3.12
CA ASN C 344 -9.93 -7.73 3.56
C ASN C 344 -9.53 -6.49 4.34
N GLU C 345 -9.32 -5.37 3.65
CA GLU C 345 -8.93 -4.09 4.25
C GLU C 345 -7.74 -4.26 5.20
N GLY C 346 -6.65 -4.81 4.65
CA GLY C 346 -5.40 -4.92 5.37
C GLY C 346 -5.22 -6.19 6.16
N ALA C 347 -6.24 -7.04 6.28
CA ALA C 347 -6.08 -8.29 7.01
C ALA C 347 -5.06 -9.20 6.34
N ILE C 348 -5.09 -9.25 5.01
CA ILE C 348 -3.99 -9.78 4.21
C ILE C 348 -3.29 -8.57 3.63
N ALA C 349 -2.12 -8.24 4.18
CA ALA C 349 -1.55 -6.90 4.01
C ALA C 349 -1.19 -6.61 2.56
N ASN C 350 -0.71 -7.61 1.83
CA ASN C 350 -0.25 -7.40 0.46
C ASN C 350 -1.32 -7.73 -0.59
N GLN C 352 -5.34 -6.40 -2.14
CA GLN C 352 -6.10 -5.18 -2.24
C GLN C 352 -7.17 -5.10 -1.15
N ASP C 353 -7.62 -3.87 -0.88
CA ASP C 353 -8.52 -3.64 0.25
C ASP C 353 -9.87 -4.30 0.05
N ASP C 354 -10.42 -4.21 -1.17
CA ASP C 354 -11.80 -4.64 -1.42
C ASP C 354 -11.91 -6.11 -1.80
N ALA C 355 -10.96 -6.94 -1.40
CA ALA C 355 -11.03 -8.37 -1.69
C ALA C 355 -11.80 -9.09 -0.58
N VAL C 357 -12.03 -12.15 1.46
CA VAL C 357 -11.11 -13.21 1.83
C VAL C 357 -11.72 -14.04 2.95
N GLU C 358 -11.06 -15.16 3.27
CA GLU C 358 -11.51 -16.12 4.26
C GLU C 358 -10.50 -16.20 5.38
N LEU C 359 -10.91 -15.84 6.59
CA LEU C 359 -9.98 -15.77 7.72
C LEU C 359 -10.69 -16.16 9.01
N VAL C 360 -9.89 -16.38 10.05
CA VAL C 360 -10.41 -16.63 11.39
C VAL C 360 -10.88 -15.31 11.99
N CYS C 361 -12.07 -15.31 12.60
CA CYS C 361 -12.63 -14.11 13.18
C CYS C 361 -13.39 -14.47 14.45
N GLU C 362 -13.49 -13.49 15.36
CA GLU C 362 -14.43 -13.56 16.47
C GLU C 362 -15.81 -13.15 15.97
N LEU C 363 -16.84 -13.84 16.46
CA LEU C 363 -18.20 -13.65 15.97
C LEU C 363 -19.10 -13.23 17.13
N GLY C 364 -19.60 -12.00 17.08
CA GLY C 364 -20.52 -11.50 18.08
C GLY C 364 -21.73 -10.82 17.47
N ILE C 365 -22.46 -10.03 18.28
CA ILE C 365 -23.65 -9.36 17.80
C ILE C 365 -23.33 -8.33 16.71
N ASN C 366 -22.10 -7.82 16.68
CA ASN C 366 -21.71 -6.78 15.74
C ASN C 366 -21.01 -7.35 14.51
N GLY C 367 -21.06 -8.65 14.30
CA GLY C 367 -20.49 -9.25 13.12
C GLY C 367 -19.10 -9.82 13.35
N PRO C 368 -18.44 -10.22 12.27
CA PRO C 368 -17.11 -10.84 12.41
C PRO C 368 -16.04 -9.81 12.73
N ARG C 369 -15.12 -10.21 13.60
CA ARG C 369 -13.96 -9.40 14.00
C ARG C 369 -12.73 -10.12 13.46
N ARG C 370 -12.30 -9.74 12.26
CA ARG C 370 -11.25 -10.48 11.58
C ARG C 370 -9.89 -10.24 12.23
N ALA C 372 -5.63 -10.08 11.83
CA ALA C 372 -4.57 -9.79 10.88
C ALA C 372 -3.67 -11.00 10.67
N VAL C 373 -3.36 -11.28 9.41
CA VAL C 373 -2.45 -12.35 9.05
C VAL C 373 -1.10 -11.84 8.59
N GLY C 374 -1.05 -10.65 8.00
CA GLY C 374 0.20 -10.08 7.52
C GLY C 374 0.40 -10.30 6.04
N ASN C 375 1.65 -10.15 5.62
CA ASN C 375 2.02 -10.43 4.25
C ASN C 375 2.13 -11.93 4.03
N ILE C 376 1.39 -12.44 3.06
CA ILE C 376 1.44 -13.87 2.73
C ILE C 376 2.61 -14.10 1.79
N PRO C 377 3.20 -15.30 1.77
CA PRO C 377 4.36 -15.54 0.91
C PRO C 377 4.03 -15.35 -0.56
N GLN C 378 5.10 -15.17 -1.36
CA GLN C 378 4.94 -14.78 -2.76
C GLN C 378 4.20 -15.84 -3.57
N PHE C 379 4.45 -17.11 -3.28
CA PHE C 379 3.82 -18.18 -4.06
C PHE C 379 2.30 -18.14 -3.92
N TYR C 380 1.82 -17.99 -2.69
CA TYR C 380 0.38 -17.96 -2.45
C TYR C 380 -0.24 -16.63 -2.86
N LEU C 381 0.54 -15.54 -2.82
CA LEU C 381 0.04 -14.26 -3.32
C LEU C 381 -0.26 -14.33 -4.81
N GLY C 382 0.63 -14.96 -5.58
CA GLY C 382 0.39 -15.08 -7.01
C GLY C 382 -0.82 -15.92 -7.34
N LEU C 383 -1.06 -16.98 -6.56
CA LEU C 383 -2.21 -17.84 -6.80
C LEU C 383 -3.51 -17.10 -6.49
N LEU C 384 -3.56 -16.40 -5.35
CA LEU C 384 -4.81 -15.79 -4.91
C LEU C 384 -5.12 -14.49 -5.65
N VAL C 385 -4.09 -13.72 -6.03
CA VAL C 385 -4.33 -12.51 -6.79
C VAL C 385 -4.88 -12.86 -8.17
N GLN C 386 -4.36 -13.93 -8.77
CA GLN C 386 -4.90 -14.40 -10.05
C GLN C 386 -6.37 -14.79 -9.91
N GLN C 387 -6.71 -15.50 -8.82
CA GLN C 387 -8.08 -15.98 -8.66
C GLN C 387 -9.03 -14.83 -8.35
N VAL C 388 -8.67 -13.96 -7.40
CA VAL C 388 -9.56 -12.88 -7.03
C VAL C 388 -9.75 -11.90 -8.17
N SER C 389 -8.74 -11.73 -9.02
CA SER C 389 -8.92 -10.91 -10.22
C SER C 389 -9.89 -11.57 -11.18
N SER C 390 -9.89 -12.90 -11.23
CA SER C 390 -10.80 -13.62 -12.11
C SER C 390 -12.25 -13.43 -11.66
N GLU C 391 -12.51 -13.56 -10.35
CA GLU C 391 -13.86 -13.41 -9.81
C GLU C 391 -14.33 -11.96 -9.89
N LYS C 392 -13.44 -11.01 -9.60
CA LYS C 392 -13.83 -9.61 -9.69
C LYS C 392 -14.14 -9.20 -11.13
N LEU C 393 -13.48 -9.83 -12.10
CA LEU C 393 -13.84 -9.58 -13.50
C LEU C 393 -15.18 -10.21 -13.86
N LEU C 394 -15.55 -11.30 -13.17
CA LEU C 394 -16.84 -11.93 -13.43
C LEU C 394 -17.97 -11.07 -12.92
N VAL C 395 -17.87 -10.59 -11.69
CA VAL C 395 -18.86 -9.66 -11.17
C VAL C 395 -18.88 -8.39 -12.01
N ASP C 396 -17.77 -8.00 -12.62
CA ASP C 396 -17.77 -6.84 -13.53
C ASP C 396 -18.68 -7.09 -14.72
N ALA C 397 -18.65 -8.30 -15.28
CA ALA C 397 -19.52 -8.62 -16.40
C ALA C 397 -20.99 -8.59 -16.00
N TYR C 398 -21.29 -8.98 -14.75
CA TYR C 398 -22.67 -8.95 -14.28
C TYR C 398 -23.21 -7.53 -14.23
N TYR C 399 -22.42 -6.61 -13.69
CA TYR C 399 -22.88 -5.24 -13.51
C TYR C 399 -22.85 -4.46 -14.82
N GLU C 400 -21.83 -4.69 -15.65
CA GLU C 400 -21.66 -3.94 -16.88
C GLU C 400 -22.33 -4.60 -18.09
N HIS C 401 -22.92 -5.79 -17.90
CA HIS C 401 -23.48 -6.56 -19.01
C HIS C 401 -22.46 -6.74 -20.12
N SER C 402 -21.21 -7.00 -19.72
CA SER C 402 -20.07 -6.96 -20.62
C SER C 402 -19.63 -8.37 -20.98
N TYR C 403 -19.71 -8.70 -22.28
CA TYR C 403 -19.12 -9.95 -22.76
C TYR C 403 -17.60 -9.94 -22.60
N GLN C 404 -16.99 -8.76 -22.78
CA GLN C 404 -15.54 -8.66 -22.70
C GLN C 404 -15.04 -8.99 -21.30
N LYS C 405 -15.72 -8.50 -20.27
CA LYS C 405 -15.32 -8.79 -18.90
C LYS C 405 -15.44 -10.28 -18.60
N ALA C 406 -16.46 -10.94 -19.15
CA ALA C 406 -16.61 -12.38 -18.95
C ALA C 406 -15.50 -13.16 -19.62
N LEU C 407 -15.13 -12.76 -20.84
CA LEU C 407 -14.04 -13.44 -21.54
C LEU C 407 -12.72 -13.28 -20.79
N GLU C 408 -12.43 -12.07 -20.30
CA GLU C 408 -11.22 -11.85 -19.52
C GLU C 408 -11.24 -12.66 -18.24
N ALA C 409 -12.39 -12.71 -17.56
CA ALA C 409 -12.51 -13.52 -16.35
C ALA C 409 -12.25 -14.99 -16.65
N PHE C 410 -12.83 -15.50 -17.75
CA PHE C 410 -12.61 -16.90 -18.10
C PHE C 410 -11.16 -17.15 -18.52
N THR C 411 -10.58 -16.23 -19.30
CA THR C 411 -9.21 -16.41 -19.78
C THR C 411 -8.22 -16.42 -18.63
N LEU C 412 -8.38 -15.50 -17.67
CA LEU C 412 -7.43 -15.40 -16.57
C LEU C 412 -7.48 -16.61 -15.65
N ASN C 413 -8.66 -17.22 -15.50
CA ASN C 413 -8.84 -18.28 -14.52
C ASN C 413 -7.87 -19.43 -14.75
N ARG C 414 -7.32 -19.95 -13.65
CA ARG C 414 -6.29 -20.98 -13.74
C ARG C 414 -6.83 -22.27 -14.34
N LEU C 415 -8.11 -22.57 -14.13
CA LEU C 415 -8.70 -23.82 -14.60
C LEU C 415 -9.15 -23.75 -16.06
N ILE C 416 -9.02 -22.60 -16.72
CA ILE C 416 -9.24 -22.47 -18.15
C ILE C 416 -7.95 -22.10 -18.87
N ASN C 417 -7.36 -20.95 -18.54
CA ASN C 417 -5.98 -20.60 -18.85
C ASN C 417 -5.73 -20.39 -20.35
N ASP C 418 -6.78 -20.22 -21.15
CA ASP C 418 -6.59 -20.02 -22.58
C ASP C 418 -7.72 -19.18 -23.14
N ALA C 419 -7.37 -18.19 -23.95
CA ALA C 419 -8.37 -17.24 -24.44
C ALA C 419 -9.30 -17.87 -25.47
N LYS C 420 -8.77 -18.75 -26.31
CA LYS C 420 -9.61 -19.42 -27.30
C LYS C 420 -10.53 -20.44 -26.65
N LYS C 421 -10.01 -21.19 -25.67
CA LYS C 421 -10.86 -22.09 -24.90
C LYS C 421 -11.88 -21.32 -24.07
N ALA C 422 -11.50 -20.13 -23.59
CA ALA C 422 -12.44 -19.32 -22.83
C ALA C 422 -13.61 -18.88 -23.69
N ARG C 423 -13.35 -18.45 -24.92
CA ARG C 423 -14.43 -18.06 -25.83
C ARG C 423 -15.29 -19.26 -26.18
N GLU C 424 -14.68 -20.43 -26.34
CA GLU C 424 -15.43 -21.63 -26.68
C GLU C 424 -16.40 -22.00 -25.57
N ILE C 425 -15.92 -22.03 -24.32
CA ILE C 425 -16.78 -22.41 -23.20
C ILE C 425 -17.81 -21.33 -22.92
N LEU C 426 -17.40 -20.06 -22.91
CA LEU C 426 -18.32 -18.97 -22.59
C LEU C 426 -19.48 -18.93 -23.56
N ASP C 427 -19.22 -19.12 -24.85
CA ASP C 427 -20.31 -19.12 -25.83
C ASP C 427 -21.24 -20.30 -25.61
N ALA C 428 -20.70 -21.46 -25.22
CA ALA C 428 -21.55 -22.61 -24.94
C ALA C 428 -22.36 -22.43 -23.67
N ILE C 430 -23.43 -19.39 -22.48
CA ILE C 430 -24.40 -18.32 -22.66
C ILE C 430 -25.73 -18.87 -23.15
N GLU C 431 -25.70 -19.71 -24.19
CA GLU C 431 -26.78 -20.48 -24.79
C GLU C 431 -27.62 -21.19 -23.74
N VAL C 432 -26.84 -22.01 -23.03
CA VAL C 432 -27.42 -22.93 -22.06
C VAL C 432 -28.05 -22.16 -20.89
N ASN C 433 -27.50 -20.99 -20.56
CA ASN C 433 -27.97 -20.21 -19.42
C ASN C 433 -28.93 -19.10 -19.82
N LYS C 434 -29.61 -19.24 -20.96
CA LYS C 434 -30.57 -18.22 -21.40
C LYS C 434 -31.65 -18.01 -20.35
N GLY C 435 -31.92 -16.75 -20.03
CA GLY C 435 -32.92 -16.41 -19.03
C GLY C 435 -32.49 -16.56 -17.60
N TRP C 437 -28.94 -15.80 -16.86
CA TRP C 437 -27.76 -14.95 -16.86
C TRP C 437 -28.15 -13.51 -17.16
N PRO C 438 -27.33 -12.54 -16.76
CA PRO C 438 -27.45 -11.21 -17.34
C PRO C 438 -26.93 -11.22 -18.76
N GLU C 439 -27.46 -10.32 -19.59
CA GLU C 439 -27.01 -10.25 -20.96
C GLU C 439 -25.54 -9.84 -20.99
N LEU C 440 -24.81 -10.36 -21.97
CA LEU C 440 -23.39 -10.07 -22.15
C LEU C 440 -23.20 -9.52 -23.56
N LYS C 441 -23.09 -8.21 -23.68
CA LYS C 441 -22.95 -7.53 -24.96
C LYS C 441 -21.52 -7.05 -25.16
N LYS D 2 1.97 -27.59 36.50
CA LYS D 2 3.24 -26.93 36.19
C LYS D 2 3.40 -25.63 36.98
N LYS D 3 4.49 -25.45 37.73
CA LYS D 3 4.75 -24.20 38.44
C LYS D 3 5.86 -23.43 37.73
N TYR D 4 5.81 -22.10 37.86
CA TYR D 4 6.61 -21.20 37.04
C TYR D 4 7.67 -20.46 37.84
N ASN D 5 8.77 -20.12 37.17
CA ASN D 5 9.86 -19.33 37.72
C ASN D 5 9.82 -17.94 37.11
N VAL D 6 9.86 -16.91 37.97
CA VAL D 6 9.63 -15.54 37.55
C VAL D 6 10.77 -14.67 38.07
N CYS D 7 11.23 -13.73 37.24
CA CYS D 7 12.23 -12.74 37.61
C CYS D 7 11.68 -11.34 37.38
N ILE D 8 11.84 -10.47 38.36
CA ILE D 8 11.44 -9.07 38.23
C ILE D 8 12.72 -8.25 38.06
N VAL D 9 12.89 -7.67 36.87
CA VAL D 9 14.02 -6.79 36.60
C VAL D 9 13.63 -5.38 37.05
N GLY D 10 14.41 -4.80 37.96
CA GLY D 10 14.06 -3.55 38.57
C GLY D 10 13.36 -3.76 39.90
N GLY D 11 13.96 -4.59 40.76
CA GLY D 11 13.35 -4.92 42.03
C GLY D 11 13.27 -3.76 43.00
N GLY D 12 14.12 -2.74 42.82
CA GLY D 12 14.06 -1.55 43.63
C GLY D 12 13.01 -0.55 43.21
N SER D 13 12.07 -0.95 42.36
CA SER D 13 11.04 -0.05 41.88
C SER D 13 9.96 0.15 42.94
N THR D 14 9.33 1.32 42.91
CA THR D 14 8.24 1.61 43.83
C THR D 14 7.03 0.70 43.61
N TYR D 15 6.94 0.08 42.44
CA TYR D 15 5.84 -0.82 42.13
C TYR D 15 6.08 -2.25 42.61
N THR D 16 7.31 -2.61 42.95
CA THR D 16 7.61 -3.99 43.30
C THR D 16 6.86 -4.48 44.55
N PRO D 17 6.76 -3.72 45.66
CA PRO D 17 5.94 -4.20 46.78
C PRO D 17 4.51 -4.51 46.39
N GLY D 18 3.91 -3.69 45.52
CA GLY D 18 2.60 -4.02 45.00
C GLY D 18 2.58 -5.31 44.20
N PHE D 19 3.69 -5.62 43.53
CA PHE D 19 3.79 -6.89 42.81
C PHE D 19 3.86 -8.06 43.77
N LEU D 20 4.62 -7.92 44.85
CA LEU D 20 4.77 -9.01 45.81
C LEU D 20 3.45 -9.33 46.50
N LYS D 21 2.68 -8.31 46.85
CA LYS D 21 1.38 -8.53 47.46
C LYS D 21 0.42 -9.22 46.49
N SER D 22 0.48 -8.82 45.24
CA SER D 22 -0.38 -9.39 44.20
C SER D 22 -0.11 -10.87 43.97
N PHE D 23 1.16 -11.26 44.05
CA PHE D 23 1.55 -12.64 43.88
C PHE D 23 0.90 -13.49 44.97
N VAL D 24 0.88 -12.99 46.19
CA VAL D 24 0.22 -13.68 47.29
C VAL D 24 -1.28 -13.82 47.02
N ARG D 25 -1.88 -12.74 46.54
CA ARG D 25 -3.32 -12.71 46.30
C ARG D 25 -3.70 -13.72 45.24
N LEU D 26 -2.86 -13.83 44.24
CA LEU D 26 -3.15 -14.60 43.04
C LEU D 26 -2.43 -15.94 43.03
N GLN D 27 -2.09 -16.45 44.20
CA GLN D 27 -1.22 -17.63 44.26
C GLN D 27 -1.86 -18.74 43.48
N ASN D 28 -3.16 -18.93 43.67
CA ASN D 28 -3.89 -19.98 42.98
C ASN D 28 -4.02 -19.87 41.45
N GLU D 29 -4.28 -18.67 40.95
CA GLU D 29 -4.31 -18.42 39.50
C GLU D 29 -2.96 -18.59 38.82
N PHE D 30 -1.92 -18.13 39.50
CA PHE D 30 -0.58 -18.03 38.92
C PHE D 30 0.40 -18.69 39.87
N PRO D 31 0.54 -20.01 39.78
CA PRO D 31 1.41 -20.74 40.72
C PRO D 31 2.88 -20.54 40.38
N GLU D 33 7.10 -21.16 41.67
CA GLU D 33 8.06 -21.93 42.47
C GLU D 33 9.26 -21.11 42.91
N LYS D 34 9.64 -20.09 42.15
CA LYS D 34 10.83 -19.30 42.44
C LYS D 34 10.63 -17.89 41.89
N LEU D 35 10.96 -16.89 42.71
CA LEU D 35 10.88 -15.50 42.31
C LEU D 35 12.17 -14.80 42.71
N VAL D 36 12.81 -14.13 41.74
CA VAL D 36 14.05 -13.42 42.00
C VAL D 36 13.86 -11.95 41.62
N LEU D 37 14.35 -11.07 42.49
CA LEU D 37 14.33 -9.63 42.25
C LEU D 37 15.73 -9.21 41.81
N PHE D 38 15.82 -8.54 40.65
CA PHE D 38 17.09 -8.10 40.11
C PHE D 38 17.09 -6.58 39.99
N ASP D 39 18.26 -5.97 40.23
CA ASP D 39 18.42 -4.53 40.12
C ASP D 39 19.90 -4.21 40.03
N ILE D 40 20.19 -3.00 39.52
CA ILE D 40 21.56 -2.51 39.49
C ILE D 40 21.90 -1.67 40.73
N ASP D 41 20.93 -1.42 41.60
CA ASP D 41 21.13 -0.63 42.81
C ASP D 41 20.82 -1.54 44.00
N ALA D 42 21.88 -2.10 44.60
CA ALA D 42 21.69 -3.06 45.68
C ALA D 42 21.04 -2.41 46.90
N GLU D 43 21.42 -1.17 47.21
CA GLU D 43 20.93 -0.51 48.42
C GLU D 43 19.46 -0.13 48.29
N ARG D 44 19.00 0.17 47.08
CA ARG D 44 17.60 0.54 46.88
C ARG D 44 16.69 -0.69 46.92
N GLN D 45 17.18 -1.83 46.41
CA GLN D 45 16.38 -3.05 46.38
C GLN D 45 16.34 -3.76 47.72
N GLN D 46 17.31 -3.49 48.61
CA GLN D 46 17.40 -4.24 49.86
C GLN D 46 16.16 -4.13 50.73
N PRO D 47 15.64 -2.94 51.07
CA PRO D 47 14.44 -2.91 51.91
C PRO D 47 13.22 -3.51 51.26
N ILE D 48 13.14 -3.45 49.93
CA ILE D 48 12.04 -4.11 49.22
C ILE D 48 12.17 -5.62 49.32
N GLY D 49 13.39 -6.13 49.13
CA GLY D 49 13.60 -7.57 49.22
C GLY D 49 13.45 -8.10 50.63
N GLU D 50 13.88 -7.30 51.63
CA GLU D 50 13.74 -7.73 53.01
C GLU D 50 12.27 -7.74 53.44
N PHE D 51 11.46 -6.82 52.91
CA PHE D 51 10.02 -6.88 53.15
C PHE D 51 9.41 -8.10 52.50
N GLY D 52 9.86 -8.44 51.29
CA GLY D 52 9.31 -9.59 50.60
C GLY D 52 9.59 -10.89 51.32
N LYS D 53 10.77 -11.01 51.92
CA LYS D 53 11.09 -12.20 52.72
C LYS D 53 10.13 -12.34 53.89
N ILE D 54 9.75 -11.21 54.51
CA ILE D 54 8.82 -11.25 55.63
C ILE D 54 7.42 -11.59 55.15
N LEU D 55 6.96 -10.93 54.09
CA LEU D 55 5.61 -11.15 53.60
C LEU D 55 5.44 -12.58 53.07
N PHE D 56 6.41 -13.06 52.29
CA PHE D 56 6.29 -14.39 51.71
C PHE D 56 6.44 -15.47 52.78
N SER D 57 7.27 -15.25 53.80
CA SER D 57 7.41 -16.24 54.86
C SER D 57 6.08 -16.46 55.59
N GLU D 58 5.21 -15.46 55.61
CA GLU D 58 3.95 -15.54 56.33
C GLU D 58 2.82 -16.11 55.50
N ARG D 59 2.80 -15.87 54.18
CA ARG D 59 1.69 -16.35 53.38
C ARG D 59 2.11 -17.05 52.09
N PHE D 60 3.39 -17.07 51.72
CA PHE D 60 3.90 -17.87 50.62
C PHE D 60 5.12 -18.67 51.07
N PRO D 61 4.97 -19.53 52.09
CA PRO D 61 6.13 -20.26 52.60
C PRO D 61 6.81 -21.14 51.56
N GLU D 62 6.05 -21.67 50.60
CA GLU D 62 6.65 -22.57 49.61
C GLU D 62 7.64 -21.84 48.71
N LEU D 63 7.42 -20.55 48.46
CA LEU D 63 8.13 -19.84 47.41
C LEU D 63 9.61 -19.66 47.74
N ASP D 64 10.47 -19.94 46.77
CA ASP D 64 11.90 -19.67 46.86
C ASP D 64 12.10 -18.22 46.41
N PHE D 65 12.11 -17.30 47.38
CA PHE D 65 12.23 -15.88 47.10
C PHE D 65 13.64 -15.40 47.40
N SER D 66 14.17 -14.56 46.51
CA SER D 66 15.51 -14.01 46.67
C SER D 66 15.60 -12.73 45.85
N TYR D 67 16.56 -11.89 46.22
CA TYR D 67 16.90 -10.69 45.47
C TYR D 67 18.41 -10.61 45.33
N THR D 68 18.86 -10.21 44.13
CA THR D 68 20.28 -10.29 43.82
C THR D 68 20.70 -9.13 42.94
N THR D 69 22.02 -8.93 42.86
CA THR D 69 22.65 -7.99 41.94
C THR D 69 23.29 -8.69 40.75
N ASP D 70 23.44 -10.01 40.79
CA ASP D 70 24.14 -10.78 39.77
C ASP D 70 23.18 -11.18 38.67
N PRO D 71 23.49 -10.87 37.41
CA PRO D 71 22.59 -11.27 36.31
C PRO D 71 22.46 -12.78 36.16
N ALA D 72 23.52 -13.54 36.41
CA ALA D 72 23.46 -14.98 36.23
C ALA D 72 22.48 -15.62 37.20
N GLU D 73 22.42 -15.11 38.43
CA GLU D 73 21.50 -15.67 39.42
C GLU D 73 20.05 -15.35 39.06
N ALA D 74 19.80 -14.21 38.43
CA ALA D 74 18.42 -13.77 38.21
C ALA D 74 17.83 -14.34 36.93
N TYR D 75 18.66 -14.68 35.96
CA TYR D 75 18.16 -15.02 34.64
C TYR D 75 18.20 -16.50 34.27
N LYS D 76 18.94 -17.28 35.04
CA LYS D 76 19.05 -18.70 34.77
C LYS D 76 17.76 -19.42 35.05
N ASP D 77 17.33 -20.24 34.12
CA ASP D 77 16.13 -21.02 34.21
C ASP D 77 14.87 -20.26 34.64
N ASP D 79 11.03 -18.64 33.46
CA ASP D 79 9.90 -18.78 32.57
C ASP D 79 9.34 -17.43 32.14
N PHE D 80 9.33 -16.46 33.06
CA PHE D 80 8.82 -15.13 32.79
C PHE D 80 9.76 -14.09 33.36
N ILE D 81 10.06 -13.06 32.58
CA ILE D 81 10.83 -11.90 33.04
C ILE D 81 9.89 -10.70 33.09
N PHE D 82 9.66 -10.18 34.28
CA PHE D 82 8.83 -9.00 34.49
C PHE D 82 9.76 -7.79 34.56
N GLN D 84 10.40 -3.82 34.78
CA GLN D 84 9.88 -2.52 35.18
C GLN D 84 11.03 -1.57 35.53
N ARG D 86 13.61 1.66 35.25
CA ARG D 86 13.55 3.08 34.90
C ARG D 86 14.98 3.55 34.73
N ALA D 87 15.45 3.57 33.48
CA ALA D 87 16.82 4.01 33.19
C ALA D 87 17.03 5.44 33.65
N GLY D 88 17.99 5.63 34.55
CA GLY D 88 18.26 6.93 35.12
C GLY D 88 17.51 7.22 36.40
N GLY D 89 16.46 6.47 36.69
CA GLY D 89 15.70 6.64 37.91
C GLY D 89 14.95 7.96 37.95
N LEU D 90 14.25 8.17 39.07
CA LEU D 90 13.51 9.41 39.29
C LEU D 90 14.39 10.66 39.26
N PRO D 91 15.63 10.66 39.75
CA PRO D 91 16.45 11.89 39.66
C PRO D 91 16.56 12.48 38.26
N ARG D 93 14.33 11.63 35.58
CA ARG D 93 12.98 12.00 35.20
C ARG D 93 12.68 13.42 35.65
N ARG D 94 13.24 13.80 36.81
CA ARG D 94 13.15 15.18 37.27
C ARG D 94 13.82 16.15 36.30
N GLU D 95 14.96 15.79 35.78
CA GLU D 95 15.60 16.68 34.83
C GLU D 95 14.87 16.69 33.53
N ASP D 96 14.34 15.56 33.10
CA ASP D 96 13.56 15.53 31.86
C ASP D 96 12.44 16.56 31.90
N GLU D 97 11.73 16.63 33.03
CA GLU D 97 10.59 17.53 33.13
C GLU D 97 11.01 18.95 33.45
N HIS D 98 12.03 19.13 34.29
CA HIS D 98 12.45 20.47 34.65
C HIS D 98 13.06 21.21 33.46
N ILE D 99 13.96 20.56 32.72
CA ILE D 99 14.64 21.24 31.62
C ILE D 99 13.66 21.61 30.51
N SER D 100 12.69 20.74 30.24
CA SER D 100 11.70 21.03 29.20
C SER D 100 10.83 22.22 29.57
N LEU D 101 10.31 22.22 30.80
CA LEU D 101 9.41 23.30 31.22
C LEU D 101 10.13 24.63 31.33
N HIS D 102 11.38 24.62 31.81
CA HIS D 102 12.16 25.85 31.87
C HIS D 102 12.49 26.39 30.49
N LEU D 103 12.47 25.55 29.47
CA LEU D 103 12.75 25.96 28.10
C LEU D 103 11.47 26.21 27.29
N GLY D 104 10.31 26.19 27.94
CA GLY D 104 9.09 26.65 27.33
C GLY D 104 8.26 25.61 26.60
N ARG D 105 8.41 24.32 26.93
CA ARG D 105 7.59 23.26 26.37
C ARG D 105 7.27 22.23 27.44
N ILE D 106 6.33 21.34 27.12
CA ILE D 106 5.80 20.38 28.09
C ILE D 106 6.89 19.44 28.56
N GLY D 107 6.99 19.27 29.88
CA GLY D 107 7.87 18.28 30.47
C GLY D 107 7.09 17.12 31.05
N GLN D 108 7.17 15.95 30.41
CA GLN D 108 6.41 14.79 30.83
C GLN D 108 7.32 13.56 30.78
N GLU D 109 6.87 12.50 31.46
CA GLU D 109 7.71 11.31 31.61
C GLU D 109 7.93 10.60 30.29
N THR D 110 6.88 10.44 29.47
CA THR D 110 6.96 9.66 28.24
C THR D 110 6.61 10.44 26.99
N CYS D 111 6.14 11.69 27.11
CA CYS D 111 5.71 12.47 25.96
C CYS D 111 6.54 13.75 25.87
N GLY D 112 6.89 14.12 24.64
CA GLY D 112 7.61 15.36 24.42
C GLY D 112 9.11 15.20 24.57
N ALA D 113 9.76 16.31 24.95
CA ALA D 113 11.22 16.32 25.06
C ALA D 113 11.69 15.39 26.17
N GLY D 114 11.02 15.43 27.32
CA GLY D 114 11.44 14.57 28.43
C GLY D 114 11.27 13.10 28.13
N GLY D 115 10.19 12.73 27.44
CA GLY D 115 9.98 11.33 27.11
C GLY D 115 10.97 10.80 26.10
N ALA D 117 14.07 12.00 25.72
CA ALA D 117 15.31 11.88 26.46
C ALA D 117 15.32 10.62 27.32
N TYR D 118 14.19 10.33 27.97
CA TYR D 118 14.02 9.06 28.67
C TYR D 118 14.07 7.89 27.70
N GLY D 119 13.62 8.09 26.45
CA GLY D 119 13.63 7.03 25.48
C GLY D 119 15.04 6.59 25.11
N LEU D 120 15.94 7.56 24.94
CA LEU D 120 17.32 7.22 24.59
C LEU D 120 18.01 6.47 25.73
N ARG D 121 17.76 6.89 26.98
CA ARG D 121 18.30 6.15 28.11
C ARG D 121 17.74 4.73 28.16
N SER D 122 16.45 4.57 27.85
CA SER D 122 15.85 3.24 27.88
C SER D 122 16.38 2.38 26.76
N CYS D 123 16.59 2.95 25.57
CA CYS D 123 17.11 2.17 24.44
C CYS D 123 18.45 1.54 24.78
N VAL D 124 19.34 2.29 25.42
CA VAL D 124 20.67 1.77 25.74
C VAL D 124 20.57 0.63 26.74
N ASP D 125 19.86 0.85 27.84
CA ASP D 125 19.87 -0.11 28.94
C ASP D 125 18.99 -1.32 28.65
N ILE D 127 18.21 -2.72 25.72
CA ILE D 127 18.89 -3.60 24.76
C ILE D 127 20.03 -4.35 25.45
N GLU D 128 20.77 -3.65 26.33
CA GLU D 128 21.81 -4.32 27.09
C GLU D 128 21.24 -5.37 28.03
N SER D 129 20.05 -5.13 28.57
CA SER D 129 19.46 -6.07 29.52
C SER D 129 18.91 -7.31 28.83
N ILE D 130 18.26 -7.14 27.68
CA ILE D 130 17.69 -8.28 26.97
C ILE D 130 18.79 -9.23 26.50
N HIS D 131 19.92 -8.67 26.05
CA HIS D 131 21.04 -9.51 25.64
C HIS D 131 21.55 -10.35 26.80
N GLN D 132 21.53 -9.81 28.01
CA GLN D 132 21.94 -10.58 29.18
C GLN D 132 20.94 -11.68 29.50
N ILE D 133 19.64 -11.38 29.39
CA ILE D 133 18.61 -12.38 29.66
C ILE D 133 18.71 -13.52 28.67
N ARG D 134 18.84 -13.20 27.38
CA ARG D 134 18.89 -14.23 26.35
C ARG D 134 20.15 -15.08 26.46
N GLN D 135 21.17 -14.62 27.19
CA GLN D 135 22.36 -15.44 27.38
C GLN D 135 22.09 -16.61 28.32
N TYR D 136 21.17 -16.43 29.27
CA TYR D 136 20.89 -17.46 30.28
C TYR D 136 19.55 -18.16 30.07
N SER D 137 18.55 -17.47 29.53
CA SER D 137 17.24 -18.08 29.27
C SER D 137 16.75 -17.62 27.90
N PRO D 138 17.12 -18.35 26.85
CA PRO D 138 16.73 -17.94 25.49
C PRO D 138 15.23 -18.07 25.23
N ASN D 139 14.50 -18.87 26.01
CA ASN D 139 13.09 -19.13 25.76
C ASN D 139 12.17 -18.47 26.78
N ALA D 140 12.70 -17.59 27.63
CA ALA D 140 11.87 -16.94 28.64
C ALA D 140 10.96 -15.91 28.00
N TRP D 141 9.71 -15.86 28.46
CA TRP D 141 8.77 -14.84 28.02
C TRP D 141 9.08 -13.54 28.74
N ILE D 142 9.31 -12.47 27.98
CA ILE D 142 9.72 -11.19 28.54
C ILE D 142 8.54 -10.22 28.44
N LEU D 143 7.96 -9.90 29.58
CA LEU D 143 6.88 -8.91 29.66
C LEU D 143 7.45 -7.61 30.17
N ASN D 144 7.26 -6.53 29.41
CA ASN D 144 7.94 -5.27 29.66
C ASN D 144 6.95 -4.18 30.04
N TYR D 145 7.28 -3.42 31.06
CA TYR D 145 6.54 -2.24 31.43
C TYR D 145 7.39 -1.01 31.24
N SER D 146 8.70 -1.18 31.19
CA SER D 146 9.61 -0.05 31.16
C SER D 146 9.30 0.90 30.03
N ASN D 147 9.05 2.16 30.36
CA ASN D 147 8.73 3.19 29.38
C ASN D 147 10.00 3.85 28.89
N PRO D 148 9.89 4.70 27.88
CA PRO D 148 8.63 4.94 27.16
C PRO D 148 8.35 3.80 26.19
N ALA D 149 7.28 3.08 26.45
CA ALA D 149 7.01 1.83 25.78
C ALA D 149 7.03 1.89 24.25
N ALA D 150 6.47 2.93 23.67
CA ALA D 150 6.44 3.05 22.22
C ALA D 150 7.84 3.14 21.64
N ILE D 151 8.72 3.92 22.27
CA ILE D 151 10.09 4.05 21.78
C ILE D 151 10.87 2.78 22.04
N VAL D 152 10.64 2.15 23.20
CA VAL D 152 11.32 0.89 23.52
C VAL D 152 10.91 -0.21 22.55
N ALA D 153 9.62 -0.28 22.23
CA ALA D 153 9.15 -1.33 21.32
C ALA D 153 9.74 -1.16 19.93
N GLU D 154 9.95 0.09 19.49
CA GLU D 154 10.55 0.31 18.18
C GLU D 154 12.03 -0.07 18.17
N ALA D 155 12.75 0.26 19.24
CA ALA D 155 14.15 -0.13 19.33
C ALA D 155 14.29 -1.64 19.45
N LEU D 156 13.42 -2.27 20.22
CA LEU D 156 13.48 -3.72 20.38
C LEU D 156 13.14 -4.44 19.09
N ARG D 157 12.30 -3.83 18.24
CA ARG D 157 11.98 -4.44 16.95
C ARG D 157 13.22 -4.61 16.09
N ARG D 158 14.08 -3.58 16.05
CA ARG D 158 15.27 -3.65 15.23
C ARG D 158 16.33 -4.56 15.84
N GLU D 159 16.48 -4.51 17.16
CA GLU D 159 17.53 -5.28 17.82
C GLU D 159 17.25 -6.78 17.78
N PHE D 160 16.00 -7.17 18.01
CA PHE D 160 15.61 -8.58 18.10
C PHE D 160 14.46 -8.84 17.14
N PRO D 161 14.73 -8.87 15.83
CA PRO D 161 13.64 -9.04 14.85
C PRO D 161 13.05 -10.44 14.85
N ASP D 162 13.80 -11.46 15.29
CA ASP D 162 13.32 -12.83 15.26
C ASP D 162 12.94 -13.36 16.64
N ASP D 163 13.04 -12.53 17.68
CA ASP D 163 12.60 -12.92 19.02
C ASP D 163 11.10 -12.70 19.12
N ASN D 164 10.34 -13.79 19.24
CA ASN D 164 8.89 -13.73 19.33
C ASN D 164 8.39 -13.92 20.76
N ARG D 165 9.24 -13.70 21.75
CA ARG D 165 8.87 -13.81 23.15
C ARG D 165 9.18 -12.52 23.90
N ILE D 166 8.85 -11.38 23.27
CA ILE D 166 9.00 -10.06 23.87
C ILE D 166 7.70 -9.31 23.65
N LEU D 167 7.06 -8.90 24.75
CA LEU D 167 5.78 -8.21 24.68
C LEU D 167 5.83 -6.96 25.55
N ASN D 168 5.61 -5.80 24.93
CA ASN D 168 5.49 -4.54 25.64
C ASN D 168 4.01 -4.22 25.84
N ILE D 169 3.63 -3.94 27.08
CA ILE D 169 2.24 -3.65 27.41
C ILE D 169 2.17 -2.37 28.23
N CYS D 170 0.95 -1.86 28.38
CA CYS D 170 0.69 -0.62 29.10
C CYS D 170 -0.67 -0.71 29.76
N ASP D 171 -0.78 -0.16 30.96
CA ASP D 171 -1.99 -0.28 31.76
C ASP D 171 -2.96 0.88 31.58
N GLN D 172 -2.62 1.86 30.75
CA GLN D 172 -3.48 3.03 30.57
C GLN D 172 -4.79 2.68 29.86
N PRO D 173 -4.77 1.89 28.77
CA PRO D 173 -6.06 1.48 28.18
C PRO D 173 -6.96 0.73 29.16
N GLU D 174 -6.39 -0.13 30.00
CA GLU D 174 -7.21 -0.85 30.96
C GLU D 174 -7.73 0.08 32.06
N ASN D 175 -6.92 1.06 32.47
CA ASN D 175 -7.35 1.99 33.50
C ASN D 175 -8.51 2.86 33.02
N ILE D 176 -8.57 3.15 31.72
CA ILE D 176 -9.69 3.91 31.18
C ILE D 176 -10.96 3.06 31.20
N ARG D 178 -11.38 0.70 33.34
CA ARG D 178 -11.67 0.61 34.77
C ARG D 178 -12.48 1.82 35.25
N SER D 179 -12.10 3.02 34.81
CA SER D 179 -12.80 4.22 35.23
C SER D 179 -14.15 4.37 34.52
N VAL D 180 -14.26 3.85 33.29
CA VAL D 180 -15.57 3.81 32.63
C VAL D 180 -16.52 2.92 33.40
N SER D 181 -15.99 1.83 33.97
CA SER D 181 -16.83 0.94 34.78
C SER D 181 -17.34 1.63 36.02
N ARG D 182 -16.48 2.38 36.71
CA ARG D 182 -16.94 3.18 37.84
C ARG D 182 -17.94 4.24 37.39
N LEU D 183 -17.77 4.76 36.18
CA LEU D 183 -18.68 5.78 35.65
C LEU D 183 -20.04 5.18 35.31
N LEU D 184 -20.08 3.91 34.91
CA LEU D 184 -21.31 3.23 34.52
C LEU D 184 -21.86 2.32 35.61
N ASN D 185 -21.15 2.17 36.73
CA ASN D 185 -21.54 1.24 37.79
C ASN D 185 -21.65 -0.19 37.27
N VAL D 186 -20.59 -0.63 36.58
CA VAL D 186 -20.47 -1.99 36.09
C VAL D 186 -19.08 -2.51 36.43
N SER D 187 -18.87 -3.80 36.18
CA SER D 187 -17.55 -4.39 36.33
C SER D 187 -16.76 -4.16 35.04
N TRP D 188 -15.49 -3.75 35.19
CA TRP D 188 -14.68 -3.41 34.03
C TRP D 188 -14.39 -4.62 33.14
N GLU D 189 -14.49 -5.83 33.69
CA GLU D 189 -14.29 -7.03 32.90
C GLU D 189 -15.48 -7.36 32.00
N ASP D 190 -16.52 -6.54 32.05
CA ASP D 190 -17.71 -6.71 31.23
C ASP D 190 -17.75 -5.75 30.04
N LEU D 191 -16.63 -5.11 29.74
CA LEU D 191 -16.52 -4.13 28.66
C LEU D 191 -15.59 -4.68 27.58
N ASP D 192 -16.08 -4.74 26.35
CA ASP D 192 -15.28 -5.19 25.21
C ASP D 192 -14.92 -4.00 24.33
N PRO D 193 -13.71 -3.46 24.44
CA PRO D 193 -13.37 -2.25 23.68
C PRO D 193 -12.83 -2.54 22.29
N VAL D 194 -13.00 -1.55 21.42
CA VAL D 194 -12.37 -1.52 20.11
C VAL D 194 -11.46 -0.30 20.09
N TYR D 195 -10.17 -0.52 19.87
CA TYR D 195 -9.15 0.48 20.17
C TYR D 195 -8.07 0.47 19.08
N PHE D 196 -7.49 1.64 18.84
CA PHE D 196 -6.37 1.78 17.92
C PHE D 196 -5.52 2.96 18.35
N GLY D 197 -4.24 2.91 18.01
CA GLY D 197 -3.35 4.03 18.22
C GLY D 197 -1.96 3.54 18.58
N LEU D 198 -1.11 4.51 18.90
CA LEU D 198 0.20 4.24 19.47
C LEU D 198 0.11 4.27 21.00
N ASN D 199 1.16 3.81 21.66
CA ASN D 199 1.18 3.83 23.11
C ASN D 199 1.08 5.26 23.62
N HIS D 200 0.17 5.48 24.57
CA HIS D 200 -0.12 6.81 25.10
C HIS D 200 -0.54 7.77 23.99
N TYR D 201 -1.28 7.25 23.02
CA TYR D 201 -1.73 8.02 21.87
C TYR D 201 -2.77 7.21 21.10
N GLY D 202 -3.96 7.02 21.69
CA GLY D 202 -4.97 6.18 21.08
C GLY D 202 -6.37 6.65 21.39
N TRP D 203 -7.33 5.98 20.75
CA TRP D 203 -8.75 6.29 20.89
C TRP D 203 -9.55 5.00 20.95
N PHE D 204 -10.67 5.04 21.68
CA PHE D 204 -11.62 3.94 21.74
C PHE D 204 -12.76 4.26 20.78
N THR D 205 -12.86 3.48 19.69
CA THR D 205 -13.95 3.70 18.75
C THR D 205 -15.25 3.05 19.21
N HIS D 206 -15.17 2.00 20.03
CA HIS D 206 -16.34 1.35 20.57
C HIS D 206 -16.04 0.84 21.97
N VAL D 207 -17.08 0.79 22.81
CA VAL D 207 -17.02 0.15 24.12
C VAL D 207 -18.28 -0.71 24.22
N TYR D 208 -18.18 -1.97 23.81
CA TYR D 208 -19.33 -2.85 23.79
C TYR D 208 -19.56 -3.49 25.16
N ASP D 209 -20.82 -3.73 25.46
CA ASP D 209 -21.19 -4.53 26.62
C ASP D 209 -20.97 -6.00 26.30
N ARG D 210 -20.36 -6.71 27.25
CA ARG D 210 -19.92 -8.05 26.86
C ARG D 210 -21.09 -9.01 26.65
N LYS D 211 -22.20 -8.87 27.38
CA LYS D 211 -23.27 -9.86 27.33
C LYS D 211 -24.27 -9.56 26.21
N THR D 212 -24.58 -8.30 25.99
CA THR D 212 -25.54 -7.89 24.96
C THR D 212 -24.85 -7.37 23.70
N GLY D 213 -23.60 -6.96 23.79
CA GLY D 213 -22.93 -6.34 22.68
C GLY D 213 -23.39 -4.94 22.37
N GLU D 214 -24.26 -4.37 23.20
CA GLU D 214 -24.70 -2.99 23.01
C GLU D 214 -23.52 -2.04 23.14
N ASP D 215 -23.42 -1.11 22.19
CA ASP D 215 -22.37 -0.10 22.24
C ASP D 215 -22.69 0.89 23.36
N LEU D 216 -21.81 0.96 24.36
CA LEU D 216 -22.03 1.82 25.52
C LEU D 216 -21.43 3.20 25.35
N LEU D 217 -20.68 3.46 24.28
CA LEU D 217 -20.05 4.77 24.12
C LEU D 217 -21.05 5.92 24.01
N PRO D 218 -22.23 5.79 23.37
CA PRO D 218 -23.19 6.90 23.44
C PRO D 218 -23.55 7.30 24.85
N GLU D 219 -23.77 6.34 25.76
CA GLU D 219 -24.12 6.67 27.13
C GLU D 219 -22.90 7.18 27.90
N ILE D 220 -21.70 6.72 27.53
CA ILE D 220 -20.49 7.19 28.21
C ILE D 220 -20.31 8.68 28.00
N LYS D 221 -20.61 9.16 26.81
CA LYS D 221 -20.51 10.57 26.53
C LYS D 221 -21.50 11.37 27.36
N LYS D 222 -22.70 10.87 27.49
CA LYS D 222 -23.75 11.60 28.20
C LYS D 222 -23.38 11.79 29.66
N ILE D 223 -22.86 10.75 30.32
CA ILE D 223 -22.54 10.84 31.73
C ILE D 223 -21.28 11.67 31.93
N ILE D 224 -20.29 11.54 31.03
CA ILE D 224 -19.09 12.35 31.13
C ILE D 224 -19.45 13.83 31.03
N LYS D 225 -20.40 14.17 30.16
CA LYS D 225 -20.84 15.56 30.05
C LYS D 225 -21.50 16.03 31.34
N GLU D 226 -22.31 15.16 31.96
CA GLU D 226 -23.04 15.56 33.16
C GLU D 226 -22.15 15.53 34.40
N LYS D 227 -21.42 14.44 34.60
CA LYS D 227 -20.71 14.20 35.86
C LYS D 227 -19.20 14.35 35.76
N GLY D 228 -18.62 14.35 34.57
CA GLY D 228 -17.18 14.38 34.44
C GLY D 228 -16.58 12.99 34.40
N PHE D 229 -15.25 12.97 34.43
CA PHE D 229 -14.49 11.72 34.32
C PHE D 229 -13.53 11.62 35.50
N LEU D 230 -13.55 10.47 36.16
CA LEU D 230 -12.73 10.20 37.34
C LEU D 230 -11.96 8.91 37.16
N PRO D 231 -10.73 8.84 37.66
CA PRO D 231 -10.05 7.54 37.73
C PRO D 231 -10.76 6.62 38.71
N GLN D 232 -10.67 5.31 38.44
CA GLN D 232 -11.39 4.34 39.25
C GLN D 232 -10.97 4.41 40.71
N ASP D 233 -9.72 4.76 40.99
CA ASP D 233 -9.20 4.91 42.33
C ASP D 233 -8.96 6.38 42.68
N ALA D 234 -9.93 7.23 42.35
CA ALA D 234 -9.73 8.68 42.45
C ALA D 234 -9.43 9.11 43.88
N GLU D 235 -10.04 8.45 44.86
CA GLU D 235 -9.83 8.83 46.25
C GLU D 235 -8.38 8.61 46.69
N GLN D 236 -7.64 7.75 46.00
CA GLN D 236 -6.24 7.50 46.31
C GLN D 236 -5.29 8.19 45.34
N ARG D 237 -5.81 9.04 44.46
CA ARG D 237 -5.01 9.64 43.39
C ARG D 237 -4.57 11.05 43.74
N ASP D 238 -3.38 11.40 43.28
CA ASP D 238 -2.89 12.76 43.43
C ASP D 238 -3.71 13.71 42.55
N GLN D 239 -3.60 15.01 42.84
CA GLN D 239 -4.42 16.00 42.16
C GLN D 239 -4.08 16.09 40.68
N SER D 240 -2.78 15.95 40.34
CA SER D 240 -2.39 16.02 38.94
C SER D 240 -3.05 14.92 38.11
N TRP D 241 -3.29 13.75 38.72
CA TRP D 241 -3.98 12.68 38.00
C TRP D 241 -5.47 12.98 37.88
N LEU D 242 -6.06 13.58 38.91
CA LEU D 242 -7.48 13.91 38.86
C LEU D 242 -7.78 14.94 37.77
N ASP D 243 -6.85 15.86 37.51
CA ASP D 243 -7.06 16.83 36.45
C ASP D 243 -6.89 16.19 35.07
N THR D 244 -5.95 15.25 34.94
CA THR D 244 -5.72 14.58 33.66
C THR D 244 -6.95 13.78 33.24
N TYR D 245 -7.59 13.11 34.19
CA TYR D 245 -8.81 12.36 33.88
C TYR D 245 -10.01 13.30 33.70
N GLY D 246 -10.08 14.36 34.52
CA GLY D 246 -11.17 15.31 34.38
C GLY D 246 -11.11 16.07 33.06
N PHE D 247 -9.92 16.26 32.51
CA PHE D 247 -9.77 16.94 31.23
C PHE D 247 -10.39 16.18 30.08
N VAL D 248 -10.69 14.88 30.27
CA VAL D 248 -11.35 14.10 29.23
C VAL D 248 -12.71 14.71 28.89
N GLN D 249 -13.37 15.33 29.86
CA GLN D 249 -14.65 15.98 29.61
C GLN D 249 -14.52 17.08 28.55
N THR D 250 -13.47 17.90 28.67
CA THR D 250 -13.26 18.97 27.69
C THR D 250 -12.98 18.40 26.30
N GLU D 253 -15.93 17.08 24.32
CA GLU D 253 -16.83 18.09 23.80
C GLU D 253 -16.29 18.69 22.50
N ASP D 254 -14.97 18.75 22.34
CA ASP D 254 -14.37 19.25 21.11
C ASP D 254 -14.20 18.16 20.06
N PHE D 255 -13.97 16.92 20.47
CA PHE D 255 -13.79 15.78 19.56
C PHE D 255 -14.70 14.66 20.03
N PRO D 256 -15.99 14.71 19.66
CA PRO D 256 -16.98 13.80 20.26
C PRO D 256 -17.13 12.48 19.52
N ASP D 257 -16.11 12.05 18.79
CA ASP D 257 -16.22 10.79 18.06
C ASP D 257 -15.85 9.60 18.93
N PHE D 258 -14.66 9.62 19.53
CA PHE D 258 -14.12 8.47 20.22
C PHE D 258 -13.73 8.83 21.65
N LEU D 259 -13.69 7.80 22.50
CA LEU D 259 -13.19 7.95 23.86
C LEU D 259 -11.68 7.99 23.83
N PRO D 260 -11.05 9.06 24.31
CA PRO D 260 -9.61 9.24 24.12
C PRO D 260 -8.75 8.69 25.25
N ASN D 261 -7.55 8.27 24.88
CA ASN D 261 -6.49 8.04 25.84
C ASN D 261 -6.16 9.35 26.54
N THR D 262 -6.04 9.32 27.88
CA THR D 262 -5.82 10.54 28.63
C THR D 262 -4.54 11.26 28.22
N TYR D 263 -3.57 10.54 27.66
CA TYR D 263 -2.36 11.17 27.16
C TYR D 263 -2.59 12.00 25.90
N ASP D 264 -3.75 11.85 25.25
CA ASP D 264 -4.05 12.67 24.09
C ASP D 264 -4.18 14.14 24.44
N GLY D 265 -4.38 14.47 25.73
CA GLY D 265 -4.52 15.85 26.13
C GLY D 265 -3.30 16.69 25.83
N TYR D 266 -2.11 16.10 25.97
CA TYR D 266 -0.88 16.83 25.65
C TYR D 266 -0.81 17.18 24.17
N TYR D 267 -1.13 16.22 23.30
CA TYR D 267 -0.93 16.41 21.87
C TYR D 267 -2.00 17.31 21.27
N LEU D 268 -3.20 17.34 21.83
CA LEU D 268 -4.28 18.16 21.30
C LEU D 268 -4.42 19.51 21.98
N TYR D 269 -3.91 19.66 23.20
CA TYR D 269 -3.96 20.92 23.93
C TYR D 269 -2.61 21.22 24.57
N PRO D 270 -1.56 21.39 23.76
CA PRO D 270 -0.24 21.66 24.35
C PRO D 270 -0.13 23.04 24.99
N ASP D 271 -1.00 23.98 24.63
CA ASP D 271 -0.98 25.29 25.28
C ASP D 271 -1.55 25.21 26.69
N TYR D 272 -2.72 24.59 26.84
CA TYR D 272 -3.34 24.49 28.16
C TYR D 272 -2.50 23.62 29.10
N LYS D 273 -2.02 22.47 28.62
CA LYS D 273 -1.24 21.58 29.47
C LYS D 273 0.03 22.25 29.94
N PHE D 274 0.72 22.97 29.05
CA PHE D 274 1.94 23.68 29.45
C PHE D 274 1.63 24.82 30.41
N SER D 275 0.46 25.46 30.27
CA SER D 275 0.15 26.61 31.09
C SER D 275 -0.10 26.23 32.54
N HIS D 276 -0.51 24.99 32.81
CA HIS D 276 -0.93 24.57 34.14
C HIS D 276 0.07 23.63 34.79
N LEU D 277 1.31 23.59 34.30
CA LEU D 277 2.36 22.78 34.90
C LEU D 277 3.33 23.68 35.67
N ASN D 278 3.66 23.26 36.89
CA ASN D 278 4.61 24.01 37.70
C ASN D 278 6.02 23.71 37.23
N PRO D 279 6.80 24.71 36.80
CA PRO D 279 8.15 24.43 36.31
C PRO D 279 9.15 24.10 37.40
N ASP D 280 8.86 24.44 38.66
CA ASP D 280 9.79 24.21 39.75
C ASP D 280 9.40 23.05 40.66
N TYR D 281 8.18 22.52 40.53
CA TYR D 281 7.75 21.34 41.25
C TYR D 281 6.94 20.47 40.29
N THR D 282 7.54 19.39 39.82
CA THR D 282 6.99 18.60 38.72
C THR D 282 6.46 17.26 39.25
N ARG D 283 5.96 16.45 38.30
CA ARG D 283 5.37 15.16 38.65
C ARG D 283 6.40 14.23 39.27
N ALA D 284 7.65 14.30 38.83
CA ALA D 284 8.70 13.49 39.45
C ALA D 284 8.87 13.85 40.91
N ASP D 285 8.76 15.13 41.24
CA ASP D 285 8.81 15.54 42.64
C ASP D 285 7.59 15.03 43.42
N GLU D 286 6.45 15.02 42.75
CA GLU D 286 5.26 14.51 43.38
C GLU D 286 5.46 13.04 43.70
N VAL D 287 6.05 12.29 42.78
CA VAL D 287 6.29 10.87 43.03
C VAL D 287 7.27 10.63 44.19
N ILE D 288 8.37 11.38 44.21
CA ILE D 288 9.38 11.20 45.23
C ILE D 288 8.81 11.52 46.61
N ASP D 289 8.09 12.64 46.68
CA ASP D 289 7.46 13.06 47.91
C ASP D 289 6.26 12.19 48.23
N GLY D 290 5.75 11.49 47.24
CA GLY D 290 4.54 10.73 47.42
C GLY D 290 4.73 9.23 47.41
N ARG D 291 4.62 8.62 46.23
CA ARG D 291 4.66 7.16 46.16
C ARG D 291 5.97 6.58 46.66
N GLU D 292 7.09 7.18 46.28
CA GLU D 292 8.37 6.64 46.71
C GLU D 292 8.50 6.71 48.22
N LYS D 293 8.11 7.84 48.79
CA LYS D 293 8.21 8.03 50.22
C LYS D 293 7.30 7.05 50.94
N ARG D 294 6.10 6.88 50.41
CA ARG D 294 5.13 5.98 51.00
C ARG D 294 5.53 4.51 50.97
N VAL D 295 6.05 4.06 49.83
CA VAL D 295 6.33 2.64 49.66
C VAL D 295 7.56 2.22 50.46
N PHE D 296 8.63 3.01 50.40
CA PHE D 296 9.86 2.64 51.09
C PHE D 296 9.72 2.73 52.60
N ALA D 297 8.82 3.58 53.09
CA ALA D 297 8.62 3.69 54.53
C ALA D 297 7.84 2.50 55.09
N GLU D 298 6.88 1.96 54.32
CA GLU D 298 6.15 0.79 54.80
C GLU D 298 7.06 -0.43 54.87
N CYS D 299 7.92 -0.63 53.87
CA CYS D 299 8.87 -1.73 53.92
C CYS D 299 9.80 -1.60 55.11
N ARG D 300 10.38 -0.41 55.30
CA ARG D 300 11.22 -0.16 56.47
C ARG D 300 10.42 -0.27 57.76
N GLU D 301 9.13 0.10 57.71
CA GLU D 301 8.25 -0.10 58.85
C GLU D 301 8.13 -1.58 59.20
N VAL D 302 7.96 -2.43 58.18
CA VAL D 302 7.79 -3.86 58.42
C VAL D 302 9.10 -4.49 58.88
N ILE D 303 10.22 -4.05 58.32
CA ILE D 303 11.52 -4.64 58.64
C ILE D 303 11.85 -4.44 60.11
N ALA D 304 11.67 -3.22 60.61
CA ALA D 304 11.98 -2.93 62.01
C ALA D 304 11.11 -3.76 62.95
N ARG D 305 9.86 -3.95 62.56
CA ARG D 305 8.93 -4.71 63.36
C ARG D 305 9.24 -6.18 63.28
N GLY D 306 9.57 -6.63 62.09
CA GLY D 306 9.95 -8.01 61.88
C GLY D 306 8.80 -8.91 61.52
N GLU D 307 7.61 -8.36 61.39
CA GLU D 307 6.50 -9.17 60.95
C GLU D 307 5.47 -8.34 60.22
N LEU D 308 4.50 -8.98 59.60
CA LEU D 308 3.50 -8.26 58.87
C LEU D 308 2.62 -7.49 59.83
N GLY D 309 1.91 -8.24 60.65
CA GLY D 309 0.91 -7.70 61.55
C GLY D 309 -0.24 -8.67 61.68
N ASP D 317 -1.43 -3.15 43.11
CA ASP D 317 -2.71 -3.82 42.96
C ASP D 317 -3.09 -3.96 41.49
N ALA D 318 -3.83 -2.97 40.97
CA ALA D 318 -4.29 -3.02 39.59
C ALA D 318 -3.13 -3.04 38.61
N HIS D 319 -2.09 -2.26 38.88
CA HIS D 319 -0.94 -2.21 37.97
C HIS D 319 -0.23 -3.55 37.92
N ALA D 320 0.00 -4.17 39.08
CA ALA D 320 0.70 -5.45 39.11
C ALA D 320 -0.18 -6.58 38.60
N GLU D 321 -1.49 -6.53 38.88
CA GLU D 321 -2.37 -7.63 38.53
C GLU D 321 -2.51 -7.80 37.03
N ILE D 324 0.43 -9.82 35.68
CA ILE D 324 0.28 -11.18 36.17
C ILE D 324 -0.78 -11.93 35.37
N LYS D 325 -1.90 -11.27 35.08
CA LYS D 325 -2.94 -11.91 34.27
C LYS D 325 -2.53 -12.00 32.81
N VAL D 326 -1.69 -11.07 32.33
CA VAL D 326 -1.11 -11.23 31.00
C VAL D 326 -0.23 -12.47 30.96
N ALA D 327 0.59 -12.66 32.00
CA ALA D 327 1.38 -13.89 32.10
C ALA D 327 0.47 -15.11 32.26
N GLU D 328 -0.69 -14.95 32.90
CA GLU D 328 -1.64 -16.05 33.02
C GLU D 328 -2.17 -16.45 31.65
N ALA D 329 -2.59 -15.47 30.84
CA ALA D 329 -3.13 -15.77 29.53
C ALA D 329 -2.09 -16.42 28.62
N ILE D 330 -0.81 -16.06 28.79
CA ILE D 330 0.24 -16.65 27.97
C ILE D 330 0.53 -18.07 28.44
N ALA D 331 0.68 -18.26 29.75
CA ALA D 331 1.11 -19.55 30.28
C ALA D 331 0.06 -20.64 30.05
N TYR D 332 -1.22 -20.27 30.05
CA TYR D 332 -2.30 -21.25 29.92
C TYR D 332 -3.03 -21.15 28.59
N ASN D 333 -2.49 -20.39 27.63
CA ASN D 333 -3.05 -20.28 26.28
C ASN D 333 -4.53 -19.90 26.34
N LYS D 334 -4.84 -18.84 27.09
CA LYS D 334 -6.23 -18.47 27.31
C LYS D 334 -6.86 -17.86 26.08
N ASN D 335 -6.07 -17.18 25.25
CA ASN D 335 -6.57 -16.45 24.07
C ASN D 335 -7.60 -15.40 24.47
N THR D 336 -7.44 -14.79 25.63
CA THR D 336 -8.31 -13.70 26.05
C THR D 336 -7.79 -12.38 25.48
N ARG D 337 -8.63 -11.35 25.56
CA ARG D 337 -8.37 -10.10 24.87
C ARG D 337 -7.68 -9.09 25.79
N PHE D 338 -6.56 -8.54 25.31
CA PHE D 338 -5.86 -7.46 25.96
C PHE D 338 -5.50 -6.40 24.92
N ILE D 339 -5.13 -5.22 25.40
CA ILE D 339 -4.65 -4.14 24.55
C ILE D 339 -3.15 -4.02 24.76
N VAL D 340 -2.37 -4.48 23.77
CA VAL D 340 -0.92 -4.55 23.88
C VAL D 340 -0.28 -3.95 22.63
N ILE D 341 1.04 -3.82 22.68
CA ILE D 341 1.81 -3.21 21.60
C ILE D 341 2.31 -4.31 20.67
N VAL D 342 2.02 -4.16 19.37
CA VAL D 342 2.38 -5.15 18.37
C VAL D 342 2.85 -4.45 17.10
N LYS D 343 3.55 -5.20 16.26
CA LYS D 343 3.91 -4.70 14.94
C LYS D 343 2.66 -4.62 14.07
N ASN D 344 2.52 -3.52 13.33
CA ASN D 344 1.33 -3.27 12.55
C ASN D 344 1.10 -4.33 11.48
N GLU D 345 1.90 -4.28 10.41
CA GLU D 345 1.81 -5.21 9.28
C GLU D 345 0.36 -5.38 8.82
N GLY D 346 -0.27 -4.25 8.47
CA GLY D 346 -1.58 -4.25 7.87
C GLY D 346 -2.74 -4.16 8.84
N ALA D 347 -2.51 -4.34 10.15
CA ALA D 347 -3.59 -4.25 11.12
C ALA D 347 -4.24 -2.87 11.08
N ILE D 348 -3.43 -1.82 10.98
CA ILE D 348 -3.90 -0.49 10.62
C ILE D 348 -3.50 -0.29 9.16
N ALA D 349 -4.48 -0.42 8.26
CA ALA D 349 -4.17 -0.68 6.86
C ALA D 349 -3.43 0.47 6.18
N ASN D 350 -3.72 1.71 6.56
CA ASN D 350 -3.11 2.86 5.90
C ASN D 350 -1.93 3.43 6.68
N GLN D 352 2.26 2.40 7.94
CA GLN D 352 3.36 1.58 7.43
C GLN D 352 3.42 0.25 8.18
N ASP D 353 4.08 -0.72 7.54
CA ASP D 353 4.09 -2.09 8.07
C ASP D 353 4.89 -2.21 9.36
N ASP D 354 6.05 -1.53 9.44
CA ASP D 354 6.97 -1.72 10.54
C ASP D 354 6.69 -0.79 11.73
N ALA D 355 5.50 -0.20 11.79
CA ALA D 355 5.17 0.68 12.91
C ALA D 355 4.66 -0.14 14.08
N VAL D 357 2.26 -0.40 17.00
CA VAL D 357 0.96 0.19 17.34
C VAL D 357 0.38 -0.54 18.55
N GLU D 358 -0.73 -0.01 19.06
CA GLU D 358 -1.42 -0.53 20.23
C GLU D 358 -2.83 -0.96 19.80
N LEU D 359 -3.14 -2.23 19.98
CA LEU D 359 -4.39 -2.79 19.49
C LEU D 359 -4.92 -3.84 20.45
N VAL D 360 -6.19 -4.20 20.26
CA VAL D 360 -6.80 -5.31 20.98
C VAL D 360 -6.34 -6.62 20.33
N CYS D 361 -5.82 -7.53 21.15
CA CYS D 361 -5.30 -8.79 20.66
C CYS D 361 -5.75 -9.93 21.56
N GLU D 362 -5.86 -11.13 20.99
CA GLU D 362 -5.94 -12.34 21.77
C GLU D 362 -4.54 -12.77 22.17
N LEU D 363 -4.38 -13.18 23.43
CA LEU D 363 -3.04 -13.52 23.91
C LEU D 363 -3.03 -14.96 24.38
N GLY D 364 -2.13 -15.72 23.76
CA GLY D 364 -1.92 -17.11 24.10
C GLY D 364 -0.45 -17.44 24.25
N ILE D 365 -0.11 -18.73 24.22
CA ILE D 365 1.28 -19.14 24.38
C ILE D 365 2.12 -18.67 23.20
N ASN D 366 1.49 -18.48 22.04
CA ASN D 366 2.20 -18.08 20.83
C ASN D 366 2.23 -16.57 20.62
N GLY D 367 1.95 -15.80 21.67
CA GLY D 367 2.01 -14.36 21.59
C GLY D 367 0.67 -13.74 21.23
N PRO D 368 0.68 -12.44 20.95
CA PRO D 368 -0.57 -11.75 20.64
C PRO D 368 -1.05 -12.04 19.22
N ARG D 369 -2.38 -12.03 19.08
CA ARG D 369 -3.06 -12.23 17.81
C ARG D 369 -3.86 -10.96 17.54
N ARG D 370 -3.23 -9.99 16.88
CA ARG D 370 -3.86 -8.69 16.69
C ARG D 370 -5.05 -8.78 15.75
N ALA D 372 -7.66 -6.79 13.03
CA ALA D 372 -7.60 -5.69 12.07
C ALA D 372 -8.59 -4.58 12.43
N VAL D 373 -8.16 -3.34 12.25
CA VAL D 373 -9.03 -2.19 12.40
C VAL D 373 -9.36 -1.52 11.07
N GLY D 374 -8.53 -1.69 10.05
CA GLY D 374 -8.78 -1.09 8.76
C GLY D 374 -8.10 0.25 8.62
N ASN D 375 -8.60 1.03 7.64
CA ASN D 375 -8.12 2.38 7.41
C ASN D 375 -8.71 3.32 8.45
N ILE D 376 -7.85 4.02 9.17
CA ILE D 376 -8.29 4.95 10.22
C ILE D 376 -8.60 6.30 9.57
N PRO D 377 -9.45 7.13 10.18
CA PRO D 377 -9.81 8.41 9.56
C PRO D 377 -8.59 9.31 9.34
N GLN D 378 -8.77 10.29 8.45
CA GLN D 378 -7.65 11.12 8.00
C GLN D 378 -7.09 11.96 9.14
N PHE D 379 -7.95 12.45 10.04
CA PHE D 379 -7.48 13.29 11.13
C PHE D 379 -6.54 12.52 12.06
N TYR D 380 -6.93 11.30 12.43
CA TYR D 380 -6.10 10.51 13.34
C TYR D 380 -4.88 9.94 12.63
N LEU D 381 -4.98 9.71 11.32
CA LEU D 381 -3.81 9.26 10.56
C LEU D 381 -2.72 10.32 10.56
N GLY D 382 -3.10 11.59 10.42
CA GLY D 382 -2.10 12.64 10.43
C GLY D 382 -1.40 12.77 11.78
N LEU D 383 -2.15 12.55 12.87
CA LEU D 383 -1.55 12.66 14.19
C LEU D 383 -0.59 11.52 14.46
N LEU D 384 -1.00 10.29 14.16
CA LEU D 384 -0.19 9.13 14.51
C LEU D 384 1.01 8.94 13.59
N VAL D 385 0.88 9.30 12.31
CA VAL D 385 2.02 9.23 11.40
C VAL D 385 3.07 10.25 11.81
N GLN D 386 2.64 11.42 12.27
CA GLN D 386 3.59 12.42 12.77
C GLN D 386 4.34 11.88 13.99
N GLN D 387 3.63 11.22 14.90
CA GLN D 387 4.27 10.74 16.13
C GLN D 387 5.17 9.55 15.86
N VAL D 388 4.69 8.59 15.06
CA VAL D 388 5.49 7.39 14.81
C VAL D 388 6.72 7.73 13.99
N SER D 389 6.66 8.77 13.15
CA SER D 389 7.85 9.21 12.45
C SER D 389 8.84 9.85 13.40
N SER D 390 8.35 10.59 14.40
CA SER D 390 9.23 11.16 15.40
C SER D 390 9.90 10.08 16.23
N GLU D 391 9.16 9.02 16.56
CA GLU D 391 9.73 7.94 17.36
C GLU D 391 10.74 7.14 16.56
N LYS D 392 10.48 6.91 15.27
CA LYS D 392 11.42 6.17 14.44
C LYS D 392 12.69 6.96 14.17
N LEU D 393 12.58 8.28 14.04
CA LEU D 393 13.77 9.11 13.87
C LEU D 393 14.62 9.12 15.13
N LEU D 394 13.99 8.99 16.30
CA LEU D 394 14.75 8.99 17.55
C LEU D 394 15.60 7.73 17.67
N VAL D 395 14.99 6.56 17.40
CA VAL D 395 15.75 5.32 17.42
C VAL D 395 16.75 5.30 16.26
N ASP D 396 16.48 6.04 15.18
CA ASP D 396 17.48 6.21 14.14
C ASP D 396 18.74 6.87 14.70
N ALA D 397 18.57 7.86 15.57
CA ALA D 397 19.72 8.52 16.20
C ALA D 397 20.48 7.58 17.12
N TYR D 398 19.79 6.59 17.70
CA TYR D 398 20.47 5.63 18.58
C TYR D 398 21.38 4.71 17.80
N TYR D 399 20.91 4.19 16.66
CA TYR D 399 21.70 3.23 15.89
C TYR D 399 22.78 3.90 15.07
N GLU D 400 22.48 5.05 14.49
CA GLU D 400 23.42 5.74 13.61
C GLU D 400 24.32 6.73 14.34
N HIS D 401 24.13 6.89 15.65
CA HIS D 401 24.90 7.85 16.44
C HIS D 401 24.81 9.25 15.82
N SER D 402 23.59 9.63 15.45
CA SER D 402 23.34 10.79 14.60
C SER D 402 22.71 11.91 15.41
N TYR D 403 23.39 13.05 15.48
CA TYR D 403 22.77 14.26 16.03
C TYR D 403 21.67 14.76 15.12
N GLN D 404 21.86 14.63 13.80
CA GLN D 404 20.86 15.12 12.85
C GLN D 404 19.54 14.39 12.98
N LYS D 405 19.60 13.06 13.15
CA LYS D 405 18.38 12.29 13.33
C LYS D 405 17.66 12.69 14.62
N ALA D 406 18.42 12.99 15.67
CA ALA D 406 17.81 13.43 16.91
C ALA D 406 17.16 14.79 16.77
N LEU D 407 17.80 15.72 16.04
CA LEU D 407 17.21 17.03 15.83
C LEU D 407 15.93 16.94 15.01
N GLU D 408 15.91 16.06 14.00
CA GLU D 408 14.70 15.89 13.20
C GLU D 408 13.57 15.29 14.03
N ALA D 409 13.90 14.31 14.89
CA ALA D 409 12.87 13.74 15.76
C ALA D 409 12.31 14.78 16.72
N PHE D 410 13.17 15.63 17.26
CA PHE D 410 12.71 16.68 18.17
C PHE D 410 11.91 17.74 17.43
N THR D 411 12.36 18.11 16.22
CA THR D 411 11.66 19.14 15.45
C THR D 411 10.27 18.67 15.05
N LEU D 412 10.18 17.44 14.56
CA LEU D 412 8.93 16.91 14.08
C LEU D 412 7.88 16.78 15.18
N ASN D 413 8.32 16.43 16.38
CA ASN D 413 7.41 16.09 17.45
C ASN D 413 6.48 17.24 17.77
N ARG D 414 5.23 16.90 18.01
CA ARG D 414 4.17 17.86 18.23
C ARG D 414 4.38 18.69 19.47
N LEU D 415 4.92 18.08 20.51
CA LEU D 415 5.19 18.75 21.77
C LEU D 415 6.35 19.74 21.71
N ILE D 416 7.15 19.69 20.65
CA ILE D 416 8.20 20.68 20.46
C ILE D 416 7.92 21.60 19.29
N ASN D 417 7.93 21.06 18.08
CA ASN D 417 7.34 21.69 16.91
C ASN D 417 8.15 22.81 16.26
N ASP D 418 9.33 23.10 16.77
CA ASP D 418 10.15 24.16 16.22
C ASP D 418 11.61 23.71 16.17
N ALA D 419 12.28 23.92 15.05
CA ALA D 419 13.66 23.49 14.92
C ALA D 419 14.60 24.20 15.87
N LYS D 420 14.44 25.50 16.01
CA LYS D 420 15.29 26.29 16.89
C LYS D 420 15.14 25.89 18.35
N LYS D 421 13.91 25.69 18.78
CA LYS D 421 13.65 25.18 20.12
C LYS D 421 14.12 23.74 20.26
N ALA D 422 14.00 22.94 19.19
CA ALA D 422 14.46 21.55 19.24
C ALA D 422 15.95 21.47 19.51
N ARG D 423 16.74 22.29 18.81
CA ARG D 423 18.18 22.31 19.05
C ARG D 423 18.51 22.82 20.44
N GLU D 424 17.75 23.81 20.93
CA GLU D 424 17.99 24.35 22.27
C GLU D 424 17.75 23.28 23.33
N ILE D 425 16.68 22.50 23.18
CA ILE D 425 16.38 21.46 24.17
C ILE D 425 17.33 20.28 23.99
N LEU D 426 17.57 19.88 22.74
CA LEU D 426 18.43 18.72 22.49
C LEU D 426 19.85 18.95 23.03
N ASP D 427 20.39 20.16 22.84
CA ASP D 427 21.74 20.45 23.32
C ASP D 427 21.80 20.43 24.85
N ALA D 428 20.76 20.94 25.51
CA ALA D 428 20.75 20.97 26.97
C ALA D 428 20.60 19.57 27.57
N ILE D 430 21.71 16.65 25.97
CA ILE D 430 22.94 15.92 25.71
C ILE D 430 23.91 16.12 26.86
N GLU D 431 23.98 17.35 27.38
CA GLU D 431 24.89 17.65 28.49
C GLU D 431 24.46 16.94 29.76
N VAL D 432 23.16 16.96 30.07
CA VAL D 432 22.68 16.39 31.32
C VAL D 432 22.65 14.86 31.29
N ASN D 433 22.59 14.26 30.10
CA ASN D 433 22.52 12.80 29.96
C ASN D 433 23.87 12.19 29.63
N LYS D 434 24.96 12.87 29.93
CA LYS D 434 26.29 12.38 29.58
C LYS D 434 26.55 11.02 30.25
N GLY D 435 26.99 10.06 29.44
CA GLY D 435 27.28 8.73 29.92
C GLY D 435 26.09 7.78 29.98
N TRP D 437 23.50 8.15 27.38
CA TRP D 437 22.97 8.26 26.04
C TRP D 437 23.92 7.62 25.05
N PRO D 438 23.44 7.30 23.84
CA PRO D 438 24.37 7.03 22.75
C PRO D 438 25.06 8.31 22.34
N GLU D 439 26.31 8.18 21.90
CA GLU D 439 27.04 9.32 21.39
C GLU D 439 26.37 9.82 20.12
N LEU D 440 26.18 11.14 20.02
CA LEU D 440 25.45 11.75 18.91
C LEU D 440 26.36 12.75 18.22
N LYS D 441 26.82 12.40 17.01
CA LYS D 441 27.60 13.33 16.19
C LYS D 441 26.82 13.72 14.95
#